data_5OCS
#
_entry.id   5OCS
#
_cell.length_a   77.970
_cell.length_b   95.040
_cell.length_c   208.680
_cell.angle_alpha   90.000
_cell.angle_beta   90.000
_cell.angle_gamma   90.000
#
_symmetry.space_group_name_H-M   'P 21 21 21'
#
loop_
_entity.id
_entity.type
_entity.pdbx_description
1 polymer 'Putative NADH-depentdent flavin oxidoreductase'
2 non-polymer 'FLAVIN MONONUCLEOTIDE'
3 non-polymer 'ACETATE ION'
4 non-polymer 'CITRIC ACID'
5 water water
#
_entity_poly.entity_id   1
_entity_poly.type   'polypeptide(L)'
_entity_poly.pdbx_seq_one_letter_code
;MPHLFDPYRIGNLELANRIAIAPMCQYSAQEGNATDWHMIHLGQMALSGAGLLIIEATAVSPEGRITPTDLGLYNDANEA
ALGRVLGAVRNHSPIAVTIQLAHAGRKASSEAPWDGGGQIRPDQPRGWQTFAPSAVPHAAGEVPPAALDKAGMKKIRDDF
VAAAKRAARLGIEGIEVHGAHGYLLHQFLSPIANHRTDEYGGSLENRMRFPLEVFDAVREAFPAERPVWMRVSATDWVPN
GWDIEGTIALSHELKARGSAAVHVSTGGVSPQQAIKIGPGYQVPYAQRVKAEVGLPTMAVGLITEAEQAEAIIANNEADI
ISIARAMLYDPRWPWHAAAKLGASVNAPKQYWRSQPRGLEKLFKDAHFGQR
;
_entity_poly.pdbx_strand_id   A,B,C,D
#
loop_
_chem_comp.id
_chem_comp.type
_chem_comp.name
_chem_comp.formula
ACT non-polymer 'ACETATE ION' 'C2 H3 O2 -1'
CIT non-polymer 'CITRIC ACID' 'C6 H8 O7'
FMN non-polymer 'FLAVIN MONONUCLEOTIDE' 'C17 H21 N4 O9 P'
#
# COMPACT_ATOMS: atom_id res chain seq x y z
N MET A 1 3.32 -7.37 -29.02
CA MET A 1 1.96 -7.40 -28.39
C MET A 1 1.80 -6.27 -27.35
N PRO A 2 1.53 -5.07 -27.85
CA PRO A 2 1.44 -3.93 -26.95
C PRO A 2 0.12 -3.96 -26.12
N HIS A 3 0.20 -3.47 -24.89
CA HIS A 3 -0.91 -3.45 -23.91
C HIS A 3 -1.01 -2.10 -23.22
N LEU A 4 -2.23 -1.76 -22.83
CA LEU A 4 -2.44 -0.50 -22.12
C LEU A 4 -1.50 -0.25 -20.94
N PHE A 5 -1.24 -1.28 -20.13
CA PHE A 5 -0.38 -1.12 -18.98
C PHE A 5 1.07 -1.49 -19.19
N ASP A 6 1.52 -1.57 -20.45
CA ASP A 6 2.97 -1.55 -20.71
C ASP A 6 3.58 -0.22 -20.22
N PRO A 7 4.75 -0.29 -19.58
CA PRO A 7 5.56 0.91 -19.48
C PRO A 7 5.90 1.44 -20.87
N TYR A 8 5.99 2.75 -21.00
CA TYR A 8 6.24 3.36 -22.29
C TYR A 8 7.12 4.58 -22.06
N ARG A 9 7.43 5.31 -23.10
CA ARG A 9 8.38 6.36 -23.05
C ARG A 9 8.08 7.35 -24.18
N ILE A 10 8.25 8.63 -23.90
CA ILE A 10 8.24 9.65 -24.96
C ILE A 10 9.51 10.42 -24.80
N GLY A 11 10.33 10.46 -25.86
CA GLY A 11 11.67 10.98 -25.70
C GLY A 11 12.38 10.21 -24.63
N ASN A 12 13.01 10.89 -23.68
CA ASN A 12 13.67 10.24 -22.55
C ASN A 12 12.79 10.06 -21.34
N LEU A 13 11.50 10.44 -21.41
CA LEU A 13 10.63 10.42 -20.26
C LEU A 13 9.90 9.07 -20.16
N GLU A 14 10.26 8.27 -19.14
CA GLU A 14 9.67 6.95 -18.91
C GLU A 14 8.28 7.15 -18.37
N LEU A 15 7.31 6.37 -18.84
CA LEU A 15 5.90 6.48 -18.37
C LEU A 15 5.50 5.14 -17.81
N ALA A 16 4.82 5.16 -16.68
CA ALA A 16 4.48 3.94 -15.99
C ALA A 16 3.52 3.06 -16.78
N ASN A 17 2.73 3.68 -17.66
CA ASN A 17 1.80 2.97 -18.51
C ASN A 17 1.44 3.85 -19.69
N ARG A 18 0.46 3.45 -20.51
CA ARG A 18 0.15 4.21 -21.71
C ARG A 18 -1.02 5.18 -21.52
N ILE A 19 -1.44 5.40 -20.27
CA ILE A 19 -2.60 6.23 -19.99
C ILE A 19 -2.11 7.66 -19.67
N ALA A 20 -2.66 8.63 -20.41
CA ALA A 20 -2.42 10.07 -20.20
C ALA A 20 -3.71 10.75 -19.83
N ILE A 21 -3.60 11.66 -18.86
CA ILE A 21 -4.67 12.55 -18.50
C ILE A 21 -4.54 13.77 -19.39
N ALA A 22 -5.50 13.91 -20.28
CA ALA A 22 -5.48 14.96 -21.27
C ALA A 22 -5.59 16.34 -20.62
N PRO A 23 -5.05 17.38 -21.25
CA PRO A 23 -5.19 18.72 -20.70
C PRO A 23 -6.66 19.12 -20.58
N MET A 24 -7.05 19.64 -19.43
CA MET A 24 -8.41 20.10 -19.20
C MET A 24 -8.41 21.42 -18.48
N CYS A 25 -8.72 22.48 -19.22
CA CYS A 25 -9.00 23.81 -18.64
C CYS A 25 -9.96 23.73 -17.48
N GLN A 26 -9.56 24.38 -16.41
CA GLN A 26 -10.40 24.53 -15.21
C GLN A 26 -11.03 25.91 -15.07
N TYR A 27 -10.52 26.93 -15.79
CA TYR A 27 -11.00 28.29 -15.72
C TYR A 27 -11.13 28.75 -14.26
N SER A 28 -10.17 28.36 -13.44
CA SER A 28 -10.18 28.65 -12.03
C SER A 28 -8.94 29.37 -11.52
N ALA A 29 -8.18 30.00 -12.41
CA ALA A 29 -7.04 30.83 -12.00
C ALA A 29 -7.47 32.28 -11.84
N GLN A 30 -6.58 33.05 -11.23
CA GLN A 30 -6.82 34.50 -11.00
C GLN A 30 -5.58 35.22 -11.50
N GLU A 31 -5.76 36.04 -12.55
CA GLU A 31 -4.66 36.76 -13.18
C GLU A 31 -3.59 35.75 -13.55
N GLY A 32 -4.01 34.58 -14.07
CA GLY A 32 -3.07 33.53 -14.49
C GLY A 32 -2.52 32.67 -13.35
N ASN A 33 -2.72 33.09 -12.12
CA ASN A 33 -2.25 32.32 -10.97
C ASN A 33 -3.10 31.10 -10.60
N ALA A 34 -2.43 29.95 -10.47
CA ALA A 34 -3.04 28.75 -9.89
C ALA A 34 -3.61 29.08 -8.50
N THR A 35 -4.72 28.44 -8.16
CA THR A 35 -5.39 28.65 -6.90
C THR A 35 -5.52 27.34 -6.16
N ASP A 36 -6.13 27.38 -4.98
CA ASP A 36 -6.41 26.18 -4.22
C ASP A 36 -7.12 25.14 -5.09
N TRP A 37 -7.94 25.58 -6.04
CA TRP A 37 -8.62 24.64 -6.92
C TRP A 37 -7.61 23.74 -7.61
N HIS A 38 -6.56 24.33 -8.14
CA HIS A 38 -5.54 23.56 -8.83
C HIS A 38 -4.85 22.55 -7.92
N MET A 39 -4.65 22.88 -6.65
CA MET A 39 -4.09 21.89 -5.75
C MET A 39 -5.03 20.69 -5.57
N ILE A 40 -6.31 20.97 -5.40
CA ILE A 40 -7.28 19.88 -5.23
C ILE A 40 -7.40 19.02 -6.49
N HIS A 41 -7.50 19.71 -7.62
CA HIS A 41 -7.74 19.06 -8.88
C HIS A 41 -6.54 18.33 -9.42
N LEU A 42 -5.40 19.03 -9.55
CA LEU A 42 -4.22 18.33 -10.02
C LEU A 42 -3.72 17.29 -9.01
N GLY A 43 -3.89 17.59 -7.73
CA GLY A 43 -3.50 16.65 -6.67
C GLY A 43 -4.27 15.36 -6.85
N GLN A 44 -5.59 15.45 -7.04
CA GLN A 44 -6.34 14.23 -7.21
C GLN A 44 -6.01 13.51 -8.53
N MET A 45 -5.84 14.23 -9.62
CA MET A 45 -5.45 13.65 -10.91
C MET A 45 -4.16 12.83 -10.76
N ALA A 46 -3.25 13.34 -9.96
CA ALA A 46 -1.95 12.73 -9.76
C ALA A 46 -1.97 11.43 -8.96
N LEU A 47 -3.07 11.19 -8.25
CA LEU A 47 -3.26 9.98 -7.47
C LEU A 47 -3.82 8.82 -8.27
N SER A 48 -4.13 9.11 -9.52
CA SER A 48 -4.96 8.23 -10.34
C SER A 48 -4.24 6.97 -10.84
N GLY A 49 -2.91 6.92 -10.77
CA GLY A 49 -2.16 5.82 -11.35
C GLY A 49 -1.92 5.94 -12.84
N ALA A 50 -2.37 7.02 -13.48
CA ALA A 50 -2.02 7.26 -14.90
C ALA A 50 -0.50 7.46 -15.00
N GLY A 51 0.07 7.11 -16.15
CA GLY A 51 1.47 7.39 -16.41
C GLY A 51 1.82 8.86 -16.58
N LEU A 52 0.90 9.61 -17.17
CA LEU A 52 1.20 10.95 -17.67
C LEU A 52 0.07 11.91 -17.34
N LEU A 53 0.43 13.07 -16.80
CA LEU A 53 -0.51 14.16 -16.58
C LEU A 53 -0.11 15.32 -17.47
N ILE A 54 -1.05 15.82 -18.26
CA ILE A 54 -0.83 17.04 -19.06
C ILE A 54 -1.67 18.15 -18.45
N ILE A 55 -0.99 19.11 -17.82
CA ILE A 55 -1.70 20.28 -17.28
C ILE A 55 -2.43 21.04 -18.40
N GLU A 56 -3.62 21.54 -18.06
CA GLU A 56 -4.43 22.38 -18.94
C GLU A 56 -3.71 23.43 -19.74
N ALA A 57 -4.38 23.87 -20.82
CA ALA A 57 -3.91 25.00 -21.63
C ALA A 57 -3.44 26.15 -20.77
N THR A 58 -2.14 26.44 -20.79
CA THR A 58 -1.56 27.42 -19.87
C THR A 58 -1.07 28.58 -20.77
N ALA A 59 -1.62 29.74 -20.54
CA ALA A 59 -1.44 30.86 -21.45
C ALA A 59 -0.02 31.41 -21.41
N VAL A 60 0.52 31.71 -22.59
CA VAL A 60 1.86 32.30 -22.67
C VAL A 60 1.89 33.80 -22.45
N SER A 61 0.73 34.44 -22.40
CA SER A 61 0.60 35.86 -22.20
C SER A 61 -0.86 36.09 -21.79
N PRO A 62 -1.14 37.24 -21.14
CA PRO A 62 -2.52 37.54 -20.75
C PRO A 62 -3.45 37.56 -21.93
N GLU A 63 -3.00 38.14 -23.04
CA GLU A 63 -3.90 38.24 -24.21
C GLU A 63 -4.14 36.87 -24.88
N GLY A 64 -3.28 35.87 -24.62
CA GLY A 64 -3.45 34.50 -25.14
C GLY A 64 -4.35 33.60 -24.33
N ARG A 65 -4.86 34.05 -23.19
CA ARG A 65 -5.80 33.25 -22.40
C ARG A 65 -7.08 33.04 -23.22
N ILE A 66 -7.69 31.87 -23.06
CA ILE A 66 -9.05 31.66 -23.61
C ILE A 66 -10.07 32.56 -22.87
N THR A 67 -9.92 32.59 -21.55
CA THR A 67 -10.86 33.27 -20.67
C THR A 67 -10.11 34.02 -19.60
N PRO A 68 -10.79 34.97 -18.94
CA PRO A 68 -10.08 35.70 -17.90
C PRO A 68 -9.58 34.82 -16.74
N THR A 69 -10.08 33.60 -16.56
CA THR A 69 -9.66 32.77 -15.42
C THR A 69 -8.83 31.55 -15.88
N ASP A 70 -8.25 31.61 -17.07
CA ASP A 70 -7.31 30.58 -17.50
C ASP A 70 -6.01 30.62 -16.67
N LEU A 71 -5.43 29.44 -16.50
CA LEU A 71 -4.11 29.32 -15.99
C LEU A 71 -3.10 29.95 -16.92
N GLY A 72 -2.09 30.62 -16.33
CA GLY A 72 -1.03 31.27 -17.12
C GLY A 72 0.33 30.90 -16.59
N LEU A 73 1.34 31.14 -17.39
CA LEU A 73 2.73 31.04 -16.92
C LEU A 73 3.53 32.16 -17.58
N TYR A 74 3.05 33.37 -17.34
CA TYR A 74 3.50 34.56 -18.05
C TYR A 74 4.12 35.62 -17.19
N ASN A 75 4.27 35.31 -15.92
CA ASN A 75 5.00 36.17 -14.98
C ASN A 75 5.48 35.39 -13.76
N ASP A 76 6.17 36.07 -12.86
CA ASP A 76 6.71 35.42 -11.67
C ASP A 76 5.63 34.93 -10.69
N ALA A 77 4.57 35.69 -10.49
CA ALA A 77 3.46 35.24 -9.65
C ALA A 77 2.89 33.93 -10.19
N ASN A 78 2.74 33.84 -11.49
CA ASN A 78 2.16 32.60 -12.11
C ASN A 78 3.06 31.45 -11.82
N GLU A 79 4.36 31.65 -11.95
CA GLU A 79 5.29 30.60 -11.74
C GLU A 79 5.30 30.16 -10.28
N ALA A 80 5.26 31.11 -9.34
CA ALA A 80 5.28 30.76 -7.90
C ALA A 80 4.03 29.99 -7.50
N ALA A 81 2.88 30.42 -8.02
CA ALA A 81 1.61 29.78 -7.72
C ALA A 81 1.61 28.35 -8.27
N LEU A 82 2.01 28.17 -9.52
CA LEU A 82 2.05 26.85 -10.07
C LEU A 82 3.09 25.95 -9.30
N GLY A 83 4.25 26.49 -8.97
CA GLY A 83 5.18 25.72 -8.15
C GLY A 83 4.64 25.18 -6.84
N ARG A 84 3.78 25.95 -6.18
CA ARG A 84 3.19 25.47 -4.92
C ARG A 84 2.32 24.24 -5.20
N VAL A 85 1.54 24.31 -6.28
CA VAL A 85 0.70 23.20 -6.66
C VAL A 85 1.56 21.97 -6.99
N LEU A 86 2.59 22.17 -7.82
CA LEU A 86 3.43 21.08 -8.23
C LEU A 86 4.17 20.42 -7.05
N GLY A 87 4.53 21.21 -6.06
CA GLY A 87 5.20 20.64 -4.87
C GLY A 87 4.33 19.63 -4.15
N ALA A 88 3.05 19.95 -4.04
CA ALA A 88 2.07 19.04 -3.43
C ALA A 88 1.83 17.79 -4.25
N VAL A 89 1.66 17.95 -5.55
CA VAL A 89 1.60 16.83 -6.45
C VAL A 89 2.77 15.88 -6.32
N ARG A 90 3.98 16.41 -6.37
CA ARG A 90 5.18 15.60 -6.28
C ARG A 90 5.30 14.91 -4.92
N ASN A 91 4.76 15.53 -3.88
CA ASN A 91 4.78 14.95 -2.51
C ASN A 91 3.95 13.69 -2.41
N HIS A 92 3.04 13.48 -3.34
CA HIS A 92 2.07 12.39 -3.23
C HIS A 92 1.93 11.53 -4.47
N SER A 93 2.76 11.76 -5.50
CA SER A 93 2.65 10.99 -6.70
C SER A 93 3.95 10.94 -7.46
N PRO A 94 4.21 9.81 -8.12
CA PRO A 94 5.36 9.72 -9.05
C PRO A 94 4.95 9.99 -10.51
N ILE A 95 3.73 10.48 -10.74
CA ILE A 95 3.24 10.69 -12.09
C ILE A 95 4.21 11.62 -12.87
N ALA A 96 4.35 11.42 -14.18
CA ALA A 96 5.06 12.39 -15.03
C ALA A 96 4.16 13.60 -15.24
N VAL A 97 4.64 14.78 -14.92
CA VAL A 97 3.86 16.02 -15.02
C VAL A 97 4.38 16.83 -16.18
N THR A 98 3.50 17.08 -17.12
CA THR A 98 3.87 17.90 -18.27
C THR A 98 2.84 19.05 -18.38
N ILE A 99 3.08 20.01 -19.28
CA ILE A 99 2.19 21.17 -19.45
C ILE A 99 1.90 21.51 -20.89
N GLN A 100 0.68 21.86 -21.16
CA GLN A 100 0.31 22.36 -22.46
C GLN A 100 0.45 23.88 -22.43
N LEU A 101 1.31 24.39 -23.33
CA LEU A 101 1.46 25.83 -23.52
C LEU A 101 0.58 26.26 -24.66
N ALA A 102 -0.15 27.35 -24.43
CA ALA A 102 -1.25 27.77 -25.28
C ALA A 102 -1.33 29.28 -25.56
N HIS A 103 -1.99 29.58 -26.66
CA HIS A 103 -2.40 30.95 -27.00
C HIS A 103 -3.67 30.79 -27.82
N ALA A 104 -4.75 31.41 -27.37
CA ALA A 104 -6.07 31.22 -27.92
C ALA A 104 -6.35 31.99 -29.21
N GLY A 105 -5.49 32.96 -29.53
CA GLY A 105 -5.68 33.75 -30.74
C GLY A 105 -7.03 34.42 -30.69
N ARG A 106 -7.76 34.35 -31.78
CA ARG A 106 -9.06 35.03 -31.87
C ARG A 106 -10.12 34.47 -30.94
N LYS A 107 -9.88 33.27 -30.40
CA LYS A 107 -10.81 32.66 -29.47
C LYS A 107 -10.52 33.07 -28.04
N ALA A 108 -9.56 33.97 -27.82
CA ALA A 108 -9.32 34.55 -26.51
C ALA A 108 -10.47 35.47 -26.07
N SER A 109 -10.38 35.94 -24.85
CA SER A 109 -11.28 36.93 -24.28
C SER A 109 -12.69 36.40 -24.35
N SER A 110 -12.86 35.17 -23.86
CA SER A 110 -14.14 34.45 -23.77
C SER A 110 -14.56 34.22 -22.34
N GLU A 111 -15.87 34.02 -22.14
CA GLU A 111 -16.41 33.56 -20.87
C GLU A 111 -16.05 32.09 -20.65
N ALA A 112 -16.03 31.68 -19.38
CA ALA A 112 -15.92 30.27 -19.04
C ALA A 112 -17.16 29.49 -19.58
N PRO A 113 -17.02 28.19 -19.81
CA PRO A 113 -18.12 27.43 -20.38
C PRO A 113 -19.37 27.48 -19.57
N TRP A 114 -19.24 27.54 -18.25
CA TRP A 114 -20.46 27.58 -17.40
C TRP A 114 -21.19 28.90 -17.42
N ASP A 115 -20.50 29.93 -17.92
CA ASP A 115 -21.06 31.23 -18.21
C ASP A 115 -21.43 31.42 -19.68
N GLY A 116 -21.51 30.33 -20.45
CA GLY A 116 -21.99 30.35 -21.84
C GLY A 116 -20.91 30.50 -22.87
N GLY A 117 -19.68 30.78 -22.45
CA GLY A 117 -18.56 30.78 -23.39
C GLY A 117 -18.45 31.91 -24.39
N GLY A 118 -19.35 32.90 -24.28
CA GLY A 118 -19.42 33.99 -25.24
C GLY A 118 -18.17 34.88 -25.24
N GLN A 119 -17.92 35.51 -26.38
CA GLN A 119 -16.87 36.55 -26.45
C GLN A 119 -17.18 37.67 -25.44
N ILE A 120 -16.14 38.14 -24.77
CA ILE A 120 -16.14 39.35 -23.97
C ILE A 120 -15.46 40.39 -24.83
N ARG A 121 -16.16 41.45 -25.16
CA ARG A 121 -15.56 42.48 -26.03
C ARG A 121 -14.43 43.23 -25.34
N PRO A 122 -13.48 43.72 -26.14
CA PRO A 122 -12.39 44.47 -25.55
C PRO A 122 -12.85 45.65 -24.69
N ASP A 123 -14.01 46.24 -24.99
CA ASP A 123 -14.48 47.42 -24.23
C ASP A 123 -15.14 47.05 -22.89
N GLN A 124 -15.38 45.77 -22.68
CA GLN A 124 -16.07 45.29 -21.49
C GLN A 124 -15.03 45.06 -20.42
N PRO A 125 -15.44 45.14 -19.14
CA PRO A 125 -14.51 45.10 -18.04
C PRO A 125 -13.43 43.99 -18.07
N ARG A 126 -13.80 42.79 -18.39
CA ARG A 126 -12.85 41.66 -18.39
C ARG A 126 -12.28 41.31 -19.76
N GLY A 127 -12.72 42.04 -20.78
CA GLY A 127 -12.30 41.71 -22.14
C GLY A 127 -11.01 42.32 -22.60
N TRP A 128 -10.52 41.85 -23.74
CA TRP A 128 -9.32 42.38 -24.30
C TRP A 128 -9.24 42.21 -25.81
N GLN A 129 -8.36 43.03 -26.40
CA GLN A 129 -8.02 42.95 -27.84
C GLN A 129 -7.36 41.60 -28.15
N THR A 130 -7.81 40.92 -29.21
CA THR A 130 -7.29 39.61 -29.56
C THR A 130 -6.47 39.70 -30.86
N PHE A 131 -5.73 38.64 -31.13
CA PHE A 131 -4.79 38.57 -32.25
C PHE A 131 -4.95 37.26 -32.96
N ALA A 132 -4.67 37.29 -34.25
CA ALA A 132 -4.84 36.13 -35.12
C ALA A 132 -4.08 36.33 -36.42
N PRO A 133 -3.95 35.27 -37.24
CA PRO A 133 -3.30 35.51 -38.54
C PRO A 133 -3.98 36.57 -39.41
N SER A 134 -5.33 36.59 -39.39
CA SER A 134 -6.13 37.53 -40.17
C SER A 134 -7.18 38.15 -39.30
N ALA A 135 -7.65 39.33 -39.69
CA ALA A 135 -8.63 40.06 -38.94
C ALA A 135 -10.05 39.57 -39.24
N VAL A 136 -10.33 38.29 -39.01
CA VAL A 136 -11.59 37.69 -39.33
C VAL A 136 -12.05 36.96 -38.07
N PRO A 137 -13.32 37.14 -37.69
CA PRO A 137 -13.83 36.54 -36.45
C PRO A 137 -14.06 35.05 -36.53
N HIS A 138 -13.89 34.39 -35.39
CA HIS A 138 -14.28 33.00 -35.26
C HIS A 138 -15.74 32.75 -35.64
N ALA A 139 -16.65 33.61 -35.17
CA ALA A 139 -18.08 33.53 -35.53
C ALA A 139 -18.59 34.86 -36.00
N ALA A 140 -19.58 34.80 -36.89
CA ALA A 140 -20.27 35.98 -37.42
C ALA A 140 -20.73 36.93 -36.32
N GLY A 141 -20.41 38.21 -36.50
CA GLY A 141 -20.84 39.26 -35.59
C GLY A 141 -19.90 39.58 -34.42
N GLU A 142 -18.91 38.71 -34.18
CA GLU A 142 -18.00 38.92 -33.07
C GLU A 142 -17.04 40.04 -33.42
N VAL A 143 -16.49 40.63 -32.39
CA VAL A 143 -15.47 41.59 -32.53
C VAL A 143 -14.26 40.87 -33.13
N PRO A 144 -13.73 41.40 -34.23
CA PRO A 144 -12.65 40.63 -34.84
C PRO A 144 -11.30 40.83 -34.16
N PRO A 145 -10.42 39.86 -34.36
CA PRO A 145 -9.06 40.02 -33.89
C PRO A 145 -8.30 40.98 -34.82
N ALA A 146 -7.20 41.48 -34.32
CA ALA A 146 -6.24 42.16 -35.19
C ALA A 146 -5.34 41.17 -35.88
N ALA A 147 -5.00 41.45 -37.13
CA ALA A 147 -4.05 40.61 -37.84
C ALA A 147 -2.63 40.85 -37.34
N LEU A 148 -1.94 39.78 -37.02
CA LEU A 148 -0.61 39.87 -36.48
C LEU A 148 0.38 40.42 -37.48
N ASP A 149 1.28 41.27 -37.00
CA ASP A 149 2.41 41.75 -37.81
C ASP A 149 3.68 41.07 -37.34
N LYS A 150 4.79 41.45 -37.94
CA LYS A 150 6.05 40.79 -37.62
C LYS A 150 6.37 40.88 -36.11
N ALA A 151 6.22 42.06 -35.53
CA ALA A 151 6.51 42.21 -34.11
C ALA A 151 5.56 41.39 -33.27
N GLY A 152 4.29 41.33 -33.68
CA GLY A 152 3.28 40.56 -32.91
C GLY A 152 3.63 39.08 -32.93
N MET A 153 4.09 38.58 -34.07
CA MET A 153 4.46 37.19 -34.20
C MET A 153 5.71 36.91 -33.36
N LYS A 154 6.69 37.82 -33.40
CA LYS A 154 7.90 37.68 -32.57
C LYS A 154 7.57 37.68 -31.09
N LYS A 155 6.67 38.53 -30.66
CA LYS A 155 6.25 38.52 -29.25
C LYS A 155 5.73 37.14 -28.87
N ILE A 156 4.87 36.56 -29.71
CA ILE A 156 4.30 35.27 -29.38
C ILE A 156 5.38 34.21 -29.29
N ARG A 157 6.31 34.20 -30.24
CA ARG A 157 7.45 33.31 -30.16
C ARG A 157 8.22 33.50 -28.86
N ASP A 158 8.57 34.74 -28.56
CA ASP A 158 9.31 35.05 -27.32
C ASP A 158 8.54 34.67 -26.05
N ASP A 159 7.22 34.77 -26.11
CA ASP A 159 6.38 34.41 -24.96
C ASP A 159 6.33 32.92 -24.72
N PHE A 160 6.21 32.16 -25.81
CA PHE A 160 6.33 30.70 -25.71
C PHE A 160 7.71 30.31 -25.12
N VAL A 161 8.77 30.98 -25.58
CA VAL A 161 10.10 30.71 -25.02
C VAL A 161 10.17 31.00 -23.52
N ALA A 162 9.64 32.13 -23.11
CA ALA A 162 9.72 32.53 -21.73
C ALA A 162 8.92 31.54 -20.85
N ALA A 163 7.74 31.14 -21.33
CA ALA A 163 6.92 30.21 -20.56
C ALA A 163 7.60 28.84 -20.48
N ALA A 164 8.25 28.40 -21.55
CA ALA A 164 8.98 27.13 -21.58
C ALA A 164 10.11 27.14 -20.55
N LYS A 165 10.83 28.26 -20.51
CA LYS A 165 11.86 28.45 -19.49
C LYS A 165 11.35 28.37 -18.06
N ARG A 166 10.21 28.98 -17.79
CA ARG A 166 9.63 28.92 -16.47
C ARG A 166 9.22 27.49 -16.14
N ALA A 167 8.63 26.81 -17.12
CA ALA A 167 8.24 25.41 -16.92
C ALA A 167 9.46 24.54 -16.59
N ALA A 168 10.55 24.80 -17.29
CA ALA A 168 11.78 24.04 -17.04
C ALA A 168 12.26 24.23 -15.60
N ARG A 169 12.28 25.49 -15.16
CA ARG A 169 12.73 25.85 -13.83
C ARG A 169 11.85 25.24 -12.71
N LEU A 170 10.56 25.13 -13.00
CA LEU A 170 9.58 24.45 -12.16
C LEU A 170 9.70 22.92 -12.10
N GLY A 171 10.54 22.34 -12.92
CA GLY A 171 10.76 20.91 -12.94
C GLY A 171 9.72 20.18 -13.74
N ILE A 172 8.96 20.89 -14.55
CA ILE A 172 7.97 20.26 -15.41
C ILE A 172 8.71 19.41 -16.43
N GLU A 173 8.18 18.22 -16.69
CA GLU A 173 8.93 17.14 -17.39
C GLU A 173 8.75 17.12 -18.92
N GLY A 174 7.94 18.00 -19.46
CA GLY A 174 7.60 17.95 -20.89
C GLY A 174 6.63 19.08 -21.22
N ILE A 175 6.66 19.49 -22.49
CA ILE A 175 5.77 20.55 -22.97
C ILE A 175 5.01 19.99 -24.16
N GLU A 176 3.71 20.13 -24.08
CA GLU A 176 2.80 20.01 -25.22
C GLU A 176 2.48 21.40 -25.77
N VAL A 177 2.91 21.68 -27.00
CA VAL A 177 2.53 22.91 -27.67
C VAL A 177 1.11 22.73 -28.22
N HIS A 178 0.24 23.66 -27.85
CA HIS A 178 -1.16 23.59 -28.30
C HIS A 178 -1.28 24.11 -29.72
N GLY A 179 -1.45 23.19 -30.65
CA GLY A 179 -1.65 23.48 -32.05
C GLY A 179 -3.04 23.12 -32.53
N ALA A 180 -3.98 23.00 -31.61
CA ALA A 180 -5.28 22.41 -31.94
C ALA A 180 -6.47 23.28 -31.48
N HIS A 181 -7.66 22.78 -31.71
CA HIS A 181 -8.90 23.33 -31.13
C HIS A 181 -9.22 24.76 -31.49
N GLY A 182 -8.75 25.16 -32.65
CA GLY A 182 -9.11 26.46 -33.22
C GLY A 182 -8.42 27.65 -32.62
N TYR A 183 -7.40 27.40 -31.81
CA TYR A 183 -6.61 28.41 -31.15
C TYR A 183 -5.54 28.95 -32.08
N LEU A 184 -4.59 29.75 -31.57
CA LEU A 184 -3.75 30.56 -32.45
C LEU A 184 -3.03 29.77 -33.54
N LEU A 185 -2.34 28.70 -33.15
CA LEU A 185 -1.57 27.97 -34.14
C LEU A 185 -2.48 27.32 -35.16
N HIS A 186 -3.59 26.76 -34.71
CA HIS A 186 -4.57 26.17 -35.62
C HIS A 186 -5.15 27.23 -36.55
N GLN A 187 -5.32 28.44 -36.06
CA GLN A 187 -5.77 29.52 -36.92
C GLN A 187 -4.81 29.74 -38.11
N PHE A 188 -3.49 29.68 -37.87
CA PHE A 188 -2.52 29.77 -38.93
C PHE A 188 -2.59 28.55 -39.87
N LEU A 189 -2.79 27.35 -39.33
CA LEU A 189 -2.85 26.15 -40.14
C LEU A 189 -4.08 26.15 -41.06
N SER A 190 -5.24 26.56 -40.56
CA SER A 190 -6.48 26.41 -41.29
C SER A 190 -6.79 27.57 -42.24
N PRO A 191 -7.07 27.28 -43.50
CA PRO A 191 -7.56 28.36 -44.41
C PRO A 191 -8.89 29.02 -44.05
N ILE A 192 -9.65 28.41 -43.15
CA ILE A 192 -10.84 29.06 -42.62
C ILE A 192 -10.46 30.38 -41.91
N ALA A 193 -9.38 30.32 -41.11
CA ALA A 193 -8.97 31.47 -40.32
C ALA A 193 -7.84 32.28 -40.94
N ASN A 194 -7.02 31.63 -41.75
CA ASN A 194 -5.80 32.25 -42.26
C ASN A 194 -6.07 32.71 -43.66
N HIS A 195 -6.18 34.03 -43.81
CA HIS A 195 -6.43 34.66 -45.10
C HIS A 195 -5.25 35.52 -45.47
N ARG A 196 -4.08 35.27 -44.85
CA ARG A 196 -2.83 35.98 -45.14
C ARG A 196 -2.31 35.68 -46.53
N THR A 197 -1.74 36.73 -47.13
CA THR A 197 -1.12 36.64 -48.44
C THR A 197 0.37 36.90 -48.40
N ASP A 198 0.96 36.90 -47.22
CA ASP A 198 2.43 36.89 -47.10
C ASP A 198 2.92 35.44 -46.95
N GLU A 199 4.15 35.26 -46.49
CA GLU A 199 4.74 33.91 -46.37
C GLU A 199 4.12 33.03 -45.27
N TYR A 200 3.14 33.56 -44.54
CA TYR A 200 2.47 32.83 -43.43
C TYR A 200 1.05 32.46 -43.77
N GLY A 201 0.66 32.64 -45.02
CA GLY A 201 -0.62 32.15 -45.48
C GLY A 201 -0.61 31.68 -46.92
N GLY A 202 -1.74 31.07 -47.31
CA GLY A 202 -1.91 30.54 -48.66
C GLY A 202 -1.52 29.08 -48.72
N SER A 203 -0.30 28.81 -49.16
CA SER A 203 0.14 27.43 -49.33
C SER A 203 0.26 26.71 -47.99
N LEU A 204 0.17 25.40 -48.09
CA LEU A 204 0.40 24.52 -46.91
C LEU A 204 1.71 24.84 -46.18
N GLU A 205 2.81 24.98 -46.94
CA GLU A 205 4.11 25.28 -46.34
C GLU A 205 3.99 26.59 -45.59
N ASN A 206 3.36 27.58 -46.22
CA ASN A 206 3.23 28.88 -45.60
C ASN A 206 2.39 28.80 -44.31
N ARG A 207 1.30 28.04 -44.35
CA ARG A 207 0.42 27.93 -43.18
C ARG A 207 1.05 27.19 -42.03
N MET A 208 1.91 26.21 -42.30
CA MET A 208 2.60 25.49 -41.25
C MET A 208 3.76 26.30 -40.67
N ARG A 209 4.20 27.34 -41.39
CA ARG A 209 5.45 28.05 -41.09
C ARG A 209 5.51 28.62 -39.67
N PHE A 210 4.50 29.38 -39.27
CA PHE A 210 4.52 29.98 -37.92
C PHE A 210 4.34 28.95 -36.80
N PRO A 211 3.42 27.98 -36.95
CA PRO A 211 3.35 26.94 -35.92
C PRO A 211 4.64 26.19 -35.72
N LEU A 212 5.34 25.93 -36.82
CA LEU A 212 6.60 25.24 -36.74
C LEU A 212 7.71 26.12 -36.12
N GLU A 213 7.70 27.42 -36.36
CA GLU A 213 8.63 28.35 -35.71
C GLU A 213 8.42 28.35 -34.20
N VAL A 214 7.15 28.31 -33.79
CA VAL A 214 6.85 28.29 -32.37
C VAL A 214 7.34 26.97 -31.78
N PHE A 215 7.03 25.86 -32.44
CA PHE A 215 7.56 24.60 -32.02
C PHE A 215 9.09 24.66 -31.85
N ASP A 216 9.78 25.13 -32.87
CA ASP A 216 11.23 25.12 -32.82
C ASP A 216 11.70 25.98 -31.68
N ALA A 217 11.07 27.12 -31.46
CA ALA A 217 11.53 28.02 -30.41
C ALA A 217 11.38 27.36 -29.01
N VAL A 218 10.25 26.70 -28.79
CA VAL A 218 10.06 25.97 -27.52
C VAL A 218 11.08 24.84 -27.37
N ARG A 219 11.25 24.05 -28.43
CA ARG A 219 12.17 22.93 -28.40
C ARG A 219 13.62 23.42 -28.11
N GLU A 220 13.99 24.56 -28.66
CA GLU A 220 15.32 25.16 -28.39
C GLU A 220 15.40 25.63 -26.96
N ALA A 221 14.31 26.15 -26.42
CA ALA A 221 14.40 26.78 -25.09
C ALA A 221 14.29 25.77 -23.94
N PHE A 222 13.61 24.65 -24.17
CA PHE A 222 13.34 23.68 -23.10
C PHE A 222 14.52 22.70 -23.08
N PRO A 223 14.92 22.24 -21.89
CA PRO A 223 16.05 21.29 -21.80
C PRO A 223 15.96 20.15 -22.79
N ALA A 224 17.02 19.96 -23.58
CA ALA A 224 17.05 19.01 -24.69
C ALA A 224 16.58 17.62 -24.32
N GLU A 225 16.94 17.18 -23.12
CA GLU A 225 16.62 15.84 -22.69
C GLU A 225 15.16 15.64 -22.28
N ARG A 226 14.37 16.71 -22.15
CA ARG A 226 12.98 16.54 -21.79
C ARG A 226 12.15 16.66 -23.06
N PRO A 227 11.08 15.88 -23.20
CA PRO A 227 10.28 15.87 -24.45
C PRO A 227 9.43 17.15 -24.68
N VAL A 228 9.35 17.56 -25.94
CA VAL A 228 8.43 18.61 -26.40
C VAL A 228 7.69 18.04 -27.60
N TRP A 229 6.37 18.23 -27.65
CA TRP A 229 5.54 17.72 -28.72
C TRP A 229 4.45 18.73 -29.03
N MET A 230 3.52 18.36 -29.94
CA MET A 230 2.43 19.22 -30.31
C MET A 230 1.14 18.45 -30.26
N ARG A 231 0.08 19.12 -29.84
CA ARG A 231 -1.28 18.62 -30.04
C ARG A 231 -1.86 19.29 -31.29
N VAL A 232 -2.53 18.49 -32.11
CA VAL A 232 -3.01 18.92 -33.41
C VAL A 232 -4.49 18.61 -33.48
N SER A 233 -5.19 19.37 -34.30
CA SER A 233 -6.54 18.99 -34.72
C SER A 233 -6.33 18.40 -36.10
N ALA A 234 -6.79 17.17 -36.30
CA ALA A 234 -6.45 16.43 -37.53
C ALA A 234 -7.29 16.85 -38.69
N THR A 235 -8.48 17.38 -38.37
CA THR A 235 -9.43 17.90 -39.35
C THR A 235 -10.28 19.01 -38.71
N ASP A 236 -10.73 19.94 -39.56
CA ASP A 236 -11.68 20.97 -39.17
C ASP A 236 -13.13 20.47 -39.30
N TRP A 237 -13.35 19.34 -39.99
CA TRP A 237 -14.71 18.83 -40.29
C TRP A 237 -15.52 19.87 -41.09
N VAL A 238 -14.82 20.65 -41.92
CA VAL A 238 -15.48 21.62 -42.79
C VAL A 238 -14.85 21.45 -44.14
N PRO A 239 -15.67 21.34 -45.19
CA PRO A 239 -15.03 21.18 -46.50
C PRO A 239 -14.05 22.33 -46.85
N ASN A 240 -12.88 21.98 -47.36
CA ASN A 240 -11.79 22.92 -47.69
C ASN A 240 -10.95 23.45 -46.55
N GLY A 241 -11.23 23.01 -45.34
CA GLY A 241 -10.44 23.41 -44.22
C GLY A 241 -9.27 22.51 -44.02
N TRP A 242 -8.62 22.69 -42.89
CA TRP A 242 -7.55 21.80 -42.45
C TRP A 242 -8.02 20.37 -42.42
N ASP A 243 -7.15 19.46 -42.84
CA ASP A 243 -7.53 18.02 -42.92
C ASP A 243 -6.35 17.09 -42.62
N ILE A 244 -6.61 15.77 -42.73
CA ILE A 244 -5.63 14.78 -42.37
C ILE A 244 -4.37 14.88 -43.19
N GLU A 245 -4.47 15.31 -44.46
CA GLU A 245 -3.26 15.48 -45.26
C GLU A 245 -2.36 16.58 -44.72
N GLY A 246 -2.95 17.71 -44.34
CA GLY A 246 -2.13 18.74 -43.71
C GLY A 246 -1.54 18.23 -42.39
N THR A 247 -2.33 17.47 -41.67
CA THR A 247 -1.93 16.94 -40.35
C THR A 247 -0.72 15.98 -40.48
N ILE A 248 -0.74 15.18 -41.55
CA ILE A 248 0.35 14.28 -41.80
C ILE A 248 1.58 15.05 -42.23
N ALA A 249 1.42 16.04 -43.10
CA ALA A 249 2.57 16.85 -43.46
C ALA A 249 3.17 17.58 -42.27
N LEU A 250 2.32 18.15 -41.43
CA LEU A 250 2.79 18.81 -40.21
C LEU A 250 3.52 17.84 -39.27
N SER A 251 3.02 16.63 -39.16
CA SER A 251 3.60 15.61 -38.29
C SER A 251 5.00 15.16 -38.78
N HIS A 252 5.14 15.03 -40.10
CA HIS A 252 6.45 14.75 -40.67
C HIS A 252 7.41 15.86 -40.29
N GLU A 253 6.97 17.12 -40.41
CA GLU A 253 7.86 18.23 -40.04
C GLU A 253 8.17 18.21 -38.54
N LEU A 254 7.16 17.94 -37.71
CA LEU A 254 7.39 17.86 -36.28
C LEU A 254 8.47 16.82 -35.94
N LYS A 255 8.39 15.66 -36.58
CA LYS A 255 9.37 14.59 -36.35
C LYS A 255 10.73 15.04 -36.73
N ALA A 256 10.82 15.66 -37.91
CA ALA A 256 12.10 16.14 -38.39
C ALA A 256 12.68 17.21 -37.49
N ARG A 257 11.81 17.95 -36.82
CA ARG A 257 12.24 19.01 -35.93
C ARG A 257 12.39 18.61 -34.46
N GLY A 258 12.34 17.33 -34.19
CA GLY A 258 12.64 16.80 -32.87
C GLY A 258 11.48 16.70 -31.93
N SER A 259 10.25 16.69 -32.46
CA SER A 259 9.11 16.45 -31.61
C SER A 259 9.19 15.05 -31.02
N ALA A 260 8.76 14.89 -29.76
CA ALA A 260 8.76 13.58 -29.12
C ALA A 260 7.52 12.73 -29.41
N ALA A 261 6.45 13.36 -29.89
CA ALA A 261 5.14 12.73 -30.04
C ALA A 261 4.24 13.63 -30.89
N VAL A 262 3.07 13.09 -31.20
CA VAL A 262 1.97 13.95 -31.70
C VAL A 262 0.74 13.51 -30.92
N HIS A 263 -0.02 14.47 -30.45
CA HIS A 263 -1.27 14.21 -29.71
C HIS A 263 -2.38 14.62 -30.62
N VAL A 264 -3.19 13.64 -31.01
CA VAL A 264 -4.13 13.83 -32.14
C VAL A 264 -5.57 14.03 -31.68
N SER A 265 -6.07 15.27 -31.81
CA SER A 265 -7.53 15.62 -31.57
C SER A 265 -8.11 16.11 -32.90
N THR A 266 -9.25 16.78 -32.87
CA THR A 266 -9.82 17.39 -34.05
C THR A 266 -10.68 18.61 -33.67
N GLY A 267 -11.03 19.37 -34.70
CA GLY A 267 -12.03 20.42 -34.59
C GLY A 267 -11.61 21.72 -33.96
N GLY A 268 -12.61 22.59 -33.81
CA GLY A 268 -12.50 23.82 -33.02
C GLY A 268 -12.39 25.14 -33.76
N VAL A 269 -12.08 25.14 -35.08
CA VAL A 269 -11.80 26.43 -35.78
C VAL A 269 -13.03 27.08 -36.39
N SER A 270 -14.09 26.31 -36.55
CA SER A 270 -15.32 26.80 -37.20
C SER A 270 -16.58 26.33 -36.50
N PRO A 271 -17.52 27.26 -36.21
CA PRO A 271 -18.89 26.90 -35.83
C PRO A 271 -19.66 26.07 -36.87
N GLN A 272 -19.22 26.02 -38.13
CA GLN A 272 -19.86 25.17 -39.15
C GLN A 272 -19.38 23.71 -39.14
N GLN A 273 -18.45 23.36 -38.25
CA GLN A 273 -17.91 22.00 -38.24
C GLN A 273 -19.01 20.96 -38.08
N ALA A 274 -18.93 19.90 -38.89
CA ALA A 274 -19.94 18.84 -38.92
C ALA A 274 -19.28 17.61 -38.34
N ILE A 275 -19.23 17.53 -37.03
CA ILE A 275 -18.45 16.47 -36.36
C ILE A 275 -19.37 15.29 -36.21
N LYS A 276 -18.83 14.09 -36.45
CA LYS A 276 -19.58 12.83 -36.33
C LYS A 276 -19.04 12.19 -35.04
N ILE A 277 -19.78 12.42 -33.96
CA ILE A 277 -19.31 12.06 -32.63
C ILE A 277 -19.71 10.61 -32.35
N GLY A 278 -18.84 9.89 -31.66
CA GLY A 278 -19.15 8.56 -31.09
C GLY A 278 -17.93 8.00 -30.41
N PRO A 279 -18.04 6.85 -29.72
CA PRO A 279 -16.84 6.25 -29.10
C PRO A 279 -15.66 6.10 -30.07
N GLY A 280 -14.49 6.60 -29.67
CA GLY A 280 -13.30 6.44 -30.50
C GLY A 280 -13.33 7.15 -31.85
N TYR A 281 -14.16 8.16 -31.99
CA TYR A 281 -14.34 8.82 -33.31
C TYR A 281 -13.10 9.50 -33.88
N GLN A 282 -12.14 9.82 -33.01
CA GLN A 282 -10.91 10.40 -33.50
C GLN A 282 -9.74 9.42 -33.63
N VAL A 283 -9.98 8.14 -33.29
CA VAL A 283 -8.94 7.13 -33.38
C VAL A 283 -8.43 6.90 -34.82
N PRO A 284 -9.32 6.92 -35.84
CA PRO A 284 -8.81 6.71 -37.22
C PRO A 284 -7.75 7.74 -37.60
N TYR A 285 -7.91 8.98 -37.12
CA TYR A 285 -6.90 10.00 -37.36
C TYR A 285 -5.60 9.64 -36.67
N ALA A 286 -5.66 9.20 -35.41
CA ALA A 286 -4.41 8.83 -34.71
C ALA A 286 -3.71 7.64 -35.39
N GLN A 287 -4.52 6.68 -35.80
CA GLN A 287 -4.00 5.46 -36.48
C GLN A 287 -3.18 5.81 -37.71
N ARG A 288 -3.68 6.75 -38.50
CA ARG A 288 -3.05 7.12 -39.76
C ARG A 288 -1.79 7.93 -39.48
N VAL A 289 -1.87 8.85 -38.51
CA VAL A 289 -0.66 9.58 -38.12
C VAL A 289 0.47 8.65 -37.60
N LYS A 290 0.11 7.70 -36.74
CA LYS A 290 1.05 6.71 -36.22
C LYS A 290 1.65 5.90 -37.37
N ALA A 291 0.80 5.40 -38.24
CA ALA A 291 1.25 4.53 -39.36
C ALA A 291 2.22 5.26 -40.29
N GLU A 292 1.91 6.50 -40.64
CA GLU A 292 2.67 7.17 -41.68
C GLU A 292 3.85 7.90 -41.17
N VAL A 293 3.80 8.35 -39.92
CA VAL A 293 4.90 9.17 -39.38
C VAL A 293 5.78 8.44 -38.39
N GLY A 294 5.20 7.58 -37.58
CA GLY A 294 6.00 6.77 -36.65
C GLY A 294 6.44 7.45 -35.36
N LEU A 295 5.91 8.64 -35.05
CA LEU A 295 6.14 9.22 -33.71
C LEU A 295 5.23 8.56 -32.69
N PRO A 296 5.65 8.50 -31.41
CA PRO A 296 4.66 8.17 -30.38
C PRO A 296 3.36 9.00 -30.57
N THR A 297 2.21 8.35 -30.68
CA THR A 297 0.97 8.99 -31.08
C THR A 297 -0.09 8.78 -29.97
N MET A 298 -0.67 9.87 -29.50
CA MET A 298 -1.68 9.85 -28.46
C MET A 298 -3.04 10.03 -29.10
N ALA A 299 -3.94 9.09 -28.86
CA ALA A 299 -5.35 9.15 -29.32
C ALA A 299 -6.22 9.61 -28.18
N VAL A 300 -7.31 10.26 -28.53
CA VAL A 300 -8.24 10.82 -27.56
C VAL A 300 -9.65 10.89 -28.15
N GLY A 301 -10.67 10.84 -27.31
CA GLY A 301 -12.05 11.23 -27.67
C GLY A 301 -13.10 10.15 -27.46
N LEU A 302 -13.87 10.29 -26.39
CA LEU A 302 -14.88 9.32 -25.97
C LEU A 302 -14.25 7.92 -25.82
N ILE A 303 -13.08 7.91 -25.19
CA ILE A 303 -12.43 6.67 -24.75
C ILE A 303 -12.74 6.62 -23.28
N THR A 304 -13.61 5.67 -22.90
CA THR A 304 -14.20 5.61 -21.55
C THR A 304 -14.15 4.27 -20.84
N GLU A 305 -13.78 3.22 -21.57
CA GLU A 305 -13.77 1.87 -21.00
C GLU A 305 -12.41 1.24 -21.11
N ALA A 306 -12.08 0.46 -20.09
CA ALA A 306 -10.77 -0.20 -20.03
C ALA A 306 -10.52 -1.07 -21.28
N GLU A 307 -11.50 -1.89 -21.65
CA GLU A 307 -11.31 -2.81 -22.77
C GLU A 307 -11.25 -2.07 -24.08
N GLN A 308 -12.03 -1.00 -24.21
CA GLN A 308 -11.89 -0.11 -25.36
C GLN A 308 -10.49 0.49 -25.54
N ALA A 309 -9.91 1.03 -24.46
CA ALA A 309 -8.55 1.59 -24.48
C ALA A 309 -7.49 0.53 -24.82
N GLU A 310 -7.64 -0.65 -24.19
CA GLU A 310 -6.74 -1.76 -24.42
C GLU A 310 -6.78 -2.16 -25.89
N ALA A 311 -7.96 -2.25 -26.46
CA ALA A 311 -8.12 -2.64 -27.87
C ALA A 311 -7.48 -1.65 -28.84
N ILE A 312 -7.57 -0.35 -28.53
CA ILE A 312 -6.86 0.65 -29.31
C ILE A 312 -5.37 0.42 -29.33
N ILE A 313 -4.78 0.12 -28.17
CA ILE A 313 -3.38 -0.14 -28.09
C ILE A 313 -3.07 -1.47 -28.82
N ALA A 314 -3.87 -2.48 -28.56
CA ALA A 314 -3.60 -3.82 -29.12
C ALA A 314 -3.71 -3.85 -30.63
N ASN A 315 -4.53 -2.99 -31.20
CA ASN A 315 -4.64 -2.85 -32.65
C ASN A 315 -3.67 -1.88 -33.31
N ASN A 316 -2.68 -1.42 -32.54
CA ASN A 316 -1.63 -0.54 -33.02
C ASN A 316 -2.24 0.75 -33.59
N GLU A 317 -3.37 1.20 -33.01
CA GLU A 317 -4.06 2.41 -33.46
C GLU A 317 -3.49 3.68 -32.80
N ALA A 318 -2.77 3.51 -31.72
CA ALA A 318 -2.10 4.60 -30.99
C ALA A 318 -1.15 4.02 -30.01
N ASP A 319 -0.21 4.84 -29.52
CA ASP A 319 0.76 4.41 -28.55
C ASP A 319 0.33 4.77 -27.11
N ILE A 320 -0.42 5.85 -26.98
CA ILE A 320 -0.88 6.40 -25.67
C ILE A 320 -2.37 6.67 -25.84
N ILE A 321 -3.11 6.39 -24.81
CA ILE A 321 -4.50 6.65 -24.73
C ILE A 321 -4.66 7.86 -23.81
N SER A 322 -5.22 8.92 -24.35
CA SER A 322 -5.48 10.17 -23.58
CA SER A 322 -5.43 10.15 -23.60
C SER A 322 -6.92 10.18 -23.19
N ILE A 323 -7.19 10.53 -21.93
CA ILE A 323 -8.52 10.53 -21.39
C ILE A 323 -8.80 11.85 -20.63
N ALA A 324 -9.97 12.45 -20.87
CA ALA A 324 -10.31 13.71 -20.24
C ALA A 324 -11.58 13.52 -19.41
N ARG A 325 -12.73 13.56 -20.06
CA ARG A 325 -13.95 13.49 -19.27
C ARG A 325 -14.06 12.25 -18.38
N ALA A 326 -13.63 11.08 -18.84
CA ALA A 326 -13.71 9.87 -18.01
C ALA A 326 -12.85 9.99 -16.76
N MET A 327 -11.79 10.78 -16.82
CA MET A 327 -10.97 11.05 -15.63
C MET A 327 -11.67 12.01 -14.63
N LEU A 328 -12.44 12.97 -15.14
CA LEU A 328 -13.23 13.84 -14.27
C LEU A 328 -14.35 13.06 -13.60
N TYR A 329 -14.94 12.15 -14.36
CA TYR A 329 -16.11 11.39 -13.92
C TYR A 329 -15.64 10.22 -13.06
N ASP A 330 -14.38 9.80 -13.24
CA ASP A 330 -13.78 8.76 -12.40
C ASP A 330 -12.29 9.02 -12.26
N PRO A 331 -11.91 9.82 -11.27
CA PRO A 331 -10.47 10.07 -11.12
C PRO A 331 -9.62 8.88 -10.72
N ARG A 332 -10.24 7.76 -10.39
CA ARG A 332 -9.56 6.50 -10.19
C ARG A 332 -9.64 5.61 -11.46
N TRP A 333 -9.96 6.18 -12.61
CA TRP A 333 -10.08 5.40 -13.85
C TRP A 333 -8.91 4.40 -14.08
N PRO A 334 -7.64 4.82 -13.90
CA PRO A 334 -6.56 3.84 -14.11
C PRO A 334 -6.54 2.70 -13.08
N TRP A 335 -6.95 2.99 -11.85
CA TRP A 335 -7.07 1.91 -10.86
C TRP A 335 -8.10 0.90 -11.37
N HIS A 336 -9.25 1.43 -11.82
CA HIS A 336 -10.35 0.60 -12.16
C HIS A 336 -10.06 -0.16 -13.43
N ALA A 337 -9.34 0.47 -14.35
CA ALA A 337 -8.87 -0.24 -15.54
C ALA A 337 -7.87 -1.32 -15.20
N ALA A 338 -6.95 -1.02 -14.28
CA ALA A 338 -5.94 -2.02 -13.87
C ALA A 338 -6.60 -3.23 -13.22
N ALA A 339 -7.63 -2.98 -12.40
CA ALA A 339 -8.39 -4.06 -11.82
C ALA A 339 -9.02 -4.93 -12.90
N LYS A 340 -9.62 -4.32 -13.91
CA LYS A 340 -10.26 -5.09 -14.97
C LYS A 340 -9.26 -5.85 -15.85
N LEU A 341 -8.08 -5.29 -16.12
CA LEU A 341 -7.12 -5.91 -17.06
C LEU A 341 -5.97 -6.65 -16.38
N GLY A 342 -6.05 -6.85 -15.07
CA GLY A 342 -5.01 -7.57 -14.34
C GLY A 342 -3.66 -6.91 -14.29
N ALA A 343 -3.62 -5.61 -13.97
CA ALA A 343 -2.41 -4.82 -13.93
C ALA A 343 -2.32 -4.12 -12.58
N SER A 344 -1.24 -3.36 -12.41
N SER A 344 -1.25 -3.38 -12.39
CA SER A 344 -0.94 -2.68 -11.16
CA SER A 344 -1.06 -2.65 -11.15
C SER A 344 -0.62 -1.21 -11.42
C SER A 344 -0.82 -1.20 -11.47
N VAL A 345 -0.92 -0.38 -10.43
CA VAL A 345 -0.70 1.07 -10.52
C VAL A 345 -0.11 1.62 -9.25
N ASN A 346 0.51 2.79 -9.37
CA ASN A 346 0.97 3.57 -8.23
C ASN A 346 -0.22 4.30 -7.62
N ALA A 347 -0.33 4.22 -6.31
CA ALA A 347 -1.42 4.88 -5.59
C ALA A 347 -0.87 5.34 -4.24
N PRO A 348 -1.43 6.45 -3.70
CA PRO A 348 -0.91 6.91 -2.43
C PRO A 348 -1.24 5.95 -1.27
N LYS A 349 -0.27 5.79 -0.35
CA LYS A 349 -0.44 4.87 0.76
C LYS A 349 -1.74 5.07 1.58
N GLN A 350 -2.21 6.30 1.66
CA GLN A 350 -3.41 6.67 2.41
C GLN A 350 -4.64 5.93 1.88
N TYR A 351 -4.57 5.54 0.62
CA TYR A 351 -5.63 4.84 -0.07
C TYR A 351 -5.38 3.39 -0.31
N TRP A 352 -4.28 2.83 0.21
CA TRP A 352 -4.05 1.40 -0.01
C TRP A 352 -5.17 0.52 0.58
N ARG A 353 -5.77 0.90 1.69
CA ARG A 353 -6.89 0.07 2.25
C ARG A 353 -8.16 -0.03 1.37
N SER A 354 -8.23 0.77 0.30
CA SER A 354 -9.50 1.05 -0.31
C SER A 354 -9.99 0.06 -1.33
N GLN A 355 -9.16 -0.80 -1.89
CA GLN A 355 -9.69 -1.60 -3.03
C GLN A 355 -10.37 -2.82 -2.47
N PRO A 356 -11.35 -3.35 -3.22
CA PRO A 356 -11.97 -4.56 -2.80
C PRO A 356 -10.99 -5.74 -2.53
N ARG A 357 -11.39 -6.64 -1.65
CA ARG A 357 -10.71 -7.93 -1.52
C ARG A 357 -10.57 -8.63 -2.87
N GLY A 358 -9.48 -9.38 -3.04
CA GLY A 358 -9.18 -10.06 -4.30
C GLY A 358 -8.28 -9.31 -5.28
N LEU A 359 -7.94 -8.07 -4.96
CA LEU A 359 -7.14 -7.21 -5.80
C LEU A 359 -5.90 -6.80 -5.02
N GLU A 360 -5.28 -7.80 -4.37
CA GLU A 360 -4.16 -7.55 -3.47
C GLU A 360 -2.86 -7.11 -4.18
N LYS A 361 -2.78 -7.24 -5.51
CA LYS A 361 -1.62 -6.75 -6.25
C LYS A 361 -1.92 -5.45 -7.01
N LEU A 362 -3.13 -4.92 -6.86
CA LEU A 362 -3.53 -3.72 -7.62
C LEU A 362 -2.58 -2.51 -7.41
N PHE A 363 -2.18 -2.29 -6.17
CA PHE A 363 -1.33 -1.15 -5.85
C PHE A 363 0.11 -1.56 -5.64
N LYS A 364 0.97 -1.06 -6.53
CA LYS A 364 2.39 -1.29 -6.42
C LYS A 364 2.90 -0.87 -5.05
N ASP A 365 3.81 -1.67 -4.49
CA ASP A 365 4.49 -1.35 -3.22
C ASP A 365 3.63 -1.40 -1.96
N ALA A 366 2.32 -1.62 -2.07
CA ALA A 366 1.49 -1.62 -0.90
C ALA A 366 1.93 -2.71 0.07
N HIS A 367 1.90 -2.37 1.35
CA HIS A 367 2.24 -3.33 2.39
C HIS A 367 1.71 -2.78 3.70
N PHE A 368 1.59 -3.67 4.68
CA PHE A 368 1.08 -3.35 5.99
C PHE A 368 1.81 -4.04 7.15
N GLY A 369 3.08 -4.41 6.98
CA GLY A 369 3.84 -5.15 8.03
C GLY A 369 4.81 -4.27 8.80
N MET B 1 -42.17 7.56 2.25
CA MET B 1 -41.35 6.63 1.43
C MET B 1 -39.92 7.23 1.22
N PRO B 2 -38.97 6.96 2.14
CA PRO B 2 -37.70 7.69 2.01
C PRO B 2 -36.75 7.09 0.94
N HIS B 3 -35.86 7.94 0.39
CA HIS B 3 -34.91 7.48 -0.64
C HIS B 3 -33.53 8.08 -0.35
N LEU B 4 -32.49 7.42 -0.89
CA LEU B 4 -31.07 7.85 -0.65
C LEU B 4 -30.84 9.31 -0.98
N PHE B 5 -31.49 9.77 -2.07
CA PHE B 5 -31.34 11.15 -2.52
C PHE B 5 -32.33 12.18 -1.99
N ASP B 6 -33.09 11.83 -0.97
CA ASP B 6 -33.94 12.79 -0.29
C ASP B 6 -33.10 13.72 0.54
N PRO B 7 -33.42 15.00 0.57
CA PRO B 7 -32.74 15.88 1.54
C PRO B 7 -33.09 15.49 2.97
N TYR B 8 -32.26 15.92 3.89
CA TYR B 8 -32.42 15.60 5.30
C TYR B 8 -31.82 16.72 6.12
N ARG B 9 -31.85 16.58 7.44
CA ARG B 9 -31.44 17.62 8.33
C ARG B 9 -30.97 16.96 9.61
N ILE B 10 -29.87 17.44 10.19
CA ILE B 10 -29.49 17.08 11.57
C ILE B 10 -29.24 18.44 12.26
N GLY B 11 -29.87 18.70 13.39
CA GLY B 11 -29.75 20.06 13.98
C GLY B 11 -30.31 21.10 13.04
N ASN B 12 -29.58 22.20 12.88
CA ASN B 12 -29.89 23.26 11.91
C ASN B 12 -29.38 22.93 10.55
N LEU B 13 -28.71 21.80 10.46
CA LEU B 13 -27.88 21.56 9.34
C LEU B 13 -28.66 20.79 8.31
N GLU B 14 -29.02 21.46 7.22
CA GLU B 14 -29.66 20.82 6.08
C GLU B 14 -28.59 19.99 5.37
N LEU B 15 -29.02 18.83 4.84
CA LEU B 15 -28.17 17.92 4.08
C LEU B 15 -28.81 17.65 2.72
N ALA B 16 -28.01 17.71 1.66
CA ALA B 16 -28.51 17.51 0.30
C ALA B 16 -29.11 16.11 0.01
N ASN B 17 -28.63 15.11 0.74
CA ASN B 17 -29.09 13.75 0.56
C ASN B 17 -28.68 12.95 1.79
N ARG B 18 -28.92 11.63 1.78
CA ARG B 18 -28.67 10.80 2.94
C ARG B 18 -27.28 10.21 2.98
N ILE B 19 -26.38 10.64 2.11
CA ILE B 19 -25.03 10.04 2.04
C ILE B 19 -24.05 10.84 2.89
N ALA B 20 -23.34 10.18 3.82
CA ALA B 20 -22.28 10.80 4.63
C ALA B 20 -20.96 10.13 4.30
N ILE B 21 -19.91 10.94 4.19
CA ILE B 21 -18.58 10.45 4.07
C ILE B 21 -18.06 10.18 5.47
N ALA B 22 -17.69 8.92 5.70
CA ALA B 22 -17.24 8.46 7.01
C ALA B 22 -15.93 9.09 7.37
N PRO B 23 -15.72 9.32 8.67
CA PRO B 23 -14.43 9.83 9.15
C PRO B 23 -13.42 8.69 8.93
N MET B 24 -12.43 8.94 8.12
CA MET B 24 -11.43 7.95 7.78
C MET B 24 -10.08 8.55 8.08
N CYS B 25 -9.36 7.93 9.03
CA CYS B 25 -8.04 8.35 9.38
C CYS B 25 -7.09 8.34 8.20
N GLN B 26 -6.36 9.43 8.05
CA GLN B 26 -5.39 9.58 6.95
C GLN B 26 -3.95 9.43 7.40
N TYR B 27 -3.73 9.53 8.71
CA TYR B 27 -2.34 9.40 9.23
C TYR B 27 -1.34 10.27 8.50
N SER B 28 -1.71 11.50 8.20
CA SER B 28 -0.93 12.36 7.31
C SER B 28 -0.73 13.76 7.86
N ALA B 29 -0.88 13.93 9.18
CA ALA B 29 -0.64 15.22 9.83
C ALA B 29 0.79 15.23 10.40
N GLN B 30 1.25 16.42 10.77
CA GLN B 30 2.58 16.68 11.35
C GLN B 30 2.38 17.43 12.64
N GLU B 31 2.57 16.74 13.77
CA GLU B 31 2.29 17.28 15.11
C GLU B 31 0.85 17.83 15.22
N GLY B 32 -0.06 17.06 14.63
CA GLY B 32 -1.50 17.35 14.61
C GLY B 32 -1.92 18.25 13.47
N ASN B 33 -0.96 18.91 12.84
CA ASN B 33 -1.27 19.86 11.75
C ASN B 33 -1.64 19.19 10.44
N ALA B 34 -2.78 19.58 9.87
CA ALA B 34 -3.15 19.22 8.51
C ALA B 34 -2.04 19.61 7.54
N THR B 35 -1.84 18.78 6.54
CA THR B 35 -0.85 18.99 5.50
C THR B 35 -1.47 19.14 4.14
N ASP B 36 -0.63 19.27 3.11
CA ASP B 36 -1.18 19.34 1.75
C ASP B 36 -2.04 18.13 1.41
N TRP B 37 -1.75 16.98 2.04
CA TRP B 37 -2.59 15.82 1.81
C TRP B 37 -4.06 16.12 2.15
N HIS B 38 -4.30 16.75 3.29
CA HIS B 38 -5.69 17.03 3.69
C HIS B 38 -6.42 17.96 2.72
N MET B 39 -5.68 18.89 2.14
N MET B 39 -5.71 18.91 2.11
CA MET B 39 -6.21 19.77 1.09
CA MET B 39 -6.37 19.74 1.09
C MET B 39 -6.75 18.94 -0.08
C MET B 39 -6.79 18.91 -0.11
N ILE B 40 -5.91 18.04 -0.58
CA ILE B 40 -6.21 17.19 -1.73
C ILE B 40 -7.35 16.21 -1.41
N HIS B 41 -7.25 15.59 -0.25
CA HIS B 41 -8.18 14.54 0.16
C HIS B 41 -9.57 15.08 0.56
N LEU B 42 -9.59 16.03 1.49
CA LEU B 42 -10.85 16.64 1.91
C LEU B 42 -11.43 17.49 0.82
N GLY B 43 -10.56 18.11 0.01
CA GLY B 43 -11.03 18.80 -1.21
C GLY B 43 -11.85 17.88 -2.12
N GLN B 44 -11.28 16.71 -2.44
CA GLN B 44 -11.99 15.72 -3.24
C GLN B 44 -13.30 15.31 -2.59
N MET B 45 -13.24 14.93 -1.32
CA MET B 45 -14.39 14.41 -0.63
C MET B 45 -15.51 15.44 -0.62
N ALA B 46 -15.12 16.71 -0.44
CA ALA B 46 -16.10 17.79 -0.39
C ALA B 46 -16.77 18.07 -1.73
N LEU B 47 -16.20 17.59 -2.83
CA LEU B 47 -16.68 17.82 -4.16
C LEU B 47 -17.45 16.61 -4.69
N SER B 48 -17.73 15.65 -3.81
CA SER B 48 -18.31 14.36 -4.21
C SER B 48 -19.84 14.35 -4.42
N GLY B 49 -20.54 15.40 -3.97
CA GLY B 49 -22.01 15.46 -4.01
C GLY B 49 -22.69 14.76 -2.85
N ALA B 50 -21.92 14.18 -1.93
CA ALA B 50 -22.50 13.68 -0.70
C ALA B 50 -23.12 14.84 0.10
N GLY B 51 -24.10 14.53 0.94
CA GLY B 51 -24.66 15.53 1.81
C GLY B 51 -23.78 16.02 2.95
N LEU B 52 -22.97 15.12 3.50
CA LEU B 52 -22.29 15.33 4.74
C LEU B 52 -20.87 14.77 4.66
N LEU B 53 -19.92 15.57 5.07
CA LEU B 53 -18.56 15.13 5.26
C LEU B 53 -18.21 15.15 6.74
N ILE B 54 -17.62 14.06 7.24
CA ILE B 54 -17.18 13.96 8.60
C ILE B 54 -15.66 13.82 8.54
N ILE B 55 -14.95 14.83 9.04
CA ILE B 55 -13.51 14.80 9.03
C ILE B 55 -13.05 13.68 9.97
N GLU B 56 -11.95 13.04 9.61
CA GLU B 56 -11.30 12.00 10.37
C GLU B 56 -11.14 12.32 11.87
N ALA B 57 -10.94 11.26 12.64
CA ALA B 57 -10.66 11.34 14.08
C ALA B 57 -9.57 12.36 14.36
N THR B 58 -9.99 13.42 15.05
CA THR B 58 -9.18 14.55 15.31
C THR B 58 -8.91 14.55 16.82
N ALA B 59 -7.63 14.40 17.16
CA ALA B 59 -7.20 14.20 18.53
C ALA B 59 -7.43 15.49 19.34
N VAL B 60 -7.99 15.31 20.54
CA VAL B 60 -8.18 16.40 21.47
C VAL B 60 -6.91 16.77 22.27
N SER B 61 -5.86 15.96 22.16
CA SER B 61 -4.60 16.20 22.82
C SER B 61 -3.57 15.35 22.14
N PRO B 62 -2.29 15.68 22.30
CA PRO B 62 -1.24 14.86 21.66
C PRO B 62 -1.27 13.39 22.11
N GLU B 63 -1.46 13.18 23.41
CA GLU B 63 -1.51 11.84 23.98
C GLU B 63 -2.78 11.03 23.59
N GLY B 64 -3.78 11.73 23.08
CA GLY B 64 -5.00 11.16 22.57
C GLY B 64 -4.95 10.74 21.11
N ARG B 65 -3.83 10.98 20.42
CA ARG B 65 -3.72 10.58 19.01
C ARG B 65 -3.58 9.05 18.94
N ILE B 66 -4.13 8.44 17.88
CA ILE B 66 -3.90 7.03 17.61
C ILE B 66 -2.45 6.81 17.27
N THR B 67 -1.93 7.65 16.38
CA THR B 67 -0.57 7.57 15.85
C THR B 67 0.12 8.90 15.88
N PRO B 68 1.46 8.92 15.70
CA PRO B 68 2.14 10.23 15.65
C PRO B 68 1.76 11.14 14.49
N THR B 69 1.09 10.61 13.47
CA THR B 69 0.70 11.43 12.34
C THR B 69 -0.82 11.64 12.26
N ASP B 70 -1.51 11.44 13.37
CA ASP B 70 -2.95 11.73 13.42
C ASP B 70 -3.22 13.22 13.35
N LEU B 71 -4.35 13.60 12.77
CA LEU B 71 -4.86 14.98 12.79
C LEU B 71 -5.20 15.34 14.23
N GLY B 72 -4.89 16.58 14.61
CA GLY B 72 -5.20 17.11 15.93
C GLY B 72 -5.88 18.48 15.87
N LEU B 73 -6.51 18.86 16.97
CA LEU B 73 -7.04 20.20 17.10
C LEU B 73 -6.81 20.65 18.53
N TYR B 74 -5.53 20.62 18.92
CA TYR B 74 -5.13 20.83 20.30
C TYR B 74 -4.20 22.02 20.55
N ASN B 75 -4.00 22.82 19.51
CA ASN B 75 -3.26 24.08 19.62
C ASN B 75 -3.57 24.98 18.43
N ASP B 76 -3.08 26.21 18.53
CA ASP B 76 -3.33 27.20 17.49
C ASP B 76 -2.81 26.79 16.12
N ALA B 77 -1.65 26.12 16.07
CA ALA B 77 -1.08 25.71 14.79
C ALA B 77 -2.02 24.70 14.12
N ASN B 78 -2.55 23.75 14.92
CA ASN B 78 -3.50 22.75 14.40
C ASN B 78 -4.74 23.45 13.83
N GLU B 79 -5.26 24.43 14.56
CA GLU B 79 -6.43 25.20 14.14
C GLU B 79 -6.15 25.94 12.84
N ALA B 80 -5.00 26.63 12.76
CA ALA B 80 -4.67 27.34 11.50
C ALA B 80 -4.51 26.40 10.29
N ALA B 81 -3.84 25.27 10.51
CA ALA B 81 -3.60 24.28 9.43
C ALA B 81 -4.91 23.74 8.89
N LEU B 82 -5.80 23.39 9.80
CA LEU B 82 -7.11 22.90 9.38
C LEU B 82 -7.93 23.99 8.71
N GLY B 83 -7.84 25.21 9.21
CA GLY B 83 -8.56 26.34 8.64
C GLY B 83 -8.19 26.59 7.19
N ARG B 84 -6.92 26.40 6.86
CA ARG B 84 -6.49 26.56 5.47
C ARG B 84 -7.25 25.59 4.60
N VAL B 85 -7.39 24.35 5.06
CA VAL B 85 -8.10 23.32 4.27
C VAL B 85 -9.58 23.66 4.15
N LEU B 86 -10.18 24.02 5.27
CA LEU B 86 -11.62 24.36 5.24
C LEU B 86 -11.94 25.55 4.35
N GLY B 87 -11.07 26.55 4.34
CA GLY B 87 -11.32 27.73 3.50
C GLY B 87 -11.37 27.39 2.00
N ALA B 88 -10.54 26.43 1.57
CA ALA B 88 -10.57 25.94 0.18
C ALA B 88 -11.88 25.20 -0.07
N VAL B 89 -12.29 24.38 0.90
CA VAL B 89 -13.57 23.69 0.81
C VAL B 89 -14.73 24.67 0.64
N ARG B 90 -14.73 25.70 1.48
CA ARG B 90 -15.81 26.68 1.41
C ARG B 90 -15.82 27.48 0.13
N ASN B 91 -14.66 27.70 -0.49
CA ASN B 91 -14.63 28.37 -1.76
C ASN B 91 -15.27 27.58 -2.87
N HIS B 92 -15.44 26.26 -2.71
CA HIS B 92 -15.86 25.45 -3.83
C HIS B 92 -17.03 24.50 -3.64
N SER B 93 -17.48 24.27 -2.40
CA SER B 93 -18.44 23.22 -2.12
C SER B 93 -19.55 23.67 -1.24
N PRO B 94 -20.79 23.17 -1.44
CA PRO B 94 -21.90 23.43 -0.53
C PRO B 94 -22.05 22.41 0.59
N ILE B 95 -21.14 21.43 0.66
CA ILE B 95 -21.33 20.28 1.55
C ILE B 95 -21.33 20.73 3.01
N ALA B 96 -22.04 20.00 3.84
CA ALA B 96 -21.94 20.21 5.29
C ALA B 96 -20.63 19.57 5.77
N VAL B 97 -19.86 20.31 6.56
CA VAL B 97 -18.53 19.85 7.05
C VAL B 97 -18.56 19.73 8.57
N THR B 98 -18.31 18.52 9.04
CA THR B 98 -18.36 18.16 10.47
C THR B 98 -17.09 17.45 10.82
N ILE B 99 -16.85 17.26 12.10
CA ILE B 99 -15.60 16.67 12.51
C ILE B 99 -15.81 15.64 13.62
N GLN B 100 -14.98 14.60 13.59
CA GLN B 100 -14.98 13.60 14.65
C GLN B 100 -13.91 13.95 15.67
N LEU B 101 -14.32 14.27 16.90
CA LEU B 101 -13.36 14.53 17.97
C LEU B 101 -13.09 13.23 18.71
N ALA B 102 -11.83 12.99 18.99
CA ALA B 102 -11.37 11.66 19.36
C ALA B 102 -10.26 11.67 20.42
N HIS B 103 -10.21 10.54 21.14
CA HIS B 103 -9.14 10.23 22.07
C HIS B 103 -9.02 8.72 22.04
N ALA B 104 -7.81 8.25 21.70
CA ALA B 104 -7.55 6.81 21.44
C ALA B 104 -7.38 5.97 22.70
N GLY B 105 -7.16 6.65 23.82
CA GLY B 105 -7.05 5.97 25.11
C GLY B 105 -5.91 4.98 25.05
N ARG B 106 -6.15 3.73 25.51
CA ARG B 106 -5.11 2.72 25.49
C ARG B 106 -4.61 2.30 24.12
N LYS B 107 -5.34 2.64 23.05
CA LYS B 107 -4.90 2.37 21.71
C LYS B 107 -4.03 3.48 21.09
N ALA B 108 -3.67 4.49 21.89
CA ALA B 108 -2.85 5.57 21.41
C ALA B 108 -1.39 5.09 21.21
N SER B 109 -0.54 5.97 20.71
CA SER B 109 0.90 5.70 20.57
C SER B 109 1.14 4.45 19.71
N SER B 110 0.49 4.40 18.55
CA SER B 110 0.52 3.27 17.64
C SER B 110 1.08 3.71 16.29
N GLU B 111 1.55 2.75 15.50
CA GLU B 111 1.99 3.04 14.14
C GLU B 111 0.80 3.16 13.18
N ALA B 112 1.00 3.84 12.07
CA ALA B 112 0.04 3.91 10.98
C ALA B 112 -0.05 2.51 10.30
N PRO B 113 -1.13 2.27 9.52
CA PRO B 113 -1.37 0.88 8.99
C PRO B 113 -0.23 0.36 8.12
N TRP B 114 0.32 1.22 7.26
CA TRP B 114 1.44 0.84 6.36
C TRP B 114 2.74 0.62 7.12
N ASP B 115 2.79 1.03 8.39
CA ASP B 115 3.91 0.75 9.28
C ASP B 115 3.61 -0.37 10.28
N GLY B 116 2.54 -1.12 10.04
CA GLY B 116 2.21 -2.30 10.82
C GLY B 116 1.21 -2.14 11.96
N GLY B 117 0.85 -0.90 12.31
CA GLY B 117 -0.17 -0.62 13.31
C GLY B 117 0.18 -0.98 14.75
N GLY B 118 1.43 -1.39 15.00
CA GLY B 118 1.83 -1.87 16.33
C GLY B 118 1.97 -0.76 17.33
N GLN B 119 1.91 -1.12 18.62
CA GLN B 119 2.21 -0.13 19.65
C GLN B 119 3.66 0.38 19.56
N ILE B 120 3.84 1.68 19.74
CA ILE B 120 5.15 2.30 19.96
C ILE B 120 5.28 2.48 21.47
N ARG B 121 6.33 1.90 22.08
CA ARG B 121 6.47 1.98 23.55
C ARG B 121 6.80 3.39 24.00
N PRO B 122 6.46 3.74 25.26
CA PRO B 122 6.82 5.08 25.71
C PRO B 122 8.33 5.38 25.65
N ASP B 123 9.16 4.33 25.75
CA ASP B 123 10.62 4.53 25.74
C ASP B 123 11.25 4.49 24.32
N GLN B 124 10.42 4.35 23.28
CA GLN B 124 10.90 4.38 21.92
C GLN B 124 10.62 5.73 21.30
N PRO B 125 11.41 6.08 20.26
CA PRO B 125 11.19 7.36 19.58
C PRO B 125 9.75 7.45 19.08
N ARG B 126 9.15 8.61 19.28
CA ARG B 126 7.77 8.90 18.88
C ARG B 126 6.69 8.34 19.82
N GLY B 127 7.03 7.40 20.69
CA GLY B 127 6.04 6.76 21.55
C GLY B 127 5.70 7.57 22.77
N TRP B 128 4.57 7.26 23.40
CA TRP B 128 4.19 7.96 24.65
C TRP B 128 3.33 7.12 25.57
N GLN B 129 3.28 7.51 26.86
CA GLN B 129 2.43 6.82 27.83
C GLN B 129 0.95 7.09 27.54
N THR B 130 0.18 6.02 27.40
CA THR B 130 -1.26 6.08 27.11
C THR B 130 -2.08 6.04 28.38
N PHE B 131 -3.32 6.46 28.23
CA PHE B 131 -4.24 6.57 29.36
C PHE B 131 -5.54 5.85 29.05
N ALA B 132 -6.22 5.40 30.09
CA ALA B 132 -7.40 4.55 29.92
C ALA B 132 -8.19 4.49 31.22
N PRO B 133 -9.44 3.98 31.17
CA PRO B 133 -10.12 3.79 32.46
C PRO B 133 -9.37 2.89 33.47
N SER B 134 -8.65 1.89 32.96
CA SER B 134 -7.96 0.89 33.79
C SER B 134 -6.61 0.52 33.16
N ALA B 135 -5.68 0.04 33.99
CA ALA B 135 -4.32 -0.27 33.56
C ALA B 135 -4.28 -1.68 32.93
N VAL B 136 -5.01 -1.85 31.82
CA VAL B 136 -5.11 -3.13 31.17
C VAL B 136 -4.85 -2.87 29.71
N PRO B 137 -3.83 -3.54 29.13
CA PRO B 137 -3.52 -3.32 27.72
C PRO B 137 -4.57 -3.93 26.80
N HIS B 138 -4.69 -3.34 25.62
CA HIS B 138 -5.59 -3.86 24.59
C HIS B 138 -5.28 -5.31 24.25
N ALA B 139 -4.00 -5.63 24.14
CA ALA B 139 -3.54 -7.01 23.84
C ALA B 139 -2.43 -7.36 24.79
N ALA B 140 -2.33 -8.64 25.13
CA ALA B 140 -1.31 -9.11 26.05
C ALA B 140 0.06 -8.77 25.50
N GLY B 141 0.95 -8.32 26.37
CA GLY B 141 2.35 -8.02 26.03
C GLY B 141 2.61 -6.58 25.68
N GLU B 142 1.54 -5.81 25.42
CA GLU B 142 1.70 -4.36 25.16
C GLU B 142 1.99 -3.65 26.47
N VAL B 143 2.58 -2.46 26.40
CA VAL B 143 2.78 -1.64 27.58
C VAL B 143 1.39 -1.16 28.03
N PRO B 144 0.98 -1.45 29.27
CA PRO B 144 -0.33 -1.01 29.69
C PRO B 144 -0.49 0.49 29.73
N PRO B 145 -1.75 0.95 29.57
CA PRO B 145 -2.06 2.33 29.81
C PRO B 145 -2.01 2.62 31.31
N ALA B 146 -1.88 3.90 31.66
CA ALA B 146 -2.02 4.34 33.06
C ALA B 146 -3.51 4.54 33.32
N ALA B 147 -4.01 4.10 34.49
CA ALA B 147 -5.43 4.29 34.82
C ALA B 147 -5.72 5.74 35.14
N LEU B 148 -6.78 6.28 34.55
CA LEU B 148 -7.08 7.70 34.74
C LEU B 148 -7.54 8.02 36.16
N ASP B 149 -7.02 9.11 36.70
CA ASP B 149 -7.55 9.68 37.97
C ASP B 149 -8.48 10.87 37.68
N LYS B 150 -9.04 11.44 38.75
CA LYS B 150 -9.84 12.63 38.66
C LYS B 150 -9.19 13.71 37.82
N ALA B 151 -7.92 14.03 38.05
CA ALA B 151 -7.27 15.15 37.31
C ALA B 151 -7.17 14.79 35.79
N GLY B 152 -6.84 13.53 35.52
CA GLY B 152 -6.80 13.01 34.14
C GLY B 152 -8.11 13.07 33.39
N MET B 153 -9.19 12.68 34.06
CA MET B 153 -10.50 12.70 33.44
C MET B 153 -10.95 14.14 33.21
N LYS B 154 -10.63 15.03 34.16
CA LYS B 154 -10.92 16.44 33.97
C LYS B 154 -10.15 17.00 32.77
N LYS B 155 -8.87 16.67 32.63
CA LYS B 155 -8.08 17.12 31.46
C LYS B 155 -8.76 16.70 30.16
N ILE B 156 -9.22 15.46 30.08
CA ILE B 156 -9.85 14.98 28.84
C ILE B 156 -11.19 15.70 28.61
N ARG B 157 -12.02 15.90 29.64
CA ARG B 157 -13.27 16.64 29.46
C ARG B 157 -12.95 18.04 28.88
N ASP B 158 -11.93 18.67 29.48
CA ASP B 158 -11.59 20.02 29.12
C ASP B 158 -11.01 20.08 27.73
N ASP B 159 -10.27 19.04 27.35
CA ASP B 159 -9.64 18.98 26.03
C ASP B 159 -10.73 18.80 24.93
N PHE B 160 -11.73 17.97 25.20
CA PHE B 160 -12.88 17.87 24.29
C PHE B 160 -13.57 19.24 24.11
N VAL B 161 -13.75 19.94 25.22
CA VAL B 161 -14.35 21.28 25.22
C VAL B 161 -13.54 22.27 24.40
N ALA B 162 -12.23 22.32 24.67
CA ALA B 162 -11.33 23.21 23.93
C ALA B 162 -11.31 22.93 22.41
N ALA B 163 -11.29 21.67 22.04
CA ALA B 163 -11.23 21.31 20.62
C ALA B 163 -12.59 21.62 19.99
N ALA B 164 -13.69 21.43 20.72
CA ALA B 164 -14.98 21.77 20.20
C ALA B 164 -15.08 23.30 19.94
N LYS B 165 -14.49 24.08 20.83
CA LYS B 165 -14.47 25.55 20.68
C LYS B 165 -13.66 25.98 19.46
N ARG B 166 -12.54 25.33 19.25
CA ARG B 166 -11.73 25.58 18.05
C ARG B 166 -12.48 25.21 16.81
N ALA B 167 -13.17 24.06 16.85
CA ALA B 167 -13.95 23.62 15.69
C ALA B 167 -15.06 24.64 15.38
N ALA B 168 -15.71 25.17 16.41
CA ALA B 168 -16.78 26.15 16.18
C ALA B 168 -16.24 27.42 15.55
N ARG B 169 -15.05 27.83 16.00
CA ARG B 169 -14.40 29.06 15.51
C ARG B 169 -13.92 28.88 14.05
N LEU B 170 -13.54 27.65 13.70
CA LEU B 170 -13.23 27.34 12.30
C LEU B 170 -14.46 27.28 11.40
N GLY B 171 -15.66 27.36 11.96
CA GLY B 171 -16.88 27.26 11.21
C GLY B 171 -17.26 25.83 10.84
N ILE B 172 -16.75 24.86 11.60
CA ILE B 172 -17.20 23.47 11.42
C ILE B 172 -18.65 23.39 11.90
N GLU B 173 -19.46 22.62 11.19
CA GLU B 173 -20.90 22.70 11.36
C GLU B 173 -21.51 21.66 12.29
N GLY B 174 -20.68 20.77 12.81
CA GLY B 174 -21.15 19.65 13.59
C GLY B 174 -20.01 18.89 14.19
N ILE B 175 -20.30 18.20 15.30
CA ILE B 175 -19.32 17.33 15.99
C ILE B 175 -19.85 15.93 16.22
N GLU B 176 -19.03 14.96 15.79
CA GLU B 176 -19.20 13.54 16.19
C GLU B 176 -18.25 13.22 17.28
N VAL B 177 -18.78 12.89 18.44
CA VAL B 177 -17.95 12.45 19.51
C VAL B 177 -17.67 10.99 19.35
N HIS B 178 -16.42 10.62 19.35
CA HIS B 178 -16.01 9.24 19.04
C HIS B 178 -16.14 8.35 20.26
N GLY B 179 -17.22 7.58 20.31
CA GLY B 179 -17.48 6.57 21.39
C GLY B 179 -17.34 5.11 20.95
N ALA B 180 -16.60 4.85 19.85
CA ALA B 180 -16.52 3.52 19.25
C ALA B 180 -15.08 3.08 18.95
N HIS B 181 -14.94 1.99 18.20
CA HIS B 181 -13.64 1.44 17.74
C HIS B 181 -12.62 1.19 18.87
N GLY B 182 -13.12 0.85 20.03
CA GLY B 182 -12.29 0.54 21.15
C GLY B 182 -11.45 1.68 21.68
N TYR B 183 -11.77 2.93 21.28
CA TYR B 183 -11.04 4.09 21.73
C TYR B 183 -11.46 4.50 23.14
N LEU B 184 -11.03 5.67 23.61
CA LEU B 184 -11.15 5.99 25.05
C LEU B 184 -12.56 5.85 25.63
N LEU B 185 -13.52 6.47 24.97
CA LEU B 185 -14.89 6.38 25.44
C LEU B 185 -15.46 4.97 25.42
N HIS B 186 -15.20 4.23 24.35
CA HIS B 186 -15.61 2.87 24.27
C HIS B 186 -14.92 2.04 25.42
N GLN B 187 -13.70 2.37 25.77
CA GLN B 187 -12.99 1.68 26.86
C GLN B 187 -13.73 1.86 28.18
N PHE B 188 -14.33 3.04 28.41
CA PHE B 188 -15.12 3.28 29.59
C PHE B 188 -16.45 2.50 29.50
N LEU B 189 -17.06 2.47 28.33
CA LEU B 189 -18.33 1.76 28.16
C LEU B 189 -18.23 0.25 28.43
N SER B 190 -17.10 -0.34 28.05
CA SER B 190 -16.97 -1.76 28.03
C SER B 190 -16.33 -2.35 29.27
N PRO B 191 -16.99 -3.35 29.87
CA PRO B 191 -16.38 -4.07 30.99
C PRO B 191 -15.10 -4.84 30.69
N ILE B 192 -14.76 -5.05 29.42
CA ILE B 192 -13.48 -5.63 29.02
C ILE B 192 -12.32 -4.73 29.32
N ALA B 193 -12.51 -3.43 29.09
CA ALA B 193 -11.49 -2.44 29.33
C ALA B 193 -11.67 -1.73 30.66
N ASN B 194 -12.89 -1.64 31.17
CA ASN B 194 -13.16 -0.80 32.33
C ASN B 194 -13.29 -1.75 33.52
N HIS B 195 -12.26 -1.78 34.32
CA HIS B 195 -12.28 -2.46 35.63
C HIS B 195 -12.31 -1.57 36.85
N ARG B 196 -12.69 -0.32 36.68
CA ARG B 196 -12.77 0.60 37.76
C ARG B 196 -13.84 0.22 38.83
N THR B 197 -13.59 0.67 40.05
CA THR B 197 -14.49 0.41 41.16
C THR B 197 -15.17 1.66 41.73
N ASP B 198 -14.92 2.83 41.11
CA ASP B 198 -15.57 4.07 41.49
C ASP B 198 -16.88 4.22 40.70
N GLU B 199 -17.44 5.44 40.67
CA GLU B 199 -18.69 5.71 40.00
C GLU B 199 -18.59 5.69 38.46
N TYR B 200 -17.39 5.47 37.93
CA TYR B 200 -17.15 5.35 36.49
C TYR B 200 -16.95 3.92 35.98
N GLY B 201 -17.06 2.93 36.86
CA GLY B 201 -17.02 1.52 36.42
C GLY B 201 -18.06 0.65 37.14
N GLY B 202 -18.22 -0.58 36.63
CA GLY B 202 -19.19 -1.53 37.17
C GLY B 202 -20.51 -1.54 36.44
N SER B 203 -21.50 -0.88 37.02
CA SER B 203 -22.86 -0.89 36.48
C SER B 203 -22.84 -0.17 35.11
N LEU B 204 -23.88 -0.41 34.36
CA LEU B 204 -24.01 0.21 33.05
C LEU B 204 -24.09 1.71 33.17
N GLU B 205 -24.89 2.20 34.13
CA GLU B 205 -24.97 3.63 34.44
C GLU B 205 -23.58 4.23 34.70
N ASN B 206 -22.78 3.57 35.52
CA ASN B 206 -21.43 4.04 35.80
C ASN B 206 -20.55 4.05 34.56
N ARG B 207 -20.70 3.03 33.72
CA ARG B 207 -19.89 2.92 32.52
C ARG B 207 -20.22 3.99 31.49
N MET B 208 -21.51 4.33 31.36
CA MET B 208 -21.94 5.40 30.48
C MET B 208 -21.62 6.81 31.00
N ARG B 209 -21.36 6.94 32.30
CA ARG B 209 -21.20 8.23 32.93
C ARG B 209 -20.17 9.15 32.30
N PHE B 210 -18.94 8.69 32.15
CA PHE B 210 -17.88 9.56 31.60
C PHE B 210 -18.10 9.89 30.09
N PRO B 211 -18.40 8.88 29.26
CA PRO B 211 -18.77 9.22 27.87
C PRO B 211 -19.92 10.23 27.76
N LEU B 212 -20.92 10.08 28.62
CA LEU B 212 -21.99 11.06 28.65
C LEU B 212 -21.58 12.42 29.20
N GLU B 213 -20.69 12.46 30.18
CA GLU B 213 -20.11 13.72 30.60
C GLU B 213 -19.38 14.44 29.49
N VAL B 214 -18.58 13.68 28.75
CA VAL B 214 -17.85 14.24 27.61
C VAL B 214 -18.85 14.78 26.55
N PHE B 215 -19.88 14.01 26.19
CA PHE B 215 -20.94 14.44 25.28
C PHE B 215 -21.58 15.74 25.77
N ASP B 216 -21.93 15.76 27.07
CA ASP B 216 -22.59 16.95 27.63
C ASP B 216 -21.69 18.16 27.59
N ALA B 217 -20.41 17.98 27.89
CA ALA B 217 -19.47 19.08 27.91
C ALA B 217 -19.30 19.65 26.49
N VAL B 218 -19.18 18.76 25.51
CA VAL B 218 -19.10 19.18 24.11
C VAL B 218 -20.37 19.93 23.65
N ARG B 219 -21.53 19.39 23.99
CA ARG B 219 -22.79 19.98 23.59
C ARG B 219 -22.98 21.36 24.21
N GLU B 220 -22.52 21.53 25.44
CA GLU B 220 -22.59 22.82 26.11
C GLU B 220 -21.69 23.80 25.41
N ALA B 221 -20.50 23.38 25.04
CA ALA B 221 -19.54 24.34 24.50
C ALA B 221 -19.81 24.73 23.04
N PHE B 222 -20.40 23.80 22.27
CA PHE B 222 -20.56 24.00 20.83
C PHE B 222 -21.86 24.77 20.57
N PRO B 223 -21.85 25.72 19.60
CA PRO B 223 -23.05 26.51 19.40
C PRO B 223 -24.33 25.70 19.28
N ALA B 224 -25.35 26.08 20.08
CA ALA B 224 -26.50 25.20 20.30
C ALA B 224 -27.26 24.79 19.05
N GLU B 225 -27.31 25.66 18.07
CA GLU B 225 -27.98 25.36 16.79
C GLU B 225 -27.27 24.26 15.96
N ARG B 226 -25.97 24.07 16.18
CA ARG B 226 -25.18 23.15 15.37
C ARG B 226 -25.25 21.76 16.00
N PRO B 227 -25.38 20.72 15.19
CA PRO B 227 -25.58 19.35 15.76
C PRO B 227 -24.34 18.78 16.42
N VAL B 228 -24.55 18.05 17.50
CA VAL B 228 -23.53 17.29 18.15
C VAL B 228 -24.15 15.92 18.39
N TRP B 229 -23.38 14.88 18.06
CA TRP B 229 -23.83 13.49 18.22
C TRP B 229 -22.70 12.60 18.66
N MET B 230 -22.97 11.32 18.81
CA MET B 230 -21.93 10.37 19.21
C MET B 230 -21.94 9.20 18.24
N ARG B 231 -20.74 8.67 18.04
CA ARG B 231 -20.49 7.45 17.31
C ARG B 231 -20.45 6.32 18.32
N VAL B 232 -21.25 5.27 18.09
CA VAL B 232 -21.30 4.15 19.05
C VAL B 232 -21.14 2.84 18.36
N SER B 233 -20.42 1.92 19.00
CA SER B 233 -20.31 0.57 18.45
C SER B 233 -21.60 -0.19 18.77
N ALA B 234 -22.23 -0.83 17.80
CA ALA B 234 -23.50 -1.58 18.07
C ALA B 234 -23.35 -2.62 19.19
N THR B 235 -22.24 -3.37 19.16
CA THR B 235 -21.94 -4.42 20.15
C THR B 235 -20.50 -4.89 19.97
N ASP B 236 -19.93 -5.47 21.01
CA ASP B 236 -18.73 -6.25 20.89
C ASP B 236 -19.05 -7.64 20.32
N TRP B 237 -18.02 -8.29 19.78
CA TRP B 237 -18.10 -9.64 19.21
C TRP B 237 -18.04 -10.67 20.37
N VAL B 238 -17.44 -10.28 21.49
CA VAL B 238 -17.25 -11.15 22.65
C VAL B 238 -18.32 -10.94 23.71
N PRO B 239 -18.51 -11.93 24.61
CA PRO B 239 -19.45 -11.78 25.70
C PRO B 239 -18.93 -10.89 26.83
N ASN B 240 -19.84 -10.43 27.68
CA ASN B 240 -19.51 -9.62 28.83
C ASN B 240 -18.75 -8.35 28.48
N GLY B 241 -19.07 -7.79 27.31
CA GLY B 241 -18.45 -6.54 26.87
C GLY B 241 -19.59 -5.57 26.65
N TRP B 242 -19.37 -4.62 25.73
CA TRP B 242 -20.47 -3.78 25.23
C TRP B 242 -21.42 -4.59 24.39
N ASP B 243 -22.72 -4.28 24.48
CA ASP B 243 -23.73 -5.01 23.73
C ASP B 243 -24.79 -4.07 23.18
N ILE B 244 -25.67 -4.63 22.36
CA ILE B 244 -26.76 -3.89 21.76
C ILE B 244 -27.65 -3.25 22.83
N GLU B 245 -27.88 -3.95 23.93
CA GLU B 245 -28.64 -3.34 25.02
C GLU B 245 -27.95 -2.10 25.57
N GLY B 246 -26.63 -2.13 25.71
CA GLY B 246 -25.93 -0.93 26.14
C GLY B 246 -26.10 0.19 25.08
N THR B 247 -25.96 -0.17 23.80
CA THR B 247 -26.11 0.85 22.75
C THR B 247 -27.47 1.53 22.78
N ILE B 248 -28.50 0.73 23.04
CA ILE B 248 -29.87 1.29 23.13
C ILE B 248 -30.01 2.21 24.35
N ALA B 249 -29.47 1.78 25.50
CA ALA B 249 -29.55 2.62 26.69
C ALA B 249 -28.79 3.91 26.50
N LEU B 250 -27.60 3.79 25.91
CA LEU B 250 -26.77 4.96 25.68
C LEU B 250 -27.50 5.91 24.71
N SER B 251 -28.11 5.35 23.68
CA SER B 251 -28.80 6.15 22.66
C SER B 251 -29.95 6.89 23.29
N HIS B 252 -30.68 6.25 24.20
CA HIS B 252 -31.79 6.91 24.90
C HIS B 252 -31.29 8.10 25.71
N GLU B 253 -30.16 7.93 26.39
CA GLU B 253 -29.55 9.03 27.13
C GLU B 253 -29.08 10.13 26.23
N LEU B 254 -28.45 9.77 25.12
CA LEU B 254 -28.05 10.79 24.13
C LEU B 254 -29.22 11.63 23.65
N LYS B 255 -30.33 10.98 23.33
CA LYS B 255 -31.55 11.67 22.92
C LYS B 255 -32.03 12.60 24.02
N ALA B 256 -32.08 12.10 25.25
CA ALA B 256 -32.53 12.92 26.38
C ALA B 256 -31.55 14.08 26.65
N ARG B 257 -30.28 13.95 26.27
CA ARG B 257 -29.34 15.02 26.50
C ARG B 257 -29.14 15.96 25.29
N GLY B 258 -29.99 15.87 24.29
CA GLY B 258 -29.99 16.80 23.17
C GLY B 258 -29.08 16.44 22.01
N SER B 259 -28.69 15.17 21.91
CA SER B 259 -27.92 14.73 20.76
C SER B 259 -28.75 14.89 19.49
N ALA B 260 -28.09 15.29 18.39
CA ALA B 260 -28.78 15.48 17.13
C ALA B 260 -29.02 14.16 16.36
N ALA B 261 -28.29 13.12 16.74
CA ALA B 261 -28.25 11.90 16.00
C ALA B 261 -27.53 10.82 16.80
N VAL B 262 -27.48 9.63 16.25
CA VAL B 262 -26.52 8.63 16.72
C VAL B 262 -25.95 7.93 15.47
N HIS B 263 -24.64 7.69 15.48
CA HIS B 263 -23.97 7.05 14.34
C HIS B 263 -23.55 5.65 14.81
N VAL B 264 -24.14 4.61 14.22
CA VAL B 264 -24.07 3.25 14.75
C VAL B 264 -23.14 2.44 13.88
N SER B 265 -22.03 1.98 14.48
CA SER B 265 -21.09 1.13 13.76
C SER B 265 -21.65 -0.27 13.65
N THR B 266 -21.03 -1.16 12.86
CA THR B 266 -21.74 -2.37 12.48
C THR B 266 -21.81 -3.45 13.57
N GLY B 267 -21.01 -3.30 14.61
CA GLY B 267 -20.90 -4.33 15.65
C GLY B 267 -20.24 -5.59 15.13
N GLY B 268 -19.50 -5.45 14.03
CA GLY B 268 -18.76 -6.58 13.48
C GLY B 268 -19.55 -7.47 12.54
N VAL B 269 -20.81 -7.11 12.26
CA VAL B 269 -21.67 -7.90 11.36
C VAL B 269 -21.79 -7.08 10.07
N SER B 270 -21.21 -7.59 9.01
CA SER B 270 -21.33 -6.96 7.69
C SER B 270 -22.67 -7.27 7.01
N PRO B 271 -23.00 -6.49 5.97
CA PRO B 271 -24.21 -6.82 5.22
C PRO B 271 -24.22 -8.23 4.63
N GLN B 272 -23.08 -8.73 4.18
CA GLN B 272 -23.00 -10.10 3.62
C GLN B 272 -23.44 -11.17 4.61
N GLN B 273 -23.05 -10.98 5.86
CA GLN B 273 -23.50 -11.87 6.95
C GLN B 273 -24.97 -11.60 7.33
N ALA B 274 -25.29 -10.32 7.51
CA ALA B 274 -26.57 -9.90 8.06
C ALA B 274 -27.77 -10.21 7.21
N ILE B 275 -27.65 -10.06 5.89
CA ILE B 275 -28.81 -10.24 4.99
C ILE B 275 -29.32 -11.70 4.96
N LYS B 276 -28.48 -12.62 5.43
CA LYS B 276 -28.80 -14.05 5.51
C LYS B 276 -29.49 -14.46 6.79
N ILE B 277 -29.62 -13.54 7.76
CA ILE B 277 -30.15 -13.86 9.09
C ILE B 277 -31.45 -13.12 9.37
N GLY B 278 -32.49 -13.86 9.77
CA GLY B 278 -33.74 -13.29 10.22
C GLY B 278 -34.43 -12.47 9.15
N PRO B 279 -34.93 -11.26 9.51
CA PRO B 279 -35.50 -10.37 8.49
C PRO B 279 -34.52 -9.96 7.38
N GLY B 280 -33.22 -10.15 7.60
CA GLY B 280 -32.25 -9.85 6.53
C GLY B 280 -31.91 -8.38 6.35
N TYR B 281 -32.08 -7.57 7.39
CA TYR B 281 -31.56 -6.14 7.35
C TYR B 281 -30.09 -6.15 7.04
N GLN B 282 -29.62 -5.16 6.26
CA GLN B 282 -28.21 -5.00 6.02
C GLN B 282 -27.49 -4.47 7.24
N VAL B 283 -28.15 -3.57 7.96
CA VAL B 283 -27.59 -2.95 9.16
C VAL B 283 -28.59 -3.18 10.31
N PRO B 284 -28.62 -4.44 10.79
CA PRO B 284 -29.71 -4.77 11.72
C PRO B 284 -29.64 -3.98 13.04
N TYR B 285 -28.44 -3.68 13.50
CA TYR B 285 -28.34 -2.96 14.76
C TYR B 285 -28.77 -1.50 14.63
N ALA B 286 -28.33 -0.83 13.59
CA ALA B 286 -28.84 0.52 13.31
C ALA B 286 -30.38 0.52 13.18
N GLN B 287 -30.95 -0.50 12.56
CA GLN B 287 -32.40 -0.56 12.34
C GLN B 287 -33.13 -0.60 13.68
N ARG B 288 -32.59 -1.40 14.59
CA ARG B 288 -33.19 -1.51 15.90
C ARG B 288 -33.05 -0.23 16.73
N VAL B 289 -31.85 0.39 16.71
CA VAL B 289 -31.64 1.66 17.42
C VAL B 289 -32.57 2.75 16.86
N LYS B 290 -32.68 2.83 15.54
CA LYS B 290 -33.63 3.76 14.88
C LYS B 290 -35.05 3.54 15.39
N ALA B 291 -35.47 2.28 15.34
CA ALA B 291 -36.83 1.92 15.67
C ALA B 291 -37.13 2.22 17.14
N GLU B 292 -36.22 1.86 18.02
CA GLU B 292 -36.52 1.98 19.46
C GLU B 292 -36.27 3.35 20.06
N VAL B 293 -35.29 4.08 19.56
CA VAL B 293 -34.96 5.34 20.14
C VAL B 293 -35.55 6.52 19.37
N GLY B 294 -35.54 6.47 18.05
CA GLY B 294 -36.09 7.58 17.28
C GLY B 294 -35.19 8.75 17.05
N LEU B 295 -33.90 8.64 17.34
CA LEU B 295 -32.96 9.67 16.90
C LEU B 295 -32.75 9.54 15.38
N PRO B 296 -32.38 10.64 14.71
CA PRO B 296 -31.80 10.46 13.39
C PRO B 296 -30.61 9.50 13.47
N THR B 297 -30.68 8.44 12.70
CA THR B 297 -29.77 7.31 12.88
C THR B 297 -28.89 7.20 11.64
N MET B 298 -27.61 7.44 11.82
CA MET B 298 -26.60 7.23 10.80
C MET B 298 -26.06 5.83 10.95
N ALA B 299 -25.96 5.07 9.87
CA ALA B 299 -25.45 3.71 9.92
C ALA B 299 -24.23 3.60 9.09
N VAL B 300 -23.21 2.96 9.65
CA VAL B 300 -22.06 2.56 8.84
C VAL B 300 -22.55 1.52 7.86
N GLY B 301 -22.36 1.82 6.57
CA GLY B 301 -22.78 0.97 5.50
C GLY B 301 -21.56 0.42 4.79
N LEU B 302 -21.22 -0.84 5.08
CA LEU B 302 -20.04 -1.48 4.47
C LEU B 302 -20.50 -2.03 3.12
N ILE B 303 -20.79 -1.10 2.22
CA ILE B 303 -21.45 -1.38 0.95
C ILE B 303 -20.69 -0.67 -0.16
N THR B 304 -20.93 -1.10 -1.39
CA THR B 304 -20.34 -0.49 -2.56
C THR B 304 -21.33 -0.04 -3.61
N GLU B 305 -22.55 -0.60 -3.60
CA GLU B 305 -23.53 -0.36 -4.68
C GLU B 305 -24.63 0.58 -4.25
N ALA B 306 -25.03 1.46 -5.17
CA ALA B 306 -26.15 2.36 -4.99
C ALA B 306 -27.41 1.64 -4.50
N GLU B 307 -27.69 0.49 -5.09
CA GLU B 307 -28.86 -0.29 -4.71
C GLU B 307 -28.85 -0.76 -3.25
N GLN B 308 -27.68 -1.11 -2.73
CA GLN B 308 -27.54 -1.47 -1.31
C GLN B 308 -27.86 -0.28 -0.40
N ALA B 309 -27.31 0.89 -0.75
CA ALA B 309 -27.54 2.08 0.05
C ALA B 309 -29.01 2.55 -0.01
N GLU B 310 -29.60 2.53 -1.20
CA GLU B 310 -30.99 2.86 -1.37
C GLU B 310 -31.86 1.92 -0.52
N ALA B 311 -31.54 0.62 -0.53
CA ALA B 311 -32.35 -0.35 0.21
C ALA B 311 -32.30 -0.09 1.73
N ILE B 312 -31.12 0.28 2.24
CA ILE B 312 -30.98 0.62 3.66
C ILE B 312 -31.90 1.78 4.02
N ILE B 313 -31.97 2.81 3.17
CA ILE B 313 -32.81 3.97 3.46
C ILE B 313 -34.28 3.59 3.24
N ALA B 314 -34.56 2.96 2.09
CA ALA B 314 -35.96 2.67 1.72
C ALA B 314 -36.63 1.70 2.67
N ASN B 315 -35.85 0.74 3.21
CA ASN B 315 -36.37 -0.23 4.16
C ASN B 315 -36.32 0.27 5.63
N ASN B 316 -36.11 1.59 5.81
CA ASN B 316 -36.16 2.21 7.11
C ASN B 316 -35.14 1.65 8.08
N GLU B 317 -33.97 1.26 7.58
CA GLU B 317 -32.92 0.73 8.47
C GLU B 317 -32.06 1.82 9.06
N ALA B 318 -32.00 2.98 8.39
CA ALA B 318 -31.22 4.12 8.86
C ALA B 318 -31.71 5.34 8.14
N ASP B 319 -31.42 6.51 8.70
CA ASP B 319 -31.75 7.77 8.08
C ASP B 319 -30.63 8.33 7.19
N ILE B 320 -29.40 8.06 7.58
CA ILE B 320 -28.21 8.51 6.86
C ILE B 320 -27.33 7.25 6.78
N ILE B 321 -26.64 7.09 5.66
CA ILE B 321 -25.69 5.97 5.53
C ILE B 321 -24.30 6.59 5.38
N SER B 322 -23.37 6.15 6.22
CA SER B 322 -21.98 6.62 6.13
C SER B 322 -21.24 5.63 5.28
N ILE B 323 -20.42 6.13 4.36
CA ILE B 323 -19.68 5.27 3.41
C ILE B 323 -18.20 5.62 3.53
N ALA B 324 -17.39 4.59 3.66
CA ALA B 324 -15.98 4.77 3.87
C ALA B 324 -15.15 4.30 2.67
N ARG B 325 -14.75 3.02 2.64
CA ARG B 325 -13.85 2.55 1.60
C ARG B 325 -14.33 2.81 0.19
N ALA B 326 -15.63 2.67 -0.06
CA ALA B 326 -16.12 2.88 -1.42
C ALA B 326 -15.93 4.33 -1.91
N MET B 327 -15.90 5.26 -0.96
CA MET B 327 -15.62 6.67 -1.26
C MET B 327 -14.15 6.89 -1.59
N LEU B 328 -13.25 6.09 -1.00
CA LEU B 328 -11.84 6.23 -1.34
C LEU B 328 -11.58 5.63 -2.74
N TYR B 329 -12.26 4.52 -3.02
CA TYR B 329 -12.07 3.81 -4.30
C TYR B 329 -12.89 4.44 -5.41
N ASP B 330 -13.85 5.27 -5.02
CA ASP B 330 -14.66 6.07 -5.98
C ASP B 330 -15.10 7.38 -5.33
N PRO B 331 -14.26 8.43 -5.41
CA PRO B 331 -14.64 9.67 -4.77
C PRO B 331 -15.80 10.39 -5.42
N ARG B 332 -16.28 9.86 -6.57
CA ARG B 332 -17.48 10.34 -7.21
C ARG B 332 -18.62 9.36 -6.91
N TRP B 333 -18.51 8.55 -5.88
CA TRP B 333 -19.56 7.58 -5.57
C TRP B 333 -20.96 8.17 -5.59
N PRO B 334 -21.16 9.37 -4.99
CA PRO B 334 -22.54 9.90 -5.01
C PRO B 334 -23.03 10.25 -6.42
N TRP B 335 -22.15 10.74 -7.28
CA TRP B 335 -22.51 10.97 -8.71
C TRP B 335 -22.99 9.66 -9.37
N HIS B 336 -22.24 8.61 -9.13
CA HIS B 336 -22.46 7.33 -9.80
C HIS B 336 -23.73 6.72 -9.27
N ALA B 337 -23.99 6.91 -7.98
CA ALA B 337 -25.22 6.43 -7.37
C ALA B 337 -26.45 7.19 -7.87
N ALA B 338 -26.32 8.50 -7.99
CA ALA B 338 -27.36 9.32 -8.54
C ALA B 338 -27.70 8.86 -9.96
N ALA B 339 -26.67 8.59 -10.75
CA ALA B 339 -26.88 8.15 -12.13
C ALA B 339 -27.69 6.85 -12.18
N LYS B 340 -27.38 5.94 -11.24
CA LYS B 340 -28.06 4.63 -11.17
C LYS B 340 -29.49 4.77 -10.73
N LEU B 341 -29.76 5.70 -9.81
CA LEU B 341 -31.06 5.84 -9.12
C LEU B 341 -31.98 6.93 -9.69
N GLY B 342 -31.55 7.63 -10.74
CA GLY B 342 -32.36 8.66 -11.36
C GLY B 342 -32.39 9.97 -10.60
N ALA B 343 -31.32 10.27 -9.86
CA ALA B 343 -31.24 11.48 -9.04
C ALA B 343 -30.22 12.46 -9.61
N SER B 344 -30.12 13.60 -8.96
CA SER B 344 -29.11 14.60 -9.29
C SER B 344 -28.26 14.97 -8.09
N VAL B 345 -27.12 15.56 -8.39
CA VAL B 345 -26.17 15.91 -7.37
C VAL B 345 -25.57 17.27 -7.69
N ASN B 346 -25.11 17.90 -6.64
CA ASN B 346 -24.22 19.06 -6.71
C ASN B 346 -22.83 18.67 -7.10
N ALA B 347 -22.36 19.16 -8.25
CA ALA B 347 -21.03 18.91 -8.72
C ALA B 347 -20.40 20.27 -9.00
N PRO B 348 -19.09 20.41 -8.76
CA PRO B 348 -18.50 21.72 -9.09
C PRO B 348 -18.58 22.01 -10.59
N LYS B 349 -18.81 23.29 -10.93
CA LYS B 349 -18.98 23.69 -12.32
C LYS B 349 -17.78 23.30 -13.22
N GLN B 350 -16.59 23.24 -12.64
CA GLN B 350 -15.39 22.83 -13.39
C GLN B 350 -15.50 21.42 -14.01
N TYR B 351 -16.37 20.62 -13.41
CA TYR B 351 -16.57 19.25 -13.82
C TYR B 351 -17.90 18.95 -14.50
N TRP B 352 -18.70 19.97 -14.80
CA TRP B 352 -20.01 19.70 -15.37
C TRP B 352 -19.98 19.00 -16.74
N ARG B 353 -18.92 19.15 -17.50
CA ARG B 353 -18.81 18.50 -18.81
C ARG B 353 -18.40 17.04 -18.72
N SER B 354 -18.20 16.54 -17.53
CA SER B 354 -17.82 15.13 -17.35
C SER B 354 -18.96 14.12 -17.48
N GLN B 355 -20.18 14.60 -17.50
CA GLN B 355 -21.36 13.75 -17.53
C GLN B 355 -21.26 12.82 -18.75
N PRO B 356 -21.38 11.51 -18.55
CA PRO B 356 -21.35 10.65 -19.70
C PRO B 356 -22.43 10.95 -20.73
N ARG B 357 -22.07 10.60 -21.95
CA ARG B 357 -22.96 10.65 -23.10
C ARG B 357 -24.36 10.15 -22.86
N GLY B 358 -24.47 9.01 -22.17
CA GLY B 358 -25.78 8.42 -21.87
C GLY B 358 -26.74 9.32 -21.09
N LEU B 359 -26.21 10.18 -20.22
CA LEU B 359 -27.00 10.80 -19.17
C LEU B 359 -27.31 12.22 -19.49
N GLU B 360 -28.34 12.72 -18.83
CA GLU B 360 -28.79 14.11 -18.89
C GLU B 360 -29.22 14.53 -17.51
N LYS B 361 -29.00 15.79 -17.17
CA LYS B 361 -29.49 16.36 -15.89
C LYS B 361 -28.92 15.73 -14.60
N LEU B 362 -27.77 15.08 -14.70
CA LEU B 362 -27.14 14.50 -13.51
C LEU B 362 -26.72 15.59 -12.53
N PHE B 363 -26.19 16.68 -13.09
CA PHE B 363 -25.66 17.72 -12.25
C PHE B 363 -26.66 18.82 -12.08
N LYS B 364 -26.97 19.16 -10.83
CA LYS B 364 -27.94 20.22 -10.55
C LYS B 364 -27.54 21.56 -11.17
N ASP B 365 -28.45 22.12 -11.94
CA ASP B 365 -28.32 23.48 -12.52
C ASP B 365 -27.13 23.68 -13.46
N ALA B 366 -26.66 22.62 -14.12
CA ALA B 366 -25.51 22.75 -15.03
C ALA B 366 -25.89 23.52 -16.29
N HIS B 367 -24.94 24.30 -16.82
CA HIS B 367 -25.11 25.12 -18.02
C HIS B 367 -23.79 25.05 -18.78
N PHE B 368 -23.87 25.12 -20.11
CA PHE B 368 -22.69 25.00 -20.95
C PHE B 368 -22.87 25.82 -22.21
N GLY B 369 -21.82 26.53 -22.62
CA GLY B 369 -21.77 27.14 -23.96
C GLY B 369 -20.32 27.32 -24.32
N GLN B 370 -20.01 27.25 -25.61
CA GLN B 370 -18.65 27.50 -26.11
C GLN B 370 -18.77 28.15 -27.48
N ARG B 371 -17.82 29.02 -27.81
CA ARG B 371 -17.71 29.58 -29.14
C ARG B 371 -17.18 28.48 -30.08
N MET C 1 31.76 -17.76 19.89
CA MET C 1 33.11 -17.93 19.25
C MET C 1 33.09 -17.72 17.70
N PRO C 2 33.10 -16.46 17.30
CA PRO C 2 32.98 -16.19 15.89
C PRO C 2 34.31 -16.35 15.16
N HIS C 3 34.21 -16.73 13.89
CA HIS C 3 35.37 -17.04 13.02
C HIS C 3 35.16 -16.47 11.63
N LEU C 4 36.26 -16.16 10.98
CA LEU C 4 36.21 -15.63 9.63
C LEU C 4 35.34 -16.42 8.67
N PHE C 5 35.39 -17.74 8.76
CA PHE C 5 34.63 -18.60 7.84
C PHE C 5 33.27 -19.08 8.33
N ASP C 6 32.75 -18.46 9.40
CA ASP C 6 31.35 -18.63 9.76
C ASP C 6 30.51 -18.10 8.61
N PRO C 7 29.41 -18.78 8.28
CA PRO C 7 28.40 -18.17 7.48
C PRO C 7 27.80 -16.99 8.26
N TYR C 8 27.29 -16.00 7.55
CA TYR C 8 26.80 -14.82 8.23
C TYR C 8 25.62 -14.30 7.46
N ARG C 9 25.10 -13.16 7.86
CA ARG C 9 23.90 -12.67 7.26
C ARG C 9 23.88 -11.14 7.40
N ILE C 10 23.47 -10.42 6.35
CA ILE C 10 23.15 -8.98 6.49
C ILE C 10 21.75 -8.80 6.04
N GLY C 11 20.90 -8.35 6.95
CA GLY C 11 19.48 -8.41 6.68
C GLY C 11 19.10 -9.85 6.35
N ASN C 12 18.35 -10.07 5.28
CA ASN C 12 18.01 -11.42 4.83
C ASN C 12 18.99 -12.07 3.89
N LEU C 13 20.08 -11.38 3.52
CA LEU C 13 21.07 -11.94 2.62
C LEU C 13 22.06 -12.80 3.39
N GLU C 14 22.04 -14.11 3.08
CA GLU C 14 22.96 -15.07 3.67
C GLU C 14 24.29 -14.95 2.95
N LEU C 15 25.37 -14.90 3.71
CA LEU C 15 26.72 -14.82 3.18
C LEU C 15 27.49 -16.09 3.53
N ALA C 16 28.26 -16.60 2.57
CA ALA C 16 28.96 -17.87 2.82
C ALA C 16 30.06 -17.78 3.89
N ASN C 17 30.62 -16.60 4.11
CA ASN C 17 31.65 -16.37 5.10
C ASN C 17 31.64 -14.86 5.43
N ARG C 18 32.57 -14.41 6.27
CA ARG C 18 32.60 -13.01 6.66
C ARG C 18 33.47 -12.15 5.79
N ILE C 19 33.90 -12.68 4.64
CA ILE C 19 34.80 -11.96 3.75
C ILE C 19 34.04 -11.19 2.69
N ALA C 20 34.29 -9.88 2.61
CA ALA C 20 33.75 -8.99 1.58
C ALA C 20 34.85 -8.40 0.74
N ILE C 21 34.60 -8.35 -0.56
CA ILE C 21 35.43 -7.64 -1.48
C ILE C 21 34.92 -6.19 -1.48
N ALA C 22 35.76 -5.30 -0.95
CA ALA C 22 35.40 -3.90 -0.82
C ALA C 22 35.22 -3.25 -2.20
N PRO C 23 34.37 -2.21 -2.29
CA PRO C 23 34.19 -1.52 -3.56
C PRO C 23 35.52 -0.92 -4.05
N MET C 24 35.81 -1.16 -5.33
CA MET C 24 37.09 -0.67 -5.92
C MET C 24 36.88 -0.13 -7.32
N CYS C 25 36.84 1.19 -7.43
CA CYS C 25 36.80 1.87 -8.72
C CYS C 25 37.87 1.38 -9.66
N GLN C 26 37.44 1.08 -10.88
CA GLN C 26 38.31 0.66 -11.96
C GLN C 26 38.57 1.73 -13.00
N TYR C 27 37.78 2.81 -12.99
CA TYR C 27 37.92 3.91 -13.92
C TYR C 27 38.03 3.39 -15.38
N SER C 28 37.25 2.39 -15.71
CA SER C 28 37.31 1.69 -16.97
C SER C 28 35.98 1.60 -17.69
N ALA C 29 35.02 2.46 -17.35
CA ALA C 29 33.73 2.49 -18.05
C ALA C 29 33.75 3.58 -19.12
N GLN C 30 32.77 3.57 -19.98
CA GLN C 30 32.71 4.53 -21.08
C GLN C 30 31.31 5.07 -21.05
N GLU C 31 31.18 6.37 -20.74
CA GLU C 31 29.85 6.99 -20.58
C GLU C 31 28.98 6.23 -19.60
N GLY C 32 29.61 5.78 -18.50
CA GLY C 32 28.98 5.00 -17.48
C GLY C 32 28.83 3.51 -17.74
N ASN C 33 29.04 3.10 -18.99
CA ASN C 33 28.85 1.71 -19.39
C ASN C 33 29.98 0.81 -19.00
N ALA C 34 29.64 -0.29 -18.32
CA ALA C 34 30.61 -1.38 -18.11
C ALA C 34 31.21 -1.87 -19.44
N THR C 35 32.49 -2.24 -19.40
CA THR C 35 33.20 -2.68 -20.57
C THR C 35 33.78 -4.07 -20.32
N ASP C 36 34.47 -4.58 -21.33
CA ASP C 36 35.13 -5.87 -21.20
C ASP C 36 36.02 -5.95 -19.94
N TRP C 37 36.56 -4.83 -19.51
CA TRP C 37 37.37 -4.82 -18.29
C TRP C 37 36.55 -5.34 -17.14
N HIS C 38 35.30 -4.87 -17.02
CA HIS C 38 34.50 -5.30 -15.93
C HIS C 38 34.15 -6.76 -15.94
N MET C 39 33.94 -7.36 -17.12
CA MET C 39 33.71 -8.81 -17.13
C MET C 39 34.95 -9.56 -16.62
N ILE C 40 36.13 -9.10 -17.03
CA ILE C 40 37.39 -9.76 -16.60
C ILE C 40 37.62 -9.57 -15.08
N HIS C 41 37.45 -8.34 -14.63
CA HIS C 41 37.69 -7.98 -13.24
C HIS C 41 36.65 -8.54 -12.28
N LEU C 42 35.36 -8.20 -12.49
CA LEU C 42 34.33 -8.74 -11.62
C LEU C 42 34.19 -10.26 -11.73
N GLY C 43 34.34 -10.80 -12.94
CA GLY C 43 34.39 -12.23 -13.15
C GLY C 43 35.41 -12.88 -12.28
N GLN C 44 36.64 -12.37 -12.30
CA GLN C 44 37.67 -12.97 -11.45
C GLN C 44 37.41 -12.75 -9.95
N MET C 45 36.91 -11.58 -9.55
CA MET C 45 36.61 -11.36 -8.15
C MET C 45 35.57 -12.37 -7.65
N ALA C 46 34.61 -12.68 -8.50
CA ALA C 46 33.54 -13.61 -8.16
C ALA C 46 34.00 -15.06 -7.97
N LEU C 47 35.17 -15.43 -8.49
CA LEU C 47 35.72 -16.77 -8.38
C LEU C 47 36.49 -16.96 -7.08
N SER C 48 36.56 -15.92 -6.26
CA SER C 48 37.53 -15.86 -5.17
C SER C 48 37.14 -16.65 -3.92
N GLY C 49 35.86 -16.98 -3.81
CA GLY C 49 35.34 -17.66 -2.65
C GLY C 49 34.94 -16.72 -1.55
N ALA C 50 35.09 -15.40 -1.75
CA ALA C 50 34.55 -14.45 -0.78
C ALA C 50 33.04 -14.61 -0.71
N GLY C 51 32.46 -14.29 0.45
CA GLY C 51 31.03 -14.32 0.57
C GLY C 51 30.30 -13.17 -0.12
N LEU C 52 30.96 -12.04 -0.21
CA LEU C 52 30.32 -10.79 -0.62
C LEU C 52 31.16 -10.01 -1.56
N LEU C 53 30.57 -9.57 -2.67
CA LEU C 53 31.22 -8.66 -3.60
C LEU C 53 30.46 -7.36 -3.58
N ILE C 54 31.18 -6.26 -3.35
CA ILE C 54 30.60 -4.92 -3.45
C ILE C 54 31.18 -4.28 -4.66
N ILE C 55 30.34 -4.13 -5.69
CA ILE C 55 30.76 -3.41 -6.91
C ILE C 55 31.18 -1.98 -6.61
N GLU C 56 32.19 -1.48 -7.34
CA GLU C 56 32.69 -0.12 -7.24
C GLU C 56 31.67 1.00 -7.18
N ALA C 57 32.10 2.15 -6.64
CA ALA C 57 31.34 3.42 -6.71
C ALA C 57 30.71 3.57 -8.07
N THR C 58 29.39 3.43 -8.10
CA THR C 58 28.60 3.50 -9.31
C THR C 58 27.76 4.79 -9.28
N ALA C 59 28.03 5.66 -10.23
CA ALA C 59 27.50 7.03 -10.23
C ALA C 59 25.99 7.00 -10.47
N VAL C 60 25.27 7.81 -9.72
CA VAL C 60 23.83 7.92 -9.92
C VAL C 60 23.45 8.92 -11.01
N SER C 61 24.41 9.66 -11.54
CA SER C 61 24.21 10.63 -12.59
C SER C 61 25.58 10.89 -13.21
N PRO C 62 25.60 11.43 -14.43
CA PRO C 62 26.91 11.74 -15.03
C PRO C 62 27.71 12.71 -14.21
N GLU C 63 27.04 13.72 -13.66
CA GLU C 63 27.76 14.75 -12.92
C GLU C 63 28.26 14.25 -11.56
N GLY C 64 27.70 13.15 -11.06
CA GLY C 64 28.12 12.50 -9.83
C GLY C 64 29.29 11.54 -9.97
N ARG C 65 29.76 11.32 -11.20
CA ARG C 65 30.99 10.48 -11.37
C ARG C 65 32.19 11.15 -10.71
N ILE C 66 33.10 10.35 -10.15
CA ILE C 66 34.44 10.85 -9.74
C ILE C 66 35.24 11.33 -10.96
N THR C 67 35.29 10.48 -11.99
CA THR C 67 36.07 10.65 -13.19
C THR C 67 35.19 10.36 -14.43
N PRO C 68 35.62 10.83 -15.59
CA PRO C 68 34.87 10.53 -16.81
C PRO C 68 34.73 9.03 -17.12
N THR C 69 35.59 8.18 -16.56
CA THR C 69 35.47 6.73 -16.80
C THR C 69 34.92 5.89 -15.63
N ASP C 70 34.23 6.54 -14.68
CA ASP C 70 33.53 5.80 -13.65
C ASP C 70 32.38 4.99 -14.22
N LEU C 71 32.11 3.89 -13.53
CA LEU C 71 30.95 3.10 -13.73
C LEU C 71 29.75 3.90 -13.32
N GLY C 72 28.67 3.76 -14.11
CA GLY C 72 27.41 4.50 -13.87
C GLY C 72 26.21 3.57 -13.92
N LEU C 73 25.10 4.02 -13.38
CA LEU C 73 23.84 3.28 -13.54
C LEU C 73 22.73 4.28 -13.70
N TYR C 74 22.91 5.16 -14.68
CA TYR C 74 22.07 6.35 -14.80
C TYR C 74 21.31 6.38 -16.09
N ASN C 75 21.33 5.28 -16.83
CA ASN C 75 20.51 5.15 -18.05
C ASN C 75 20.37 3.69 -18.48
N ASP C 76 19.55 3.44 -19.51
CA ASP C 76 19.35 2.08 -19.96
C ASP C 76 20.61 1.40 -20.51
N ALA C 77 21.49 2.16 -21.14
CA ALA C 77 22.71 1.57 -21.70
C ALA C 77 23.56 1.07 -20.54
N ASN C 78 23.58 1.86 -19.47
CA ASN C 78 24.43 1.51 -18.32
C ASN C 78 23.90 0.23 -17.70
N GLU C 79 22.58 0.15 -17.61
CA GLU C 79 21.94 -1.01 -17.04
C GLU C 79 22.25 -2.26 -17.88
N ALA C 80 22.10 -2.16 -19.21
CA ALA C 80 22.32 -3.32 -20.09
C ALA C 80 23.79 -3.79 -20.04
N ALA C 81 24.72 -2.84 -20.01
CA ALA C 81 26.17 -3.17 -19.99
C ALA C 81 26.50 -3.88 -18.71
N LEU C 82 26.01 -3.35 -17.57
CA LEU C 82 26.26 -4.03 -16.30
C LEU C 82 25.58 -5.42 -16.22
N GLY C 83 24.35 -5.51 -16.72
CA GLY C 83 23.66 -6.77 -16.82
C GLY C 83 24.45 -7.84 -17.54
N ARG C 84 25.15 -7.49 -18.62
CA ARG C 84 26.00 -8.48 -19.33
C ARG C 84 27.06 -9.03 -18.40
N VAL C 85 27.67 -8.13 -17.63
CA VAL C 85 28.72 -8.55 -16.72
C VAL C 85 28.17 -9.48 -15.65
N LEU C 86 27.06 -9.05 -15.05
CA LEU C 86 26.41 -9.79 -13.98
C LEU C 86 25.98 -11.19 -14.43
N GLY C 87 25.52 -11.32 -15.67
CA GLY C 87 25.16 -12.64 -16.22
C GLY C 87 26.33 -13.61 -16.20
N ALA C 88 27.48 -13.10 -16.59
CA ALA C 88 28.73 -13.89 -16.57
C ALA C 88 29.11 -14.28 -15.16
N VAL C 89 29.03 -13.31 -14.23
CA VAL C 89 29.34 -13.58 -12.85
C VAL C 89 28.42 -14.65 -12.28
N ARG C 90 27.12 -14.49 -12.45
CA ARG C 90 26.16 -15.48 -11.92
C ARG C 90 26.37 -16.89 -12.54
N ASN C 91 26.79 -16.94 -13.79
CA ASN C 91 27.10 -18.21 -14.48
C ASN C 91 28.26 -18.96 -13.85
N HIS C 92 29.16 -18.27 -13.19
CA HIS C 92 30.36 -18.91 -12.64
C HIS C 92 30.57 -18.79 -11.14
N SER C 93 29.62 -18.21 -10.40
CA SER C 93 29.83 -18.02 -8.99
C SER C 93 28.53 -17.86 -8.22
N PRO C 94 28.51 -18.34 -6.97
CA PRO C 94 27.39 -18.10 -6.08
C PRO C 94 27.54 -16.89 -5.17
N ILE C 95 28.54 -16.04 -5.42
CA ILE C 95 28.83 -14.92 -4.54
C ILE C 95 27.62 -14.00 -4.47
N ALA C 96 27.42 -13.37 -3.32
CA ALA C 96 26.43 -12.32 -3.19
C ALA C 96 26.96 -11.09 -3.86
N VAL C 97 26.22 -10.55 -4.81
CA VAL C 97 26.61 -9.35 -5.56
C VAL C 97 25.79 -8.14 -5.10
N THR C 98 26.48 -7.13 -4.60
CA THR C 98 25.89 -5.88 -4.16
C THR C 98 26.62 -4.72 -4.87
N ILE C 99 26.09 -3.52 -4.74
CA ILE C 99 26.62 -2.38 -5.45
C ILE C 99 26.68 -1.15 -4.57
N GLN C 100 27.74 -0.37 -4.71
CA GLN C 100 27.89 0.89 -4.01
C GLN C 100 27.37 1.97 -4.94
N LEU C 101 26.29 2.66 -4.54
CA LEU C 101 25.81 3.79 -5.28
C LEU C 101 26.39 5.06 -4.73
N ALA C 102 26.83 5.93 -5.65
CA ALA C 102 27.71 7.04 -5.32
C ALA C 102 27.42 8.34 -6.04
N HIS C 103 27.88 9.43 -5.46
CA HIS C 103 27.87 10.77 -6.07
C HIS C 103 29.09 11.46 -5.47
N ALA C 104 30.00 11.90 -6.34
CA ALA C 104 31.26 12.45 -5.89
C ALA C 104 31.19 13.90 -5.35
N GLY C 105 30.10 14.61 -5.60
CA GLY C 105 30.00 16.01 -5.16
C GLY C 105 31.12 16.81 -5.79
N ARG C 106 31.75 17.64 -4.96
CA ARG C 106 32.83 18.50 -5.43
C ARG C 106 34.07 17.76 -5.87
N LYS C 107 34.21 16.48 -5.52
CA LYS C 107 35.34 15.66 -5.97
C LYS C 107 35.12 14.98 -7.30
N ALA C 108 33.96 15.24 -7.92
CA ALA C 108 33.68 14.87 -9.31
C ALA C 108 34.54 15.58 -10.34
N SER C 109 34.48 15.08 -11.56
CA SER C 109 35.15 15.71 -12.69
C SER C 109 36.66 15.70 -12.45
N SER C 110 37.14 14.51 -12.09
CA SER C 110 38.57 14.27 -11.81
C SER C 110 39.18 13.35 -12.82
N GLU C 111 40.53 13.40 -12.93
CA GLU C 111 41.29 12.40 -13.66
C GLU C 111 41.30 11.09 -12.89
N ALA C 112 41.51 9.99 -13.61
CA ALA C 112 41.84 8.71 -13.01
C ALA C 112 43.17 8.80 -12.23
N PRO C 113 43.36 7.95 -11.25
CA PRO C 113 44.57 7.99 -10.45
C PRO C 113 45.83 7.84 -11.22
N TRP C 114 45.82 7.00 -12.26
CA TRP C 114 47.02 6.85 -13.08
C TRP C 114 47.33 8.04 -13.94
N ASP C 115 46.39 8.95 -14.09
CA ASP C 115 46.59 10.23 -14.77
C ASP C 115 46.80 11.40 -13.80
N GLY C 116 47.04 11.07 -12.54
CA GLY C 116 47.39 12.01 -11.47
C GLY C 116 46.22 12.50 -10.64
N GLY C 117 45.02 12.11 -11.03
CA GLY C 117 43.85 12.42 -10.20
C GLY C 117 43.40 13.87 -10.10
N GLY C 118 43.96 14.76 -10.89
CA GLY C 118 43.64 16.17 -10.75
C GLY C 118 42.24 16.54 -11.22
N GLN C 119 41.75 17.68 -10.74
CA GLN C 119 40.50 18.22 -11.27
C GLN C 119 40.57 18.50 -12.78
N ILE C 120 39.52 18.16 -13.49
CA ILE C 120 39.33 18.57 -14.86
C ILE C 120 38.31 19.70 -14.80
N ARG C 121 38.65 20.88 -15.30
CA ARG C 121 37.74 22.02 -15.15
C ARG C 121 36.52 21.88 -16.06
N PRO C 122 35.41 22.53 -15.68
CA PRO C 122 34.24 22.39 -16.52
C PRO C 122 34.44 22.86 -17.97
N ASP C 123 35.36 23.78 -18.19
CA ASP C 123 35.68 24.32 -19.52
C ASP C 123 36.54 23.38 -20.38
N GLN C 124 37.11 22.34 -19.77
CA GLN C 124 37.98 21.41 -20.49
C GLN C 124 37.10 20.32 -21.07
N PRO C 125 37.57 19.66 -22.15
CA PRO C 125 36.74 18.74 -22.89
C PRO C 125 36.00 17.68 -22.07
N ARG C 126 36.67 17.06 -21.10
CA ARG C 126 36.01 15.97 -20.34
C ARG C 126 35.45 16.43 -19.01
N GLY C 127 35.58 17.70 -18.73
CA GLY C 127 35.19 18.23 -17.42
C GLY C 127 33.74 18.61 -17.33
N TRP C 128 33.29 18.86 -16.10
CA TRP C 128 31.93 19.31 -15.92
C TRP C 128 31.75 20.07 -14.62
N GLN C 129 30.62 20.77 -14.56
CA GLN C 129 30.21 21.54 -13.40
C GLN C 129 29.86 20.58 -12.26
N THR C 130 30.40 20.85 -11.06
CA THR C 130 30.20 19.98 -9.89
C THR C 130 29.29 20.69 -8.87
N PHE C 131 28.76 19.89 -7.95
CA PHE C 131 27.80 20.29 -6.94
C PHE C 131 28.21 19.77 -5.56
N ALA C 132 27.81 20.51 -4.52
CA ALA C 132 28.26 20.25 -3.18
C ALA C 132 27.29 20.96 -2.23
N PRO C 133 27.36 20.68 -0.92
CA PRO C 133 26.54 21.52 0.00
C PRO C 133 26.85 22.99 -0.07
N SER C 134 28.12 23.33 -0.21
CA SER C 134 28.58 24.72 -0.29
C SER C 134 29.58 24.95 -1.44
N ALA C 135 29.68 26.19 -1.91
CA ALA C 135 30.55 26.53 -3.04
C ALA C 135 31.99 26.75 -2.59
N VAL C 136 32.56 25.70 -2.03
CA VAL C 136 33.90 25.72 -1.52
C VAL C 136 34.61 24.51 -2.08
N PRO C 137 35.83 24.70 -2.59
CA PRO C 137 36.53 23.56 -3.20
C PRO C 137 37.18 22.60 -2.23
N HIS C 138 37.42 21.41 -2.73
CA HIS C 138 38.14 20.39 -1.97
C HIS C 138 39.57 20.80 -1.63
N ALA C 139 40.24 21.41 -2.60
CA ALA C 139 41.59 21.91 -2.43
C ALA C 139 41.68 23.31 -2.99
N ALA C 140 42.50 24.11 -2.33
CA ALA C 140 42.67 25.49 -2.70
C ALA C 140 43.07 25.66 -4.17
N GLY C 141 42.42 26.63 -4.81
CA GLY C 141 42.69 26.96 -6.20
C GLY C 141 41.88 26.17 -7.21
N GLU C 142 41.15 25.14 -6.77
CA GLU C 142 40.34 24.38 -7.69
C GLU C 142 39.10 25.20 -8.06
N VAL C 143 38.53 24.91 -9.22
CA VAL C 143 37.24 25.44 -9.61
C VAL C 143 36.22 24.94 -8.59
N PRO C 144 35.51 25.86 -7.94
CA PRO C 144 34.60 25.43 -6.88
C PRO C 144 33.31 24.81 -7.41
N PRO C 145 32.69 23.94 -6.60
CA PRO C 145 31.39 23.43 -6.95
C PRO C 145 30.31 24.51 -6.78
N ALA C 146 29.14 24.30 -7.37
CA ALA C 146 27.99 25.14 -7.03
C ALA C 146 27.32 24.60 -5.79
N ALA C 147 26.85 25.49 -4.94
CA ALA C 147 26.09 25.09 -3.76
C ALA C 147 24.73 24.57 -4.21
N LEU C 148 24.32 23.42 -3.72
CA LEU C 148 23.06 22.80 -4.10
C LEU C 148 21.86 23.56 -3.60
N ASP C 149 20.90 23.72 -4.49
CA ASP C 149 19.62 24.26 -4.09
C ASP C 149 18.57 23.16 -3.95
N LYS C 150 17.36 23.56 -3.62
CA LYS C 150 16.30 22.59 -3.41
C LYS C 150 16.09 21.62 -4.59
N ALA C 151 16.04 22.14 -5.79
CA ALA C 151 15.82 21.27 -6.93
C ALA C 151 17.03 20.37 -7.16
N GLY C 152 18.24 20.91 -6.94
CA GLY C 152 19.47 20.10 -7.04
C GLY C 152 19.48 18.94 -6.08
N MET C 153 19.07 19.18 -4.84
CA MET C 153 19.01 18.13 -3.85
C MET C 153 17.94 17.08 -4.20
N LYS C 154 16.76 17.55 -4.65
CA LYS C 154 15.74 16.64 -5.13
C LYS C 154 16.23 15.76 -6.29
N LYS C 155 16.94 16.35 -7.25
CA LYS C 155 17.50 15.59 -8.36
C LYS C 155 18.37 14.45 -7.83
N ILE C 156 19.21 14.75 -6.85
CA ILE C 156 20.09 13.73 -6.31
C ILE C 156 19.30 12.61 -5.62
N ARG C 157 18.30 12.97 -4.81
CA ARG C 157 17.45 11.98 -4.21
C ARG C 157 16.84 11.11 -5.29
N ASP C 158 16.26 11.74 -6.31
CA ASP C 158 15.56 11.03 -7.38
C ASP C 158 16.51 10.17 -8.20
N ASP C 159 17.75 10.61 -8.34
CA ASP C 159 18.73 9.82 -9.07
C ASP C 159 19.19 8.58 -8.32
N PHE C 160 19.37 8.71 -7.02
CA PHE C 160 19.66 7.57 -6.18
C PHE C 160 18.52 6.56 -6.23
N VAL C 161 17.26 7.05 -6.19
CA VAL C 161 16.11 6.19 -6.31
C VAL C 161 16.13 5.44 -7.64
N ALA C 162 16.32 6.17 -8.74
CA ALA C 162 16.27 5.61 -10.07
C ALA C 162 17.36 4.53 -10.23
N ALA C 163 18.61 4.83 -9.79
CA ALA C 163 19.68 3.85 -9.82
C ALA C 163 19.39 2.61 -8.95
N ALA C 164 18.76 2.79 -7.77
CA ALA C 164 18.44 1.69 -6.91
C ALA C 164 17.39 0.79 -7.59
N LYS C 165 16.45 1.38 -8.31
CA LYS C 165 15.50 0.57 -9.08
C LYS C 165 16.11 -0.22 -10.23
N ARG C 166 17.06 0.39 -10.93
CA ARG C 166 17.81 -0.32 -11.99
C ARG C 166 18.59 -1.46 -11.38
N ALA C 167 19.24 -1.21 -10.24
CA ALA C 167 20.00 -2.26 -9.56
C ALA C 167 19.10 -3.44 -9.15
N ALA C 168 17.89 -3.11 -8.67
CA ALA C 168 16.94 -4.14 -8.29
C ALA C 168 16.54 -4.99 -9.48
N ARG C 169 16.22 -4.33 -10.57
CA ARG C 169 15.85 -4.99 -11.83
C ARG C 169 16.96 -5.89 -12.38
N LEU C 170 18.22 -5.50 -12.14
CA LEU C 170 19.35 -6.34 -12.52
C LEU C 170 19.59 -7.52 -11.62
N GLY C 171 18.84 -7.65 -10.54
CA GLY C 171 18.98 -8.76 -9.65
C GLY C 171 20.09 -8.55 -8.62
N ILE C 172 20.58 -7.32 -8.51
CA ILE C 172 21.63 -7.04 -7.51
C ILE C 172 21.03 -7.20 -6.14
N GLU C 173 21.82 -7.77 -5.24
CA GLU C 173 21.31 -8.27 -3.98
C GLU C 173 21.29 -7.31 -2.80
N GLY C 174 21.88 -6.13 -3.00
CA GLY C 174 22.05 -5.21 -1.88
C GLY C 174 22.65 -3.92 -2.39
N ILE C 175 22.42 -2.85 -1.61
CA ILE C 175 22.96 -1.52 -1.92
C ILE C 175 23.75 -0.97 -0.74
N GLU C 176 24.96 -0.55 -1.04
CA GLU C 176 25.79 0.22 -0.12
C GLU C 176 25.72 1.68 -0.60
N VAL C 177 25.15 2.55 0.20
CA VAL C 177 25.12 3.97 -0.11
C VAL C 177 26.46 4.54 0.29
N HIS C 178 27.09 5.24 -0.63
CA HIS C 178 28.43 5.75 -0.37
C HIS C 178 28.31 7.05 0.41
N GLY C 179 28.65 6.99 1.69
CA GLY C 179 28.65 8.13 2.56
C GLY C 179 30.03 8.53 3.04
N ALA C 180 31.06 8.09 2.35
CA ALA C 180 32.44 8.19 2.86
C ALA C 180 33.38 8.87 1.86
N HIS C 181 34.62 8.95 2.22
CA HIS C 181 35.72 9.32 1.31
C HIS C 181 35.65 10.69 0.69
N GLY C 182 35.03 11.60 1.38
CA GLY C 182 34.97 12.99 0.96
C GLY C 182 34.06 13.30 -0.18
N TYR C 183 33.19 12.36 -0.52
CA TYR C 183 32.25 12.50 -1.64
C TYR C 183 30.98 13.20 -1.13
N LEU C 184 29.93 13.25 -1.95
CA LEU C 184 28.87 14.19 -1.69
C LEU C 184 28.26 14.10 -0.28
N LEU C 185 27.86 12.91 0.13
CA LEU C 185 27.21 12.78 1.44
C LEU C 185 28.14 13.14 2.56
N HIS C 186 29.40 12.73 2.45
CA HIS C 186 30.41 13.10 3.41
C HIS C 186 30.63 14.62 3.45
N GLN C 187 30.59 15.27 2.28
CA GLN C 187 30.61 16.72 2.23
C GLN C 187 29.52 17.36 3.07
N PHE C 188 28.32 16.80 3.06
CA PHE C 188 27.28 17.34 3.90
C PHE C 188 27.59 17.07 5.39
N LEU C 189 28.11 15.90 5.69
CA LEU C 189 28.37 15.54 7.08
C LEU C 189 29.47 16.41 7.70
N SER C 190 30.51 16.72 6.93
CA SER C 190 31.68 17.36 7.51
C SER C 190 31.57 18.87 7.49
N PRO C 191 31.79 19.50 8.65
CA PRO C 191 31.91 20.98 8.63
C PRO C 191 33.06 21.58 7.79
N ILE C 192 34.02 20.76 7.43
CA ILE C 192 35.04 21.21 6.52
C ILE C 192 34.41 21.63 5.16
N ALA C 193 33.52 20.79 4.63
CA ALA C 193 32.88 21.06 3.33
C ALA C 193 31.56 21.80 3.45
N ASN C 194 30.84 21.59 4.54
CA ASN C 194 29.48 22.07 4.67
C ASN C 194 29.48 23.39 5.46
N HIS C 195 29.31 24.48 4.73
CA HIS C 195 29.19 25.82 5.31
C HIS C 195 27.80 26.37 5.21
N ARG C 196 26.84 25.49 4.99
CA ARG C 196 25.44 25.92 4.86
C ARG C 196 24.85 26.45 6.18
N THR C 197 23.91 27.39 6.02
CA THR C 197 23.21 28.02 7.14
C THR C 197 21.71 27.79 7.06
N ASP C 198 21.29 26.85 6.25
CA ASP C 198 19.91 26.38 6.27
C ASP C 198 19.81 25.11 7.11
N GLU C 199 18.71 24.38 6.99
CA GLU C 199 18.51 23.18 7.80
C GLU C 199 19.42 21.98 7.40
N TYR C 200 20.29 22.18 6.41
CA TYR C 200 21.22 21.11 5.97
C TYR C 200 22.65 21.38 6.35
N GLY C 201 22.89 22.43 7.15
CA GLY C 201 24.20 22.65 7.71
C GLY C 201 24.18 23.22 9.11
N GLY C 202 25.36 23.33 9.70
CA GLY C 202 25.50 23.82 11.10
C GLY C 202 25.53 22.69 12.09
N SER C 203 24.38 22.44 12.73
CA SER C 203 24.30 21.40 13.76
C SER C 203 24.55 20.01 13.17
N LEU C 204 24.94 19.09 14.03
CA LEU C 204 25.04 17.68 13.65
C LEU C 204 23.75 17.16 13.00
N GLU C 205 22.59 17.42 13.64
CA GLU C 205 21.31 16.93 13.07
C GLU C 205 21.08 17.47 11.65
N ASN C 206 21.41 18.74 11.46
CA ASN C 206 21.31 19.32 10.15
C ASN C 206 22.26 18.70 9.13
N ARG C 207 23.50 18.47 9.55
CA ARG C 207 24.51 17.89 8.65
C ARG C 207 24.17 16.44 8.25
N MET C 208 23.53 15.68 9.15
CA MET C 208 23.15 14.30 8.85
C MET C 208 21.90 14.25 8.00
N ARG C 209 21.15 15.37 7.89
CA ARG C 209 19.78 15.36 7.38
C ARG C 209 19.71 14.91 5.93
N PHE C 210 20.52 15.48 5.05
CA PHE C 210 20.48 15.05 3.65
C PHE C 210 21.04 13.60 3.43
N PRO C 211 22.18 13.24 4.06
CA PRO C 211 22.61 11.84 3.91
C PRO C 211 21.57 10.83 4.35
N LEU C 212 20.85 11.15 5.42
CA LEU C 212 19.77 10.27 5.86
C LEU C 212 18.55 10.29 4.94
N GLU C 213 18.21 11.42 4.33
CA GLU C 213 17.14 11.46 3.33
C GLU C 213 17.51 10.56 2.12
N VAL C 214 18.80 10.60 1.72
CA VAL C 214 19.23 9.80 0.58
C VAL C 214 19.12 8.32 0.96
N PHE C 215 19.57 7.95 2.15
CA PHE C 215 19.48 6.63 2.62
C PHE C 215 18.02 6.16 2.60
N ASP C 216 17.15 7.00 3.18
CA ASP C 216 15.73 6.66 3.27
C ASP C 216 15.11 6.46 1.90
N ALA C 217 15.47 7.31 0.96
CA ALA C 217 14.94 7.20 -0.40
C ALA C 217 15.36 5.86 -1.05
N VAL C 218 16.63 5.50 -0.88
CA VAL C 218 17.12 4.24 -1.44
C VAL C 218 16.45 3.04 -0.77
N ARG C 219 16.36 3.10 0.56
CA ARG C 219 15.75 2.02 1.34
C ARG C 219 14.25 1.85 0.94
N GLU C 220 13.56 2.94 0.72
CA GLU C 220 12.17 2.88 0.20
C GLU C 220 12.08 2.29 -1.20
N ALA C 221 13.04 2.62 -2.07
CA ALA C 221 12.95 2.26 -3.48
C ALA C 221 13.36 0.81 -3.75
N PHE C 222 14.33 0.31 -2.97
CA PHE C 222 14.90 -0.99 -3.17
C PHE C 222 14.00 -2.03 -2.47
N PRO C 223 13.77 -3.19 -3.10
CA PRO C 223 12.94 -4.21 -2.48
C PRO C 223 13.26 -4.48 -0.99
N ALA C 224 12.22 -4.46 -0.15
CA ALA C 224 12.38 -4.41 1.29
C ALA C 224 13.22 -5.55 1.88
N GLU C 225 13.10 -6.73 1.30
CA GLU C 225 13.82 -7.90 1.75
C GLU C 225 15.34 -7.89 1.45
N ARG C 226 15.80 -7.04 0.53
CA ARG C 226 17.22 -7.02 0.16
C ARG C 226 17.85 -5.92 1.02
N PRO C 227 19.07 -6.13 1.53
CA PRO C 227 19.69 -5.15 2.45
C PRO C 227 20.17 -3.88 1.78
N VAL C 228 20.07 -2.79 2.55
CA VAL C 228 20.60 -1.49 2.18
C VAL C 228 21.36 -0.98 3.38
N TRP C 229 22.59 -0.52 3.17
CA TRP C 229 23.37 0.06 4.24
C TRP C 229 24.19 1.24 3.72
N MET C 230 25.08 1.78 4.57
CA MET C 230 25.94 2.91 4.21
C MET C 230 27.38 2.64 4.58
N ARG C 231 28.27 3.11 3.73
CA ARG C 231 29.67 3.18 4.06
C ARG C 231 29.93 4.60 4.57
N VAL C 232 30.68 4.69 5.66
CA VAL C 232 30.97 5.93 6.33
C VAL C 232 32.47 6.13 6.48
N SER C 233 32.87 7.40 6.62
CA SER C 233 34.23 7.72 7.03
C SER C 233 34.05 8.10 8.46
N ALA C 234 34.75 7.42 9.35
CA ALA C 234 34.53 7.56 10.78
C ALA C 234 35.13 8.81 11.32
N THR C 235 36.18 9.31 10.63
CA THR C 235 36.86 10.53 11.00
C THR C 235 37.49 11.18 9.74
N ASP C 236 37.61 12.51 9.78
CA ASP C 236 38.33 13.29 8.79
C ASP C 236 39.83 13.36 9.05
N TRP C 237 40.28 12.97 10.26
CA TRP C 237 41.69 13.16 10.68
C TRP C 237 42.13 14.62 10.58
N VAL C 238 41.19 15.53 10.85
CA VAL C 238 41.45 16.97 10.84
C VAL C 238 40.75 17.54 12.06
N PRO C 239 41.45 18.34 12.85
CA PRO C 239 40.77 18.86 14.04
C PRO C 239 39.51 19.68 13.66
N ASN C 240 38.42 19.41 14.39
CA ASN C 240 37.08 20.01 14.19
C ASN C 240 36.27 19.47 13.05
N GLY C 241 36.81 18.50 12.33
CA GLY C 241 36.04 17.91 11.25
C GLY C 241 35.10 16.85 11.77
N TRP C 242 34.55 16.10 10.84
CA TRP C 242 33.80 14.89 11.18
C TRP C 242 34.63 13.92 12.00
N ASP C 243 34.00 13.26 12.97
CA ASP C 243 34.72 12.40 13.89
C ASP C 243 33.87 11.21 14.34
N ILE C 244 34.44 10.37 15.19
CA ILE C 244 33.78 9.15 15.63
C ILE C 244 32.44 9.43 16.31
N GLU C 245 32.30 10.56 17.02
CA GLU C 245 31.01 10.86 17.65
C GLU C 245 29.92 11.12 16.63
N GLY C 246 30.23 11.90 15.59
CA GLY C 246 29.29 12.04 14.45
C GLY C 246 28.94 10.68 13.87
N THR C 247 29.95 9.85 13.72
CA THR C 247 29.76 8.54 13.08
C THR C 247 28.81 7.64 13.88
N ILE C 248 28.95 7.69 15.21
CA ILE C 248 28.13 6.89 16.09
C ILE C 248 26.73 7.42 16.02
N ALA C 249 26.56 8.74 16.05
CA ALA C 249 25.22 9.31 15.95
C ALA C 249 24.53 8.96 14.63
N LEU C 250 25.28 9.04 13.53
CA LEU C 250 24.76 8.66 12.22
C LEU C 250 24.40 7.17 12.19
N SER C 251 25.21 6.36 12.83
CA SER C 251 25.03 4.91 12.81
C SER C 251 23.75 4.52 13.58
N HIS C 252 23.51 5.20 14.71
CA HIS C 252 22.24 5.00 15.40
C HIS C 252 21.05 5.33 14.50
N GLU C 253 21.11 6.45 13.80
CA GLU C 253 20.04 6.83 12.91
C GLU C 253 19.90 5.81 11.79
N LEU C 254 21.03 5.36 11.25
CA LEU C 254 20.94 4.36 10.20
C LEU C 254 20.20 3.11 10.70
N LYS C 255 20.53 2.68 11.90
CA LYS C 255 19.90 1.52 12.48
C LYS C 255 18.39 1.76 12.61
N ALA C 256 18.01 2.92 13.16
CA ALA C 256 16.57 3.24 13.33
C ALA C 256 15.82 3.28 12.03
N ARG C 257 16.53 3.64 10.96
CA ARG C 257 15.94 3.76 9.65
C ARG C 257 16.03 2.51 8.77
N GLY C 258 16.47 1.40 9.35
CA GLY C 258 16.43 0.09 8.70
C GLY C 258 17.69 -0.27 7.91
N SER C 259 18.80 0.39 8.21
CA SER C 259 20.08 -0.03 7.58
C SER C 259 20.43 -1.45 8.03
N ALA C 260 20.98 -2.25 7.12
CA ALA C 260 21.36 -3.63 7.41
C ALA C 260 22.70 -3.79 8.06
N ALA C 261 23.52 -2.74 7.95
CA ALA C 261 24.91 -2.80 8.29
C ALA C 261 25.48 -1.36 8.34
N VAL C 262 26.72 -1.24 8.77
CA VAL C 262 27.53 -0.04 8.54
C VAL C 262 28.91 -0.52 8.12
N HIS C 263 29.43 0.05 7.05
CA HIS C 263 30.77 -0.28 6.54
C HIS C 263 31.66 0.90 6.92
N VAL C 264 32.64 0.64 7.76
CA VAL C 264 33.42 1.72 8.41
C VAL C 264 34.83 1.92 7.81
N SER C 265 35.00 3.04 7.08
CA SER C 265 36.29 3.49 6.55
C SER C 265 36.63 4.85 7.25
N THR C 266 37.53 5.63 6.67
CA THR C 266 37.83 6.97 7.19
C THR C 266 38.35 7.85 6.07
N GLY C 267 38.46 9.15 6.36
CA GLY C 267 39.18 10.08 5.48
C GLY C 267 38.46 10.57 4.23
N GLY C 268 39.17 11.38 3.48
CA GLY C 268 38.79 11.76 2.12
C GLY C 268 38.29 13.17 1.88
N VAL C 269 37.84 13.89 2.92
CA VAL C 269 37.26 15.22 2.69
C VAL C 269 38.27 16.38 2.67
N SER C 270 39.48 16.16 3.14
CA SER C 270 40.45 17.25 3.26
C SER C 270 41.88 16.80 2.91
N PRO C 271 42.55 17.53 2.00
CA PRO C 271 44.00 17.34 1.80
C PRO C 271 44.86 17.54 3.10
N GLN C 272 44.30 18.19 4.12
CA GLN C 272 44.98 18.39 5.40
C GLN C 272 44.95 17.19 6.32
N GLN C 273 44.24 16.14 5.92
CA GLN C 273 44.08 14.98 6.80
C GLN C 273 45.41 14.42 7.22
N ALA C 274 45.52 14.13 8.51
CA ALA C 274 46.74 13.57 9.10
C ALA C 274 46.48 12.13 9.46
N ILE C 275 46.52 11.25 8.48
CA ILE C 275 46.14 9.85 8.67
C ILE C 275 47.33 9.07 9.22
N LYS C 276 47.06 8.30 10.28
CA LYS C 276 48.05 7.42 10.90
C LYS C 276 47.84 6.01 10.32
N ILE C 277 48.53 5.71 9.23
CA ILE C 277 48.33 4.48 8.48
C ILE C 277 49.15 3.32 9.08
N GLY C 278 48.60 2.12 9.04
CA GLY C 278 49.27 0.92 9.56
C GLY C 278 48.27 -0.24 9.52
N PRO C 279 48.72 -1.51 9.69
CA PRO C 279 47.78 -2.64 9.63
C PRO C 279 46.57 -2.46 10.54
N GLY C 280 45.38 -2.63 10.02
CA GLY C 280 44.22 -2.53 10.84
C GLY C 280 43.96 -1.18 11.48
N TYR C 281 44.55 -0.11 10.92
CA TYR C 281 44.45 1.22 11.49
C TYR C 281 43.06 1.78 11.65
N GLN C 282 42.09 1.24 10.91
CA GLN C 282 40.71 1.70 11.00
C GLN C 282 39.80 0.76 11.79
N VAL C 283 40.38 -0.36 12.29
CA VAL C 283 39.62 -1.33 13.08
C VAL C 283 39.04 -0.75 14.39
N PRO C 284 39.81 0.11 15.11
CA PRO C 284 39.26 0.74 16.33
C PRO C 284 37.95 1.50 16.12
N TYR C 285 37.80 2.15 14.97
CA TYR C 285 36.54 2.83 14.63
C TYR C 285 35.41 1.78 14.45
N ALA C 286 35.69 0.70 13.72
CA ALA C 286 34.66 -0.32 13.53
C ALA C 286 34.25 -0.98 14.85
N GLN C 287 35.25 -1.23 15.68
CA GLN C 287 35.01 -1.86 17.01
C GLN C 287 34.03 -1.02 17.82
N ARG C 288 34.24 0.29 17.85
CA ARG C 288 33.38 1.18 18.64
C ARG C 288 32.01 1.27 18.06
N VAL C 289 31.91 1.37 16.73
CA VAL C 289 30.62 1.42 16.07
C VAL C 289 29.83 0.13 16.32
N LYS C 290 30.52 -1.01 16.24
CA LYS C 290 29.89 -2.33 16.48
C LYS C 290 29.39 -2.37 17.93
N ALA C 291 30.23 -1.98 18.86
CA ALA C 291 29.93 -2.04 20.34
C ALA C 291 28.75 -1.17 20.70
N GLU C 292 28.72 0.06 20.19
CA GLU C 292 27.70 1.04 20.62
C GLU C 292 26.40 0.97 19.87
N VAL C 293 26.44 0.52 18.61
CA VAL C 293 25.23 0.53 17.78
C VAL C 293 24.68 -0.86 17.54
N GLY C 294 25.55 -1.83 17.33
CA GLY C 294 25.16 -3.19 17.17
C GLY C 294 24.58 -3.62 15.83
N LEU C 295 24.75 -2.82 14.79
CA LEU C 295 24.48 -3.31 13.42
C LEU C 295 25.61 -4.21 13.01
N PRO C 296 25.38 -5.10 12.04
CA PRO C 296 26.55 -5.74 11.40
C PRO C 296 27.55 -4.70 10.91
N THR C 297 28.80 -4.86 11.32
CA THR C 297 29.78 -3.85 11.07
C THR C 297 30.92 -4.43 10.23
N MET C 298 31.18 -3.79 9.08
CA MET C 298 32.31 -4.16 8.25
C MET C 298 33.54 -3.30 8.52
N ALA C 299 34.68 -3.92 8.74
CA ALA C 299 35.95 -3.23 8.97
C ALA C 299 36.80 -3.38 7.73
N VAL C 300 37.65 -2.39 7.50
CA VAL C 300 38.53 -2.37 6.34
C VAL C 300 39.81 -1.59 6.67
N GLY C 301 40.89 -1.87 5.93
CA GLY C 301 42.09 -1.01 5.90
C GLY C 301 43.38 -1.73 6.26
N LEU C 302 44.10 -2.17 5.25
CA LEU C 302 45.39 -2.84 5.42
C LEU C 302 45.19 -4.13 6.24
N ILE C 303 44.12 -4.83 5.91
CA ILE C 303 43.89 -6.19 6.36
C ILE C 303 44.32 -7.07 5.20
N THR C 304 45.47 -7.74 5.37
CA THR C 304 46.14 -8.49 4.32
C THR C 304 46.44 -9.97 4.60
N GLU C 305 46.36 -10.38 5.87
CA GLU C 305 46.74 -11.73 6.29
C GLU C 305 45.53 -12.46 6.88
N ALA C 306 45.48 -13.77 6.63
CA ALA C 306 44.38 -14.60 7.12
C ALA C 306 44.26 -14.57 8.65
N GLU C 307 45.39 -14.67 9.36
CA GLU C 307 45.31 -14.72 10.82
C GLU C 307 44.93 -13.36 11.38
N GLN C 308 45.36 -12.30 10.73
CA GLN C 308 44.94 -10.95 11.12
C GLN C 308 43.42 -10.78 10.99
N ALA C 309 42.89 -11.15 9.85
CA ALA C 309 41.46 -11.13 9.60
C ALA C 309 40.66 -11.96 10.60
N GLU C 310 41.11 -13.21 10.80
CA GLU C 310 40.52 -14.07 11.81
C GLU C 310 40.53 -13.40 13.21
N ALA C 311 41.63 -12.77 13.58
CA ALA C 311 41.79 -12.14 14.91
C ALA C 311 40.80 -10.98 15.11
N ILE C 312 40.57 -10.20 14.05
CA ILE C 312 39.58 -9.14 14.13
C ILE C 312 38.20 -9.69 14.45
N ILE C 313 37.82 -10.78 13.79
CA ILE C 313 36.50 -11.38 14.01
C ILE C 313 36.47 -11.99 15.42
N ALA C 314 37.53 -12.73 15.78
CA ALA C 314 37.59 -13.43 17.09
C ALA C 314 37.51 -12.47 18.28
N ASN C 315 38.05 -11.28 18.10
CA ASN C 315 38.05 -10.26 19.13
C ASN C 315 36.81 -9.36 19.14
N ASN C 316 35.80 -9.75 18.35
CA ASN C 316 34.54 -9.02 18.24
C ASN C 316 34.77 -7.58 17.86
N GLU C 317 35.75 -7.36 16.99
CA GLU C 317 36.07 -6.01 16.52
C GLU C 317 35.26 -5.58 15.28
N ALA C 318 34.67 -6.54 14.59
CA ALA C 318 33.85 -6.32 13.41
C ALA C 318 33.14 -7.62 13.13
N ASP C 319 32.11 -7.56 12.31
CA ASP C 319 31.41 -8.77 11.90
C ASP C 319 31.80 -9.28 10.53
N ILE C 320 32.29 -8.37 9.66
CA ILE C 320 32.70 -8.64 8.29
C ILE C 320 34.05 -7.96 8.10
N ILE C 321 34.95 -8.64 7.42
CA ILE C 321 36.24 -8.13 7.04
C ILE C 321 36.17 -7.77 5.56
N SER C 322 36.31 -6.49 5.27
CA SER C 322 36.36 -5.98 3.87
CA SER C 322 36.34 -6.08 3.85
C SER C 322 37.81 -5.87 3.43
N ILE C 323 38.12 -6.36 2.23
CA ILE C 323 39.47 -6.36 1.71
C ILE C 323 39.43 -5.77 0.30
N ALA C 324 40.34 -4.86 0.00
CA ALA C 324 40.46 -4.27 -1.32
C ALA C 324 41.80 -4.61 -1.95
N ARG C 325 42.84 -3.91 -1.59
CA ARG C 325 44.11 -4.13 -2.27
C ARG C 325 44.61 -5.57 -2.18
N ALA C 326 44.48 -6.24 -1.04
CA ALA C 326 44.90 -7.65 -0.96
C ALA C 326 44.15 -8.57 -1.93
N MET C 327 42.89 -8.23 -2.29
CA MET C 327 42.17 -8.92 -3.34
C MET C 327 42.69 -8.68 -4.74
N LEU C 328 43.11 -7.46 -5.03
CA LEU C 328 43.73 -7.16 -6.31
C LEU C 328 45.06 -7.88 -6.41
N TYR C 329 45.82 -7.95 -5.31
CA TYR C 329 47.15 -8.52 -5.35
C TYR C 329 47.10 -10.04 -5.28
N ASP C 330 45.98 -10.55 -4.78
CA ASP C 330 45.72 -11.99 -4.70
C ASP C 330 44.22 -12.22 -4.79
N PRO C 331 43.71 -12.38 -6.01
CA PRO C 331 42.28 -12.59 -6.16
C PRO C 331 41.82 -13.95 -5.67
N ARG C 332 42.74 -14.80 -5.21
CA ARG C 332 42.41 -16.03 -4.58
C ARG C 332 42.58 -15.92 -3.06
N TRP C 333 42.62 -14.69 -2.55
CA TRP C 333 42.85 -14.46 -1.11
C TRP C 333 41.98 -15.34 -0.21
N PRO C 334 40.67 -15.47 -0.50
CA PRO C 334 39.88 -16.30 0.39
C PRO C 334 40.17 -17.82 0.31
N TRP C 335 40.50 -18.33 -0.86
CA TRP C 335 41.01 -19.70 -0.98
C TRP C 335 42.23 -19.86 -0.08
N HIS C 336 43.15 -18.90 -0.17
CA HIS C 336 44.43 -19.02 0.54
C HIS C 336 44.24 -18.90 2.04
N ALA C 337 43.35 -18.01 2.46
CA ALA C 337 42.91 -17.90 3.86
C ALA C 337 42.24 -19.17 4.35
N ALA C 338 41.36 -19.75 3.51
CA ALA C 338 40.68 -20.99 3.89
C ALA C 338 41.66 -22.14 4.05
N ALA C 339 42.66 -22.21 3.19
CA ALA C 339 43.74 -23.22 3.31
C ALA C 339 44.51 -23.03 4.64
N LYS C 340 44.78 -21.78 5.04
CA LYS C 340 45.52 -21.53 6.27
C LYS C 340 44.66 -21.82 7.52
N LEU C 341 43.37 -21.57 7.45
CA LEU C 341 42.53 -21.63 8.65
C LEU C 341 41.63 -22.87 8.69
N GLY C 342 41.85 -23.83 7.79
CA GLY C 342 41.06 -25.07 7.84
C GLY C 342 39.61 -24.93 7.46
N ALA C 343 39.35 -24.18 6.39
CA ALA C 343 37.99 -23.93 5.92
C ALA C 343 37.84 -24.28 4.46
N SER C 344 36.62 -24.13 3.97
N SER C 344 36.62 -24.12 3.96
CA SER C 344 36.27 -24.38 2.59
CA SER C 344 36.32 -24.38 2.56
C SER C 344 35.66 -23.15 1.94
C SER C 344 35.55 -23.21 1.92
N VAL C 345 35.71 -23.10 0.61
CA VAL C 345 35.12 -22.03 -0.20
C VAL C 345 34.50 -22.59 -1.47
N ASN C 346 33.61 -21.82 -2.09
CA ASN C 346 33.14 -22.13 -3.43
C ASN C 346 34.14 -21.64 -4.44
N ALA C 347 34.39 -22.48 -5.43
CA ALA C 347 35.30 -22.15 -6.50
C ALA C 347 34.78 -22.78 -7.79
N PRO C 348 35.07 -22.15 -8.94
CA PRO C 348 34.59 -22.71 -10.19
C PRO C 348 35.22 -24.07 -10.51
N LYS C 349 34.44 -24.97 -11.08
CA LYS C 349 34.97 -26.31 -11.37
C LYS C 349 36.25 -26.35 -12.23
N GLN C 350 36.42 -25.37 -13.13
CA GLN C 350 37.58 -25.26 -13.97
C GLN C 350 38.86 -25.22 -13.22
N TYR C 351 38.80 -24.74 -11.98
CA TYR C 351 39.96 -24.57 -11.12
C TYR C 351 40.01 -25.57 -9.97
N TRP C 352 39.07 -26.51 -9.88
CA TRP C 352 39.20 -27.54 -8.84
C TRP C 352 40.55 -28.31 -8.85
N ARG C 353 41.10 -28.62 -10.00
CA ARG C 353 42.42 -29.35 -10.01
C ARG C 353 43.60 -28.53 -9.39
N SER C 354 43.37 -27.25 -9.07
CA SER C 354 44.47 -26.31 -8.87
C SER C 354 45.15 -26.26 -7.50
N GLN C 355 44.51 -26.72 -6.42
CA GLN C 355 45.14 -26.50 -5.13
C GLN C 355 46.15 -27.61 -4.88
N PRO C 356 47.15 -27.30 -4.07
CA PRO C 356 48.05 -28.35 -3.71
C PRO C 356 47.39 -29.58 -3.09
N ARG C 357 48.05 -30.71 -3.28
CA ARG C 357 47.72 -31.93 -2.56
C ARG C 357 47.70 -31.68 -1.07
N GLY C 358 46.80 -32.36 -0.37
CA GLY C 358 46.57 -32.14 1.06
C GLY C 358 45.44 -31.21 1.43
N LEU C 359 44.83 -30.57 0.43
CA LEU C 359 43.74 -29.59 0.66
C LEU C 359 42.49 -30.09 -0.06
N GLU C 360 42.21 -31.39 0.11
CA GLU C 360 41.15 -32.03 -0.63
C GLU C 360 39.73 -31.57 -0.26
N LYS C 361 39.59 -30.83 0.84
CA LYS C 361 38.32 -30.26 1.25
C LYS C 361 38.22 -28.77 1.02
N LEU C 362 39.23 -28.17 0.42
CA LEU C 362 39.24 -26.71 0.25
C LEU C 362 38.08 -26.22 -0.58
N PHE C 363 37.77 -26.91 -1.67
CA PHE C 363 36.70 -26.47 -2.55
C PHE C 363 35.40 -27.27 -2.30
N LYS C 364 34.37 -26.55 -1.85
CA LYS C 364 33.04 -27.15 -1.66
C LYS C 364 32.56 -27.82 -2.94
N ASP C 365 31.94 -28.99 -2.79
CA ASP C 365 31.34 -29.74 -3.93
C ASP C 365 32.28 -30.32 -4.98
N ALA C 366 33.57 -30.08 -4.87
CA ALA C 366 34.51 -30.58 -5.88
C ALA C 366 34.43 -32.10 -5.94
N HIS C 367 34.47 -32.64 -7.14
CA HIS C 367 34.44 -34.09 -7.35
C HIS C 367 34.95 -34.40 -8.75
N PHE C 368 35.35 -35.65 -8.92
CA PHE C 368 35.92 -36.11 -10.17
C PHE C 368 35.47 -37.52 -10.56
N GLY C 369 34.39 -38.03 -9.97
CA GLY C 369 33.89 -39.41 -10.25
C GLY C 369 33.01 -39.52 -11.48
N MET D 1 -36.40 -34.67 21.38
CA MET D 1 -35.89 -33.72 22.42
C MET D 1 -34.38 -33.98 22.68
N PRO D 2 -33.48 -33.38 21.85
CA PRO D 2 -32.07 -33.67 22.03
C PRO D 2 -31.40 -32.85 23.16
N HIS D 3 -30.41 -33.45 23.81
CA HIS D 3 -29.61 -32.79 24.86
C HIS D 3 -28.13 -32.93 24.61
N LEU D 4 -27.35 -32.02 25.20
CA LEU D 4 -25.88 -32.04 25.06
C LEU D 4 -25.24 -33.39 25.42
N PHE D 5 -25.76 -33.99 26.50
CA PHE D 5 -25.25 -35.26 26.98
C PHE D 5 -25.96 -36.49 26.45
N ASP D 6 -26.73 -36.38 25.36
CA ASP D 6 -27.19 -37.56 24.66
C ASP D 6 -26.05 -38.19 23.90
N PRO D 7 -25.98 -39.54 23.89
CA PRO D 7 -25.11 -40.21 22.95
C PRO D 7 -25.43 -39.84 21.54
N TYR D 8 -24.45 -39.92 20.67
CA TYR D 8 -24.68 -39.63 19.27
C TYR D 8 -23.73 -40.49 18.48
N ARG D 9 -23.75 -40.37 17.16
CA ARG D 9 -23.05 -41.22 16.24
C ARG D 9 -22.75 -40.42 14.97
N ILE D 10 -21.56 -40.61 14.42
CA ILE D 10 -21.18 -40.10 13.10
C ILE D 10 -20.63 -41.28 12.34
N GLY D 11 -21.28 -41.66 11.24
CA GLY D 11 -20.97 -42.91 10.57
C GLY D 11 -21.17 -44.07 11.52
N ASN D 12 -20.17 -44.90 11.69
CA ASN D 12 -20.26 -46.02 12.61
C ASN D 12 -19.67 -45.65 13.99
N LEU D 13 -19.25 -44.40 14.14
CA LEU D 13 -18.48 -44.00 15.28
C LEU D 13 -19.41 -43.47 16.36
N GLU D 14 -19.55 -44.23 17.44
CA GLU D 14 -20.44 -43.84 18.55
C GLU D 14 -19.74 -42.80 19.40
N LEU D 15 -20.49 -41.77 19.79
CA LEU D 15 -19.97 -40.71 20.62
C LEU D 15 -20.71 -40.69 21.91
N ALA D 16 -19.97 -40.50 23.01
CA ALA D 16 -20.54 -40.51 24.35
C ALA D 16 -21.53 -39.34 24.63
N ASN D 17 -21.31 -38.21 23.96
CA ASN D 17 -22.15 -37.05 24.08
C ASN D 17 -21.92 -36.15 22.85
N ARG D 18 -22.53 -34.97 22.81
CA ARG D 18 -22.50 -34.12 21.64
C ARG D 18 -21.37 -33.11 21.67
N ILE D 19 -20.42 -33.28 22.61
CA ILE D 19 -19.30 -32.35 22.78
C ILE D 19 -18.11 -32.81 21.99
N ALA D 20 -17.62 -31.95 21.08
CA ALA D 20 -16.39 -32.23 20.33
C ALA D 20 -15.33 -31.24 20.73
N ILE D 21 -14.08 -31.70 20.85
CA ILE D 21 -12.97 -30.83 21.11
C ILE D 21 -12.45 -30.38 19.77
N ALA D 22 -12.43 -29.06 19.55
CA ALA D 22 -12.14 -28.51 18.24
C ALA D 22 -10.66 -28.69 17.93
N PRO D 23 -10.31 -28.85 16.63
CA PRO D 23 -8.90 -28.95 16.28
C PRO D 23 -8.28 -27.59 16.53
N MET D 24 -7.25 -27.56 17.35
CA MET D 24 -6.66 -26.32 17.77
C MET D 24 -5.17 -26.44 17.55
N CYS D 25 -4.64 -25.65 16.60
CA CYS D 25 -3.21 -25.67 16.31
C CYS D 25 -2.39 -25.38 17.56
N GLN D 26 -1.34 -26.18 17.76
CA GLN D 26 -0.48 -26.04 18.88
C GLN D 26 0.90 -25.48 18.49
N TYR D 27 1.25 -25.50 17.20
CA TYR D 27 2.55 -24.93 16.73
C TYR D 27 3.72 -25.48 17.55
N SER D 28 3.66 -26.77 17.90
CA SER D 28 4.62 -27.38 18.85
C SER D 28 5.25 -28.66 18.32
N ALA D 29 5.25 -28.85 16.99
CA ALA D 29 5.86 -29.98 16.35
C ALA D 29 7.27 -29.60 15.82
N GLN D 30 8.05 -30.62 15.51
CA GLN D 30 9.42 -30.43 14.97
C GLN D 30 9.49 -31.21 13.69
N GLU D 31 9.61 -30.52 12.57
CA GLU D 31 9.57 -31.13 11.26
C GLU D 31 8.35 -32.09 11.11
N GLY D 32 7.23 -31.63 11.66
CA GLY D 32 5.93 -32.31 11.55
C GLY D 32 5.74 -33.30 12.69
N ASN D 33 6.81 -33.61 13.42
CA ASN D 33 6.75 -34.59 14.47
C ASN D 33 6.14 -34.09 15.78
N ALA D 34 5.16 -34.82 16.27
CA ALA D 34 4.63 -34.58 17.59
C ALA D 34 5.73 -34.66 18.62
N THR D 35 5.59 -33.86 19.66
CA THR D 35 6.57 -33.74 20.75
C THR D 35 5.92 -34.09 22.07
N ASP D 36 6.68 -33.95 23.14
CA ASP D 36 6.13 -34.20 24.47
C ASP D 36 4.93 -33.31 24.76
N TRP D 37 4.90 -32.13 24.16
CA TRP D 37 3.74 -31.25 24.34
C TRP D 37 2.45 -31.95 23.91
N HIS D 38 2.47 -32.64 22.77
CA HIS D 38 1.28 -33.28 22.26
C HIS D 38 0.81 -34.39 23.17
N MET D 39 1.72 -35.12 23.76
CA MET D 39 1.38 -36.08 24.81
CA MET D 39 1.29 -36.11 24.76
C MET D 39 0.58 -35.44 25.95
N ILE D 40 1.14 -34.37 26.50
CA ILE D 40 0.51 -33.65 27.63
C ILE D 40 -0.84 -33.02 27.24
N HIS D 41 -0.85 -32.39 26.10
CA HIS D 41 -2.05 -31.67 25.62
C HIS D 41 -3.16 -32.58 25.15
N LEU D 42 -2.85 -33.48 24.24
CA LEU D 42 -3.84 -34.44 23.75
C LEU D 42 -4.24 -35.42 24.83
N GLY D 43 -3.31 -35.76 25.71
CA GLY D 43 -3.72 -36.56 26.88
C GLY D 43 -4.78 -35.90 27.74
N GLN D 44 -4.59 -34.61 28.08
CA GLN D 44 -5.65 -33.84 28.80
C GLN D 44 -6.94 -33.84 28.04
N MET D 45 -6.87 -33.45 26.78
CA MET D 45 -8.08 -33.35 25.99
C MET D 45 -8.83 -34.68 25.97
N ALA D 46 -8.10 -35.79 25.80
CA ALA D 46 -8.68 -37.11 25.69
C ALA D 46 -9.33 -37.59 26.99
N LEU D 47 -8.94 -37.00 28.14
CA LEU D 47 -9.48 -37.36 29.45
C LEU D 47 -10.57 -36.42 29.97
N SER D 48 -11.06 -35.55 29.10
CA SER D 48 -12.00 -34.52 29.44
C SER D 48 -13.45 -34.95 29.57
N GLY D 49 -13.77 -36.16 29.13
CA GLY D 49 -15.13 -36.63 29.05
C GLY D 49 -15.94 -36.17 27.87
N ALA D 50 -15.32 -35.41 26.95
CA ALA D 50 -16.00 -35.07 25.70
C ALA D 50 -16.21 -36.36 24.90
N GLY D 51 -17.14 -36.31 23.96
CA GLY D 51 -17.38 -37.42 23.08
C GLY D 51 -16.37 -37.64 21.97
N LEU D 52 -15.82 -36.52 21.48
CA LEU D 52 -15.04 -36.53 20.28
C LEU D 52 -13.85 -35.56 20.45
N LEU D 53 -12.68 -36.07 20.10
CA LEU D 53 -11.49 -35.23 20.01
C LEU D 53 -11.11 -35.13 18.54
N ILE D 54 -10.83 -33.91 18.05
CA ILE D 54 -10.34 -33.71 16.72
C ILE D 54 -8.97 -33.12 16.85
N ILE D 55 -7.95 -33.88 16.44
CA ILE D 55 -6.57 -33.44 16.49
C ILE D 55 -6.40 -32.24 15.54
N GLU D 56 -5.52 -31.32 15.93
CA GLU D 56 -5.23 -30.11 15.20
C GLU D 56 -4.92 -30.33 13.72
N ALA D 57 -5.00 -29.25 12.98
CA ALA D 57 -4.62 -29.22 11.57
C ALA D 57 -3.29 -29.91 11.34
N THR D 58 -3.35 -31.02 10.63
CA THR D 58 -2.21 -31.84 10.39
C THR D 58 -1.84 -31.77 8.91
N ALA D 59 -0.65 -31.23 8.64
CA ALA D 59 -0.19 -30.93 7.28
C ALA D 59 -0.01 -32.21 6.48
N VAL D 60 -0.54 -32.21 5.26
CA VAL D 60 -0.35 -33.29 4.32
C VAL D 60 1.02 -33.27 3.61
N SER D 61 1.77 -32.20 3.76
CA SER D 61 3.11 -32.07 3.16
C SER D 61 3.78 -30.98 3.91
N PRO D 62 5.10 -30.91 3.84
CA PRO D 62 5.77 -29.81 4.54
C PRO D 62 5.33 -28.45 4.05
N GLU D 63 5.18 -28.30 2.73
CA GLU D 63 4.75 -27.02 2.10
C GLU D 63 3.34 -26.60 2.47
N GLY D 64 2.52 -27.56 2.92
CA GLY D 64 1.19 -27.30 3.33
C GLY D 64 1.03 -26.93 4.79
N ARG D 65 2.12 -26.88 5.55
CA ARG D 65 2.07 -26.44 6.94
C ARG D 65 1.73 -24.97 7.01
N ILE D 66 0.96 -24.58 8.03
CA ILE D 66 0.76 -23.16 8.30
C ILE D 66 2.10 -22.53 8.71
N THR D 67 2.80 -23.18 9.62
CA THR D 67 4.03 -22.67 10.23
C THR D 67 5.09 -23.75 10.27
N PRO D 68 6.33 -23.34 10.56
CA PRO D 68 7.36 -24.38 10.65
C PRO D 68 7.22 -25.36 11.81
N THR D 69 6.33 -25.07 12.75
CA THR D 69 6.10 -25.98 13.87
C THR D 69 4.70 -26.62 13.86
N ASP D 70 4.01 -26.60 12.72
CA ASP D 70 2.82 -27.40 12.60
C ASP D 70 3.05 -28.90 12.69
N LEU D 71 2.03 -29.57 13.24
CA LEU D 71 1.91 -31.02 13.21
C LEU D 71 1.76 -31.49 11.76
N GLY D 72 2.44 -32.57 11.42
CA GLY D 72 2.39 -33.14 10.10
C GLY D 72 2.15 -34.64 10.13
N LEU D 73 1.70 -35.16 9.01
CA LEU D 73 1.62 -36.61 8.81
C LEU D 73 2.05 -36.99 7.41
N TYR D 74 3.28 -36.62 7.10
CA TYR D 74 3.77 -36.67 5.73
C TYR D 74 5.01 -37.52 5.55
N ASN D 75 5.40 -38.24 6.61
CA ASN D 75 6.51 -39.17 6.52
C ASN D 75 6.43 -40.17 7.66
N ASP D 76 7.25 -41.20 7.63
CA ASP D 76 7.23 -42.23 8.66
C ASP D 76 7.50 -41.68 10.07
N ALA D 77 8.41 -40.71 10.20
CA ALA D 77 8.76 -40.18 11.51
C ALA D 77 7.54 -39.48 12.09
N ASN D 78 6.87 -38.67 11.26
CA ASN D 78 5.63 -38.00 11.70
C ASN D 78 4.65 -39.04 12.25
N GLU D 79 4.53 -40.13 11.52
CA GLU D 79 3.59 -41.20 11.88
C GLU D 79 3.94 -41.84 13.21
N ALA D 80 5.20 -42.22 13.37
CA ALA D 80 5.68 -42.78 14.63
C ALA D 80 5.49 -41.85 15.83
N ALA D 81 5.80 -40.56 15.67
CA ALA D 81 5.68 -39.57 16.76
C ALA D 81 4.22 -39.41 17.20
N LEU D 82 3.32 -39.33 16.24
CA LEU D 82 1.90 -39.27 16.58
C LEU D 82 1.38 -40.57 17.20
N GLY D 83 1.87 -41.71 16.70
CA GLY D 83 1.52 -43.03 17.22
C GLY D 83 1.88 -43.17 18.70
N ARG D 84 3.01 -42.57 19.11
CA ARG D 84 3.39 -42.62 20.55
C ARG D 84 2.36 -41.90 21.42
N VAL D 85 1.92 -40.74 20.96
CA VAL D 85 0.87 -39.99 21.64
C VAL D 85 -0.43 -40.76 21.67
N LEU D 86 -0.85 -41.26 20.51
CA LEU D 86 -2.12 -42.01 20.46
C LEU D 86 -2.10 -43.24 21.36
N GLY D 87 -0.96 -43.92 21.47
CA GLY D 87 -0.91 -45.13 22.29
C GLY D 87 -1.18 -44.85 23.76
N ALA D 88 -0.69 -43.70 24.22
CA ALA D 88 -0.94 -43.24 25.59
C ALA D 88 -2.41 -42.90 25.76
N VAL D 89 -2.96 -42.20 24.79
CA VAL D 89 -4.40 -41.95 24.80
C VAL D 89 -5.19 -43.24 24.92
N ARG D 90 -4.91 -44.20 24.07
CA ARG D 90 -5.63 -45.47 24.11
C ARG D 90 -5.50 -46.28 25.40
N ASN D 91 -4.39 -46.11 26.09
CA ASN D 91 -4.21 -46.75 27.40
C ASN D 91 -5.12 -46.21 28.45
N HIS D 92 -5.66 -45.00 28.26
CA HIS D 92 -6.34 -44.28 29.34
C HIS D 92 -7.74 -43.75 29.07
N SER D 93 -8.13 -43.64 27.80
CA SER D 93 -9.37 -42.96 27.46
C SER D 93 -10.27 -43.74 26.51
N PRO D 94 -11.59 -43.60 26.66
CA PRO D 94 -12.52 -44.19 25.68
C PRO D 94 -12.92 -43.21 24.55
N ILE D 95 -12.39 -42.00 24.54
CA ILE D 95 -12.81 -41.00 23.59
C ILE D 95 -12.57 -41.41 22.14
N ALA D 96 -13.40 -40.89 21.25
CA ALA D 96 -13.19 -41.08 19.82
C ALA D 96 -12.16 -40.08 19.36
N VAL D 97 -11.14 -40.57 18.68
CA VAL D 97 -10.01 -39.76 18.25
C VAL D 97 -10.06 -39.65 16.74
N THR D 98 -10.13 -38.41 16.25
CA THR D 98 -10.17 -38.11 14.82
C THR D 98 -9.12 -37.05 14.52
N ILE D 99 -8.92 -36.73 13.26
CA ILE D 99 -7.84 -35.82 12.89
C ILE D 99 -8.28 -34.90 11.75
N GLN D 100 -7.86 -33.66 11.82
CA GLN D 100 -8.08 -32.66 10.75
C GLN D 100 -6.89 -32.66 9.81
N LEU D 101 -7.10 -33.10 8.57
CA LEU D 101 -6.04 -33.06 7.59
C LEU D 101 -6.13 -31.72 6.85
N ALA D 102 -4.99 -31.11 6.60
CA ALA D 102 -4.91 -29.71 6.24
C ALA D 102 -3.81 -29.40 5.24
N HIS D 103 -4.01 -28.32 4.51
CA HIS D 103 -3.00 -27.70 3.67
C HIS D 103 -3.32 -26.20 3.67
N ALA D 104 -2.38 -25.39 4.09
CA ALA D 104 -2.57 -23.93 4.31
C ALA D 104 -2.61 -23.08 3.03
N GLY D 105 -2.15 -23.64 1.92
CA GLY D 105 -2.23 -22.98 0.63
C GLY D 105 -1.39 -21.71 0.74
N ARG D 106 -1.93 -20.59 0.26
CA ARG D 106 -1.20 -19.34 0.33
C ARG D 106 -0.92 -18.82 1.71
N LYS D 107 -1.57 -19.36 2.74
CA LYS D 107 -1.34 -18.95 4.11
C LYS D 107 -0.20 -19.72 4.80
N ALA D 108 0.41 -20.64 4.07
CA ALA D 108 1.56 -21.40 4.57
C ALA D 108 2.79 -20.53 4.81
N SER D 109 3.82 -21.14 5.40
CA SER D 109 5.10 -20.49 5.60
C SER D 109 4.93 -19.24 6.43
N SER D 110 4.17 -19.36 7.53
CA SER D 110 3.92 -18.24 8.44
C SER D 110 4.44 -18.54 9.85
N GLU D 111 4.52 -17.48 10.66
CA GLU D 111 5.01 -17.58 12.04
C GLU D 111 3.86 -18.03 12.92
N ALA D 112 4.20 -18.66 14.05
CA ALA D 112 3.24 -18.98 15.09
C ALA D 112 2.69 -17.71 15.77
N PRO D 113 1.54 -17.80 16.47
CA PRO D 113 0.89 -16.56 17.01
C PRO D 113 1.81 -15.75 17.91
N TRP D 114 2.52 -16.42 18.82
CA TRP D 114 3.45 -15.73 19.73
C TRP D 114 4.64 -15.09 19.02
N ASP D 115 4.90 -15.49 17.78
CA ASP D 115 5.93 -14.85 16.95
C ASP D 115 5.35 -13.85 15.94
N GLY D 116 4.08 -13.50 16.10
CA GLY D 116 3.46 -12.42 15.31
C GLY D 116 2.65 -12.84 14.11
N GLY D 117 2.70 -14.13 13.77
CA GLY D 117 1.87 -14.67 12.71
C GLY D 117 2.17 -14.23 11.29
N GLY D 118 3.30 -13.54 11.09
CA GLY D 118 3.66 -13.00 9.77
C GLY D 118 4.15 -14.03 8.79
N GLN D 119 4.11 -13.67 7.49
CA GLN D 119 4.69 -14.50 6.48
C GLN D 119 6.21 -14.58 6.64
N ILE D 120 6.75 -15.79 6.48
CA ILE D 120 8.16 -16.02 6.33
C ILE D 120 8.40 -16.17 4.83
N ARG D 121 9.25 -15.32 4.27
CA ARG D 121 9.47 -15.34 2.81
C ARG D 121 10.18 -16.63 2.40
N PRO D 122 9.98 -17.10 1.15
CA PRO D 122 10.70 -18.31 0.71
C PRO D 122 12.23 -18.28 0.89
N ASP D 123 12.81 -17.08 0.77
CA ASP D 123 14.27 -16.87 0.89
C ASP D 123 14.81 -16.57 2.30
N GLN D 124 13.92 -16.51 3.30
CA GLN D 124 14.31 -16.35 4.70
C GLN D 124 14.50 -17.72 5.37
N PRO D 125 15.18 -17.75 6.56
CA PRO D 125 15.33 -19.01 7.29
C PRO D 125 13.96 -19.55 7.68
N ARG D 126 13.76 -20.84 7.47
CA ARG D 126 12.50 -21.56 7.76
C ARG D 126 11.37 -21.34 6.76
N GLY D 127 11.50 -20.39 5.83
CA GLY D 127 10.44 -20.03 4.90
C GLY D 127 10.39 -20.95 3.69
N TRP D 128 9.28 -20.92 2.98
CA TRP D 128 9.14 -21.72 1.75
C TRP D 128 8.13 -21.18 0.78
N GLN D 129 8.28 -21.57 -0.49
CA GLN D 129 7.31 -21.18 -1.52
C GLN D 129 5.94 -21.83 -1.26
N THR D 130 4.88 -21.01 -1.28
CA THR D 130 3.49 -21.45 -1.02
C THR D 130 2.77 -21.66 -2.36
N PHE D 131 1.67 -22.40 -2.30
CA PHE D 131 0.90 -22.78 -3.46
C PHE D 131 -0.57 -22.45 -3.22
N ALA D 132 -1.27 -22.17 -4.30
CA ALA D 132 -2.65 -21.71 -4.25
C ALA D 132 -3.36 -21.88 -5.58
N PRO D 133 -4.68 -21.69 -5.58
CA PRO D 133 -5.32 -21.77 -6.89
C PRO D 133 -4.83 -20.71 -7.87
N SER D 134 -4.51 -19.52 -7.33
CA SER D 134 -4.00 -18.39 -8.13
C SER D 134 -2.91 -17.62 -7.41
N ALA D 135 -2.09 -16.87 -8.20
CA ALA D 135 -0.90 -16.12 -7.73
C ALA D 135 -1.25 -14.75 -7.09
N VAL D 136 -2.05 -14.80 -6.03
CA VAL D 136 -2.61 -13.63 -5.39
C VAL D 136 -2.35 -13.84 -3.92
N PRO D 137 -1.65 -12.90 -3.27
CA PRO D 137 -1.36 -13.04 -1.85
C PRO D 137 -2.57 -12.76 -0.99
N HIS D 138 -2.57 -13.33 0.22
CA HIS D 138 -3.67 -13.12 1.16
C HIS D 138 -3.81 -11.64 1.52
N ALA D 139 -2.66 -10.96 1.63
CA ALA D 139 -2.59 -9.53 1.95
C ALA D 139 -1.60 -8.86 1.03
N ALA D 140 -1.84 -7.59 0.74
CA ALA D 140 -0.92 -6.83 -0.10
C ALA D 140 0.48 -6.78 0.50
N GLY D 141 1.47 -6.94 -0.36
CA GLY D 141 2.88 -6.86 0.00
C GLY D 141 3.51 -8.17 0.44
N GLU D 142 2.69 -9.20 0.66
CA GLU D 142 3.20 -10.55 0.90
C GLU D 142 3.74 -11.14 -0.38
N VAL D 143 4.61 -12.13 -0.23
CA VAL D 143 5.09 -12.88 -1.39
C VAL D 143 3.94 -13.75 -1.92
N PRO D 144 3.58 -13.58 -3.19
CA PRO D 144 2.45 -14.35 -3.67
C PRO D 144 2.73 -15.85 -3.74
N PRO D 145 1.66 -16.64 -3.65
CA PRO D 145 1.82 -18.06 -3.88
C PRO D 145 2.00 -18.34 -5.37
N ALA D 146 2.57 -19.50 -5.67
CA ALA D 146 2.53 -20.04 -7.06
C ALA D 146 1.15 -20.59 -7.37
N ALA D 147 0.65 -20.32 -8.56
CA ALA D 147 -0.63 -20.84 -9.01
C ALA D 147 -0.41 -22.29 -9.34
N LEU D 148 -1.25 -23.15 -8.78
CA LEU D 148 -1.06 -24.58 -8.97
C LEU D 148 -1.34 -25.01 -10.42
N ASP D 149 -0.53 -25.93 -10.92
CA ASP D 149 -0.82 -26.61 -12.20
C ASP D 149 -1.37 -28.02 -11.96
N LYS D 150 -1.65 -28.72 -13.06
CA LYS D 150 -2.19 -30.07 -13.00
C LYS D 150 -1.33 -30.95 -12.11
N ALA D 151 -0.02 -30.91 -12.28
CA ALA D 151 0.88 -31.74 -11.44
C ALA D 151 0.78 -31.36 -9.95
N GLY D 152 0.73 -30.06 -9.68
CA GLY D 152 0.67 -29.57 -8.29
C GLY D 152 -0.60 -29.98 -7.60
N MET D 153 -1.71 -29.95 -8.33
CA MET D 153 -2.99 -30.38 -7.80
C MET D 153 -3.01 -31.89 -7.55
N LYS D 154 -2.41 -32.68 -8.47
CA LYS D 154 -2.24 -34.11 -8.25
C LYS D 154 -1.40 -34.44 -7.03
N LYS D 155 -0.27 -33.75 -6.84
CA LYS D 155 0.52 -33.92 -5.62
C LYS D 155 -0.35 -33.71 -4.38
N ILE D 156 -1.11 -32.62 -4.36
CA ILE D 156 -1.97 -32.37 -3.19
C ILE D 156 -3.01 -33.48 -2.96
N ARG D 157 -3.74 -33.90 -4.01
CA ARG D 157 -4.67 -35.01 -3.89
C ARG D 157 -3.95 -36.23 -3.29
N ASP D 158 -2.81 -36.58 -3.88
CA ASP D 158 -2.13 -37.78 -3.47
C ASP D 158 -1.60 -37.65 -2.04
N ASP D 159 -1.20 -36.43 -1.64
CA ASP D 159 -0.67 -36.18 -0.28
C ASP D 159 -1.81 -36.33 0.76
N PHE D 160 -3.01 -35.82 0.43
CA PHE D 160 -4.17 -36.05 1.28
C PHE D 160 -4.45 -37.56 1.45
N VAL D 161 -4.42 -38.27 0.34
CA VAL D 161 -4.55 -39.71 0.34
C VAL D 161 -3.49 -40.40 1.19
N ALA D 162 -2.23 -40.03 1.01
CA ALA D 162 -1.14 -40.68 1.76
C ALA D 162 -1.35 -40.45 3.24
N ALA D 163 -1.67 -39.22 3.61
CA ALA D 163 -1.87 -38.87 5.03
C ALA D 163 -3.11 -39.57 5.60
N ALA D 164 -4.16 -39.71 4.82
CA ALA D 164 -5.33 -40.45 5.25
C ALA D 164 -5.02 -41.94 5.53
N LYS D 165 -4.17 -42.54 4.71
CA LYS D 165 -3.76 -43.93 4.93
C LYS D 165 -2.91 -44.07 6.18
N ARG D 166 -2.04 -43.09 6.43
CA ARG D 166 -1.24 -43.10 7.66
C ARG D 166 -2.14 -42.98 8.88
N ALA D 167 -3.13 -42.09 8.79
CA ALA D 167 -4.09 -41.91 9.88
C ALA D 167 -4.84 -43.23 10.14
N ALA D 168 -5.27 -43.89 9.08
CA ALA D 168 -5.99 -45.17 9.24
C ALA D 168 -5.09 -46.21 9.94
N ARG D 169 -3.83 -46.28 9.53
CA ARG D 169 -2.86 -47.23 10.11
C ARG D 169 -2.55 -46.94 11.59
N LEU D 170 -2.66 -45.67 11.98
CA LEU D 170 -2.55 -45.27 13.38
C LEU D 170 -3.77 -45.58 14.19
N GLY D 171 -4.85 -46.04 13.56
CA GLY D 171 -6.06 -46.33 14.28
C GLY D 171 -6.86 -45.06 14.55
N ILE D 172 -6.58 -43.95 13.85
CA ILE D 172 -7.44 -42.75 13.98
C ILE D 172 -8.82 -43.12 13.39
N GLU D 173 -9.87 -42.61 14.02
CA GLU D 173 -11.22 -43.12 13.81
C GLU D 173 -12.05 -42.30 12.83
N GLY D 174 -11.50 -41.19 12.35
CA GLY D 174 -12.21 -40.33 11.46
C GLY D 174 -11.33 -39.21 10.93
N ILE D 175 -11.74 -38.62 9.83
CA ILE D 175 -10.97 -37.52 9.23
C ILE D 175 -11.86 -36.32 8.93
N GLU D 176 -11.43 -35.16 9.40
CA GLU D 176 -12.02 -33.88 9.00
C GLU D 176 -11.13 -33.25 7.96
N VAL D 177 -11.67 -33.05 6.75
CA VAL D 177 -10.86 -32.44 5.69
C VAL D 177 -11.11 -30.95 5.87
N HIS D 178 -10.02 -30.20 5.95
CA HIS D 178 -10.09 -28.79 6.27
C HIS D 178 -10.37 -27.96 5.02
N GLY D 179 -11.61 -27.52 4.90
CA GLY D 179 -12.06 -26.61 3.81
C GLY D 179 -12.35 -25.19 4.24
N ALA D 180 -11.83 -24.74 5.38
CA ALA D 180 -12.19 -23.45 5.95
C ALA D 180 -10.95 -22.62 6.31
N HIS D 181 -11.18 -21.55 7.07
CA HIS D 181 -10.12 -20.66 7.62
C HIS D 181 -9.18 -20.07 6.56
N GLY D 182 -9.71 -19.90 5.37
CA GLY D 182 -8.93 -19.34 4.27
C GLY D 182 -7.72 -20.16 3.87
N TYR D 183 -7.69 -21.46 4.23
CA TYR D 183 -6.63 -22.36 3.81
C TYR D 183 -6.88 -22.88 2.39
N LEU D 184 -6.11 -23.88 1.95
CA LEU D 184 -6.05 -24.18 0.53
C LEU D 184 -7.41 -24.44 -0.12
N LEU D 185 -8.18 -25.33 0.49
CA LEU D 185 -9.47 -25.68 -0.07
C LEU D 185 -10.43 -24.48 -0.12
N HIS D 186 -10.43 -23.67 0.93
CA HIS D 186 -11.25 -22.47 0.99
C HIS D 186 -10.81 -21.47 -0.14
N GLN D 187 -9.50 -21.41 -0.42
CA GLN D 187 -8.96 -20.57 -1.47
C GLN D 187 -9.56 -20.98 -2.81
N PHE D 188 -9.73 -22.27 -3.05
CA PHE D 188 -10.39 -22.73 -4.27
C PHE D 188 -11.86 -22.36 -4.26
N LEU D 189 -12.52 -22.50 -3.11
CA LEU D 189 -13.93 -22.20 -3.01
C LEU D 189 -14.24 -20.73 -3.31
N SER D 190 -13.33 -19.86 -2.91
CA SER D 190 -13.59 -18.41 -2.86
C SER D 190 -13.15 -17.67 -4.09
N PRO D 191 -14.08 -16.92 -4.73
CA PRO D 191 -13.64 -16.02 -5.81
C PRO D 191 -12.61 -14.95 -5.45
N ILE D 192 -12.44 -14.67 -4.17
CA ILE D 192 -11.42 -13.73 -3.71
C ILE D 192 -10.02 -14.27 -3.93
N ALA D 193 -9.82 -15.56 -3.65
CA ALA D 193 -8.52 -16.18 -3.87
C ALA D 193 -8.40 -16.91 -5.20
N ASN D 194 -9.52 -17.37 -5.76
CA ASN D 194 -9.50 -18.23 -6.95
C ASN D 194 -9.88 -17.36 -8.18
N HIS D 195 -8.87 -17.04 -8.96
CA HIS D 195 -9.05 -16.34 -10.24
C HIS D 195 -8.72 -17.22 -11.43
N ARG D 196 -8.83 -18.54 -11.24
CA ARG D 196 -8.52 -19.49 -12.29
C ARG D 196 -9.55 -19.38 -13.40
N THR D 197 -9.11 -19.65 -14.63
CA THR D 197 -10.00 -19.66 -15.77
C THR D 197 -10.22 -21.04 -16.36
N ASP D 198 -9.65 -22.09 -15.75
CA ASP D 198 -9.87 -23.46 -16.20
C ASP D 198 -11.08 -24.02 -15.45
N GLU D 199 -11.27 -25.35 -15.44
CA GLU D 199 -12.45 -26.01 -14.86
C GLU D 199 -12.50 -25.93 -13.32
N TYR D 200 -11.47 -25.33 -12.73
CA TYR D 200 -11.35 -25.18 -11.27
C TYR D 200 -11.62 -23.77 -10.75
N GLY D 201 -11.92 -22.81 -11.62
CA GLY D 201 -12.36 -21.47 -11.18
C GLY D 201 -13.56 -20.98 -11.95
N GLY D 202 -14.10 -19.85 -11.51
CA GLY D 202 -15.28 -19.28 -12.13
C GLY D 202 -16.54 -19.65 -11.41
N SER D 203 -17.33 -20.53 -12.03
CA SER D 203 -18.62 -20.92 -11.51
C SER D 203 -18.47 -21.63 -10.16
N LEU D 204 -19.57 -21.69 -9.44
CA LEU D 204 -19.63 -22.35 -8.14
C LEU D 204 -19.20 -23.80 -8.30
N GLU D 205 -19.75 -24.46 -9.30
CA GLU D 205 -19.40 -25.88 -9.55
C GLU D 205 -17.91 -26.04 -9.78
N ASN D 206 -17.31 -25.16 -10.56
CA ASN D 206 -15.87 -25.22 -10.80
C ASN D 206 -15.04 -24.98 -9.53
N ARG D 207 -15.50 -24.06 -8.70
CA ARG D 207 -14.80 -23.73 -7.45
C ARG D 207 -14.87 -24.85 -6.41
N MET D 208 -15.96 -25.61 -6.41
CA MET D 208 -16.09 -26.73 -5.47
C MET D 208 -15.38 -27.98 -5.98
N ARG D 209 -15.02 -28.01 -7.26
CA ARG D 209 -14.51 -29.19 -7.90
C ARG D 209 -13.27 -29.76 -7.21
N PHE D 210 -12.24 -28.96 -6.96
CA PHE D 210 -11.02 -29.50 -6.36
C PHE D 210 -11.22 -29.89 -4.89
N PRO D 211 -11.87 -29.01 -4.07
CA PRO D 211 -12.21 -29.48 -2.71
C PRO D 211 -12.99 -30.81 -2.68
N LEU D 212 -13.95 -30.97 -3.61
CA LEU D 212 -14.68 -32.24 -3.69
C LEU D 212 -13.83 -33.38 -4.22
N GLU D 213 -12.88 -33.12 -5.12
CA GLU D 213 -11.90 -34.17 -5.55
C GLU D 213 -11.09 -34.67 -4.36
N VAL D 214 -10.66 -33.72 -3.53
CA VAL D 214 -9.82 -34.07 -2.36
C VAL D 214 -10.65 -34.88 -1.40
N PHE D 215 -11.85 -34.39 -1.09
CA PHE D 215 -12.75 -35.12 -0.20
C PHE D 215 -12.97 -36.54 -0.74
N ASP D 216 -13.29 -36.64 -2.03
CA ASP D 216 -13.51 -37.99 -2.65
C ASP D 216 -12.33 -38.87 -2.53
N ALA D 217 -11.14 -38.34 -2.75
CA ALA D 217 -9.94 -39.13 -2.66
C ALA D 217 -9.67 -39.64 -1.26
N VAL D 218 -9.91 -38.78 -0.27
CA VAL D 218 -9.79 -39.16 1.14
C VAL D 218 -10.83 -40.22 1.52
N ARG D 219 -12.05 -40.04 1.07
CA ARG D 219 -13.13 -40.97 1.41
C ARG D 219 -12.85 -42.34 0.79
N GLU D 220 -12.30 -42.35 -0.42
CA GLU D 220 -11.94 -43.60 -1.08
C GLU D 220 -10.80 -44.31 -0.34
N ALA D 221 -9.81 -43.55 0.12
CA ALA D 221 -8.64 -44.14 0.73
C ALA D 221 -8.87 -44.62 2.17
N PHE D 222 -9.71 -43.93 2.92
CA PHE D 222 -9.90 -44.19 4.36
C PHE D 222 -10.91 -45.33 4.53
N PRO D 223 -10.69 -46.22 5.51
CA PRO D 223 -11.59 -47.38 5.64
C PRO D 223 -13.05 -46.99 5.63
N ALA D 224 -13.83 -47.62 4.76
CA ALA D 224 -15.22 -47.18 4.49
C ALA D 224 -16.12 -47.03 5.72
N GLU D 225 -15.88 -47.86 6.73
CA GLU D 225 -16.65 -47.85 7.96
C GLU D 225 -16.38 -46.64 8.88
N ARG D 226 -15.24 -45.98 8.69
CA ARG D 226 -14.90 -44.85 9.53
C ARG D 226 -15.33 -43.57 8.84
N PRO D 227 -15.80 -42.59 9.60
CA PRO D 227 -16.37 -41.36 9.01
C PRO D 227 -15.31 -40.41 8.46
N VAL D 228 -15.67 -39.74 7.38
CA VAL D 228 -14.87 -38.69 6.81
C VAL D 228 -15.85 -37.56 6.55
N TRP D 229 -15.42 -36.34 6.85
CA TRP D 229 -16.28 -35.16 6.67
C TRP D 229 -15.42 -33.94 6.32
N MET D 230 -16.07 -32.81 6.14
CA MET D 230 -15.35 -31.57 5.83
C MET D 230 -15.74 -30.47 6.78
N ARG D 231 -14.76 -29.60 7.02
CA ARG D 231 -14.92 -28.36 7.74
C ARG D 231 -15.14 -27.26 6.74
N VAL D 232 -16.23 -26.48 6.91
CA VAL D 232 -16.60 -25.45 5.94
C VAL D 232 -16.87 -24.15 6.65
N SER D 233 -16.39 -23.03 6.07
CA SER D 233 -16.74 -21.72 6.60
C SER D 233 -18.15 -21.35 6.18
N ALA D 234 -19.02 -20.95 7.11
CA ALA D 234 -20.41 -20.64 6.72
C ALA D 234 -20.47 -19.60 5.62
N THR D 235 -19.63 -18.56 5.77
CA THR D 235 -19.61 -17.43 4.85
C THR D 235 -18.37 -16.56 5.09
N ASP D 236 -17.94 -15.84 4.06
CA ASP D 236 -17.02 -14.73 4.21
C ASP D 236 -17.78 -13.52 4.76
N TRP D 237 -17.03 -12.61 5.35
CA TRP D 237 -17.55 -11.35 5.89
C TRP D 237 -17.69 -10.32 4.73
N VAL D 238 -16.96 -10.54 3.64
CA VAL D 238 -16.92 -9.64 2.49
C VAL D 238 -17.82 -10.15 1.37
N PRO D 239 -18.28 -9.26 0.48
CA PRO D 239 -19.06 -9.69 -0.67
C PRO D 239 -18.22 -10.35 -1.75
N ASN D 240 -18.89 -11.02 -2.69
CA ASN D 240 -18.25 -11.69 -3.80
C ASN D 240 -17.16 -12.67 -3.39
N GLY D 241 -17.38 -13.32 -2.25
CA GLY D 241 -16.50 -14.40 -1.81
C GLY D 241 -17.33 -15.64 -1.65
N TRP D 242 -16.93 -16.45 -0.67
CA TRP D 242 -17.71 -17.58 -0.23
C TRP D 242 -18.90 -17.05 0.55
N ASP D 243 -20.02 -17.75 0.45
CA ASP D 243 -21.25 -17.34 1.10
C ASP D 243 -22.07 -18.55 1.56
N ILE D 244 -23.11 -18.26 2.31
CA ILE D 244 -23.95 -19.30 2.94
C ILE D 244 -24.60 -20.18 1.85
N GLU D 245 -24.94 -19.57 0.71
CA GLU D 245 -25.42 -20.36 -0.41
C GLU D 245 -24.40 -21.39 -0.93
N GLY D 246 -23.14 -20.96 -1.04
CA GLY D 246 -22.10 -21.89 -1.39
C GLY D 246 -21.99 -23.02 -0.37
N THR D 247 -21.97 -22.65 0.90
CA THR D 247 -21.92 -23.64 1.97
C THR D 247 -23.01 -24.70 1.84
N ILE D 248 -24.23 -24.25 1.57
CA ILE D 248 -25.36 -25.17 1.44
C ILE D 248 -25.17 -26.08 0.25
N ALA D 249 -24.72 -25.51 -0.88
CA ALA D 249 -24.52 -26.31 -2.10
C ALA D 249 -23.38 -27.33 -1.91
N LEU D 250 -22.32 -26.88 -1.23
CA LEU D 250 -21.23 -27.77 -0.94
C LEU D 250 -21.70 -28.92 0.02
N SER D 251 -22.51 -28.59 1.01
CA SER D 251 -22.99 -29.57 2.01
C SER D 251 -23.91 -30.59 1.34
N HIS D 252 -24.73 -30.16 0.38
CA HIS D 252 -25.51 -31.14 -0.43
C HIS D 252 -24.58 -32.10 -1.20
N GLU D 253 -23.54 -31.57 -1.82
CA GLU D 253 -22.59 -32.41 -2.52
C GLU D 253 -21.87 -33.36 -1.59
N LEU D 254 -21.47 -32.85 -0.42
CA LEU D 254 -20.80 -33.71 0.57
C LEU D 254 -21.70 -34.89 0.96
N LYS D 255 -22.96 -34.60 1.21
CA LYS D 255 -23.92 -35.66 1.55
C LYS D 255 -24.04 -36.71 0.44
N ALA D 256 -24.16 -36.26 -0.81
CA ALA D 256 -24.28 -37.17 -1.96
C ALA D 256 -23.01 -37.98 -2.17
N ARG D 257 -21.87 -37.45 -1.76
CA ARG D 257 -20.62 -38.15 -1.89
C ARG D 257 -20.23 -38.95 -0.63
N GLY D 258 -21.12 -39.14 0.31
CA GLY D 258 -20.83 -40.03 1.43
C GLY D 258 -20.09 -39.41 2.60
N SER D 259 -20.02 -38.08 2.66
CA SER D 259 -19.66 -37.41 3.93
C SER D 259 -20.50 -37.85 5.12
N ALA D 260 -19.85 -38.06 6.26
CA ALA D 260 -20.52 -38.40 7.49
C ALA D 260 -21.18 -37.23 8.21
N ALA D 261 -20.69 -36.02 7.90
CA ALA D 261 -21.09 -34.84 8.60
C ALA D 261 -20.66 -33.63 7.81
N VAL D 262 -21.04 -32.48 8.34
CA VAL D 262 -20.39 -31.23 7.98
C VAL D 262 -20.15 -30.41 9.25
N HIS D 263 -18.94 -29.83 9.35
CA HIS D 263 -18.57 -29.03 10.49
C HIS D 263 -18.54 -27.60 10.03
N VAL D 264 -19.43 -26.78 10.58
CA VAL D 264 -19.72 -25.44 10.04
C VAL D 264 -19.08 -24.41 10.95
N SER D 265 -18.13 -23.63 10.42
CA SER D 265 -17.56 -22.54 11.18
C SER D 265 -18.55 -21.37 11.25
N THR D 266 -18.26 -20.36 12.07
CA THR D 266 -19.32 -19.40 12.43
C THR D 266 -19.58 -18.38 11.35
N GLY D 267 -18.75 -18.32 10.32
CA GLY D 267 -18.83 -17.27 9.33
C GLY D 267 -18.52 -15.88 9.88
N GLY D 268 -17.87 -15.79 11.04
CA GLY D 268 -17.55 -14.49 11.63
C GLY D 268 -18.62 -13.87 12.49
N VAL D 269 -19.72 -14.58 12.74
CA VAL D 269 -20.80 -14.07 13.59
C VAL D 269 -20.77 -14.90 14.86
N SER D 270 -20.39 -14.25 15.96
CA SER D 270 -20.38 -14.92 17.24
C SER D 270 -21.78 -15.03 17.83
N PRO D 271 -21.94 -15.90 18.85
CA PRO D 271 -23.22 -15.91 19.53
C PRO D 271 -23.67 -14.54 20.11
N GLN D 272 -22.74 -13.74 20.62
CA GLN D 272 -23.11 -12.44 21.21
C GLN D 272 -23.79 -11.53 20.18
N GLN D 273 -23.30 -11.61 18.96
CA GLN D 273 -23.92 -10.87 17.85
C GLN D 273 -25.19 -11.54 17.38
N ALA D 274 -25.11 -12.85 17.21
CA ALA D 274 -26.18 -13.60 16.55
C ALA D 274 -27.49 -13.66 17.31
N ILE D 275 -27.39 -13.78 18.63
CA ILE D 275 -28.60 -13.96 19.44
C ILE D 275 -29.48 -12.71 19.43
N LYS D 276 -28.92 -11.59 19.03
CA LYS D 276 -29.69 -10.35 18.95
C LYS D 276 -30.47 -10.18 17.67
N ILE D 277 -30.34 -11.10 16.73
CA ILE D 277 -30.84 -10.91 15.37
C ILE D 277 -31.84 -12.01 15.02
N GLY D 278 -33.04 -11.62 14.59
CA GLY D 278 -33.96 -12.56 13.97
C GLY D 278 -34.48 -13.52 15.02
N PRO D 279 -34.64 -14.82 14.67
CA PRO D 279 -34.96 -15.81 15.71
C PRO D 279 -33.93 -15.91 16.85
N GLY D 280 -32.73 -15.36 16.66
CA GLY D 280 -31.74 -15.32 17.77
C GLY D 280 -31.03 -16.65 18.00
N TYR D 281 -30.90 -17.46 16.96
CA TYR D 281 -30.01 -18.66 17.05
C TYR D 281 -28.60 -18.21 17.42
N GLN D 282 -27.90 -19.01 18.22
CA GLN D 282 -26.51 -18.77 18.51
C GLN D 282 -25.60 -19.07 17.33
N VAL D 283 -25.92 -20.13 16.57
CA VAL D 283 -25.15 -20.58 15.39
C VAL D 283 -26.11 -20.63 14.18
N PRO D 284 -26.50 -19.44 13.70
CA PRO D 284 -27.56 -19.43 12.66
C PRO D 284 -27.24 -20.15 11.34
N TYR D 285 -25.97 -20.13 10.96
CA TYR D 285 -25.58 -20.72 9.72
C TYR D 285 -25.61 -22.24 9.87
N ALA D 286 -25.11 -22.74 10.99
CA ALA D 286 -25.14 -24.18 11.27
C ALA D 286 -26.60 -24.64 11.32
N GLN D 287 -27.46 -23.83 11.93
CA GLN D 287 -28.89 -24.14 12.03
C GLN D 287 -29.52 -24.35 10.66
N ARG D 288 -29.18 -23.46 9.75
CA ARG D 288 -29.73 -23.52 8.41
C ARG D 288 -29.16 -24.71 7.66
N VAL D 289 -27.86 -24.97 7.77
CA VAL D 289 -27.28 -26.11 7.05
C VAL D 289 -27.88 -27.44 7.53
N LYS D 290 -28.09 -27.55 8.84
CA LYS D 290 -28.76 -28.70 9.44
C LYS D 290 -30.18 -28.89 8.85
N ALA D 291 -30.96 -27.82 8.89
CA ALA D 291 -32.35 -27.88 8.46
C ALA D 291 -32.47 -28.24 7.00
N GLU D 292 -31.63 -27.65 6.15
CA GLU D 292 -31.78 -27.82 4.70
C GLU D 292 -31.10 -29.06 4.10
N VAL D 293 -29.97 -29.48 4.64
CA VAL D 293 -29.21 -30.58 4.09
C VAL D 293 -29.44 -31.90 4.86
N GLY D 294 -29.59 -31.83 6.18
CA GLY D 294 -29.90 -33.02 6.98
C GLY D 294 -28.71 -33.93 7.29
N LEU D 295 -27.49 -33.52 6.94
CA LEU D 295 -26.30 -34.25 7.41
C LEU D 295 -26.17 -34.01 8.92
N PRO D 296 -25.51 -34.92 9.66
CA PRO D 296 -25.06 -34.59 11.01
C PRO D 296 -24.23 -33.28 10.95
N THR D 297 -24.61 -32.29 11.73
CA THR D 297 -24.08 -30.96 11.58
C THR D 297 -23.36 -30.62 12.86
N MET D 298 -22.06 -30.48 12.75
CA MET D 298 -21.26 -30.00 13.87
C MET D 298 -21.11 -28.51 13.75
N ALA D 299 -21.32 -27.76 14.81
CA ALA D 299 -21.20 -26.33 14.77
C ALA D 299 -20.09 -25.88 15.71
N VAL D 300 -19.23 -25.00 15.19
CA VAL D 300 -18.29 -24.27 16.06
C VAL D 300 -19.12 -23.44 17.00
N GLY D 301 -18.90 -23.67 18.29
CA GLY D 301 -19.57 -22.96 19.35
C GLY D 301 -18.60 -22.05 20.08
N LEU D 302 -18.68 -20.74 19.82
CA LEU D 302 -17.82 -19.77 20.52
C LEU D 302 -18.49 -19.42 21.83
N ILE D 303 -18.55 -20.41 22.72
CA ILE D 303 -19.29 -20.36 23.96
C ILE D 303 -18.43 -20.80 25.11
N THR D 304 -18.84 -20.46 26.32
CA THR D 304 -18.12 -20.88 27.54
C THR D 304 -19.03 -21.61 28.53
N GLU D 305 -20.35 -21.45 28.44
CA GLU D 305 -21.26 -22.00 29.47
C GLU D 305 -22.02 -23.22 29.00
N ALA D 306 -22.23 -24.17 29.92
CA ALA D 306 -22.99 -25.37 29.64
C ALA D 306 -24.36 -25.06 29.05
N GLU D 307 -25.01 -24.05 29.64
CA GLU D 307 -26.35 -23.66 29.25
C GLU D 307 -26.39 -23.18 27.81
N GLN D 308 -25.32 -22.52 27.36
CA GLN D 308 -25.22 -22.08 25.97
C GLN D 308 -25.14 -23.28 25.01
N ALA D 309 -24.29 -24.25 25.35
CA ALA D 309 -24.17 -25.46 24.53
C ALA D 309 -25.45 -26.30 24.50
N GLU D 310 -26.07 -26.50 25.67
CA GLU D 310 -27.32 -27.23 25.76
C GLU D 310 -28.36 -26.59 24.83
N ALA D 311 -28.43 -25.27 24.87
CA ALA D 311 -29.45 -24.57 24.09
C ALA D 311 -29.23 -24.77 22.60
N ILE D 312 -27.97 -24.68 22.16
CA ILE D 312 -27.66 -24.99 20.75
C ILE D 312 -28.22 -26.36 20.39
N ILE D 313 -28.03 -27.38 21.23
CA ILE D 313 -28.51 -28.69 20.85
C ILE D 313 -30.03 -28.77 20.97
N ALA D 314 -30.55 -28.27 22.08
CA ALA D 314 -32.00 -28.42 22.40
C ALA D 314 -32.86 -27.62 21.44
N ASN D 315 -32.30 -26.49 20.94
CA ASN D 315 -32.97 -25.67 19.93
C ASN D 315 -32.71 -26.13 18.49
N ASN D 316 -32.16 -27.33 18.30
CA ASN D 316 -31.96 -27.94 17.01
C ASN D 316 -31.08 -27.11 16.06
N GLU D 317 -30.12 -26.38 16.62
CA GLU D 317 -29.19 -25.57 15.83
C GLU D 317 -28.04 -26.42 15.29
N ALA D 318 -27.69 -27.51 16.00
CA ALA D 318 -26.59 -28.38 15.59
C ALA D 318 -26.77 -29.72 16.29
N ASP D 319 -26.14 -30.76 15.75
CA ASP D 319 -26.11 -32.08 16.36
C ASP D 319 -24.91 -32.33 17.25
N ILE D 320 -23.81 -31.66 16.93
CA ILE D 320 -22.58 -31.74 17.70
C ILE D 320 -22.06 -30.31 17.82
N ILE D 321 -21.52 -29.97 18.99
CA ILE D 321 -20.97 -28.65 19.19
C ILE D 321 -19.49 -28.83 19.39
N SER D 322 -18.68 -28.13 18.59
CA SER D 322 -17.25 -28.10 18.84
C SER D 322 -16.85 -26.91 19.71
N ILE D 323 -15.95 -27.18 20.67
CA ILE D 323 -15.54 -26.18 21.63
C ILE D 323 -14.03 -26.06 21.62
N ALA D 324 -13.55 -24.83 21.52
CA ALA D 324 -12.12 -24.60 21.37
C ALA D 324 -11.58 -23.92 22.66
N ARG D 325 -11.58 -22.59 22.73
CA ARG D 325 -10.91 -21.86 23.76
C ARG D 325 -11.35 -22.25 25.15
N ALA D 326 -12.64 -22.50 25.37
CA ALA D 326 -13.09 -22.87 26.71
C ALA D 326 -12.48 -24.19 27.18
N MET D 327 -12.18 -25.09 26.23
CA MET D 327 -11.50 -26.34 26.55
C MET D 327 -10.08 -26.10 26.99
N LEU D 328 -9.39 -25.06 26.45
CA LEU D 328 -8.01 -24.77 26.85
C LEU D 328 -7.98 -24.15 28.25
N TYR D 329 -8.94 -23.28 28.49
CA TYR D 329 -9.04 -22.54 29.77
C TYR D 329 -9.68 -23.39 30.84
N ASP D 330 -10.36 -24.47 30.42
CA ASP D 330 -10.99 -25.49 31.34
C ASP D 330 -11.00 -26.87 30.65
N PRO D 331 -9.90 -27.64 30.76
CA PRO D 331 -9.88 -28.94 30.12
C PRO D 331 -10.80 -29.95 30.73
N ARG D 332 -11.42 -29.61 31.87
CA ARG D 332 -12.49 -30.39 32.45
C ARG D 332 -13.88 -29.84 32.10
N TRP D 333 -13.96 -28.98 31.07
CA TRP D 333 -15.24 -28.38 30.69
C TRP D 333 -16.41 -29.38 30.61
N PRO D 334 -16.21 -30.57 30.02
CA PRO D 334 -17.36 -31.47 29.96
C PRO D 334 -17.75 -31.99 31.34
N TRP D 335 -16.79 -32.18 32.25
CA TRP D 335 -17.21 -32.52 33.63
C TRP D 335 -18.09 -31.41 34.29
N HIS D 336 -17.64 -30.19 34.11
CA HIS D 336 -18.30 -29.00 34.69
C HIS D 336 -19.66 -28.79 34.06
N ALA D 337 -19.76 -29.06 32.75
CA ALA D 337 -21.04 -29.01 32.07
C ALA D 337 -22.03 -30.10 32.56
N ALA D 338 -21.52 -31.31 32.71
CA ALA D 338 -22.31 -32.42 33.18
C ALA D 338 -22.84 -32.14 34.58
N ALA D 339 -22.02 -31.55 35.44
CA ALA D 339 -22.47 -31.17 36.79
C ALA D 339 -23.62 -30.16 36.70
N LYS D 340 -23.52 -29.19 35.80
CA LYS D 340 -24.58 -28.16 35.69
C LYS D 340 -25.86 -28.74 35.11
N LEU D 341 -25.75 -29.70 34.21
CA LEU D 341 -26.87 -30.24 33.44
C LEU D 341 -27.41 -31.57 33.97
N GLY D 342 -26.91 -32.06 35.11
CA GLY D 342 -27.37 -33.30 35.68
C GLY D 342 -27.01 -34.57 34.93
N ALA D 343 -25.86 -34.56 34.26
CA ALA D 343 -25.42 -35.69 33.47
C ALA D 343 -24.16 -36.29 34.10
N SER D 344 -23.64 -37.32 33.47
CA SER D 344 -22.42 -37.94 33.94
C SER D 344 -21.46 -38.07 32.80
N VAL D 345 -20.20 -38.30 33.14
CA VAL D 345 -19.12 -38.30 32.17
C VAL D 345 -18.18 -39.44 32.52
N ASN D 346 -17.44 -39.89 31.51
CA ASN D 346 -16.32 -40.78 31.71
C ASN D 346 -15.11 -40.01 32.16
N ALA D 347 -14.61 -40.32 33.34
CA ALA D 347 -13.41 -39.69 33.85
C ALA D 347 -12.45 -40.85 34.21
N PRO D 348 -11.15 -40.58 34.08
CA PRO D 348 -10.20 -41.62 34.44
C PRO D 348 -10.32 -41.92 35.94
N LYS D 349 -10.19 -43.21 36.28
CA LYS D 349 -10.28 -43.65 37.68
C LYS D 349 -9.33 -42.92 38.59
N GLN D 350 -8.17 -42.51 38.07
CA GLN D 350 -7.17 -41.79 38.90
C GLN D 350 -7.72 -40.48 39.48
N TYR D 351 -8.78 -39.92 38.86
CA TYR D 351 -9.36 -38.66 39.24
C TYR D 351 -10.76 -38.77 39.82
N TRP D 352 -11.22 -39.98 40.08
CA TRP D 352 -12.59 -40.16 40.60
C TRP D 352 -12.86 -39.47 41.97
N ARG D 353 -11.83 -39.32 42.77
CA ARG D 353 -11.95 -38.65 44.08
C ARG D 353 -12.04 -37.14 43.99
N SER D 354 -11.87 -36.58 42.80
CA SER D 354 -11.94 -35.13 42.62
C SER D 354 -13.34 -34.53 42.68
N GLN D 355 -14.35 -35.35 42.65
CA GLN D 355 -15.74 -34.90 42.59
C GLN D 355 -15.98 -33.98 43.80
N PRO D 356 -16.50 -32.77 43.57
CA PRO D 356 -16.79 -31.92 44.73
C PRO D 356 -17.81 -32.49 45.69
N ARG D 357 -17.71 -32.07 46.95
CA ARG D 357 -18.63 -32.49 48.03
C ARG D 357 -20.09 -32.38 47.63
N GLY D 358 -20.46 -31.28 47.01
CA GLY D 358 -21.83 -31.10 46.53
C GLY D 358 -22.40 -32.29 45.75
N LEU D 359 -21.61 -32.79 44.80
CA LEU D 359 -22.09 -33.65 43.73
C LEU D 359 -22.00 -35.09 44.12
N GLU D 360 -22.79 -35.90 43.44
CA GLU D 360 -22.74 -37.36 43.53
C GLU D 360 -23.00 -37.90 42.14
N LYS D 361 -22.38 -39.03 41.81
CA LYS D 361 -22.65 -39.74 40.54
C LYS D 361 -22.21 -38.99 39.27
N LEU D 362 -21.35 -37.99 39.40
CA LEU D 362 -20.83 -37.26 38.23
C LEU D 362 -20.07 -38.19 37.29
N PHE D 363 -19.24 -39.04 37.90
CA PHE D 363 -18.39 -39.90 37.13
C PHE D 363 -19.02 -41.28 36.95
N LYS D 364 -19.11 -41.73 35.70
CA LYS D 364 -19.75 -43.02 35.40
C LYS D 364 -19.01 -44.18 36.03
N ASP D 365 -19.74 -45.00 36.77
CA ASP D 365 -19.24 -46.24 37.35
C ASP D 365 -18.08 -46.09 38.36
N ALA D 366 -17.96 -44.92 38.98
CA ALA D 366 -16.88 -44.69 39.98
C ALA D 366 -17.07 -45.52 41.26
N HIS D 367 -15.97 -46.02 41.82
CA HIS D 367 -15.97 -46.81 43.07
C HIS D 367 -14.77 -46.37 43.89
N PHE D 368 -14.88 -46.49 45.20
CA PHE D 368 -13.81 -46.10 46.11
C PHE D 368 -13.87 -46.93 47.39
N GLY D 369 -12.70 -47.34 47.87
CA GLY D 369 -12.57 -47.81 49.24
C GLY D 369 -11.13 -47.56 49.64
N GLN D 370 -10.89 -47.46 50.94
CA GLN D 370 -9.52 -47.30 51.45
C GLN D 370 -9.46 -47.93 52.81
N ARG D 371 -8.30 -48.43 53.18
CA ARG D 371 -8.06 -48.91 54.55
C ARG D 371 -7.95 -47.76 55.55
N1 FMN E . -8.06 20.20 -24.78
C2 FMN E . -6.91 20.92 -24.81
O2 FMN E . -6.12 20.68 -25.77
N3 FMN E . -6.53 21.79 -23.88
C4 FMN E . -7.29 22.05 -22.81
O4 FMN E . -6.96 22.80 -21.91
C4A FMN E . -8.59 21.41 -22.73
N5 FMN E . -9.43 21.70 -21.71
C5A FMN E . -10.56 20.94 -21.56
C6 FMN E . -11.40 21.13 -20.46
C7 FMN E . -12.56 20.36 -20.25
C7M FMN E . -13.41 20.61 -19.02
C8 FMN E . -12.90 19.33 -21.24
C8M FMN E . -14.15 18.47 -21.17
C9 FMN E . -12.09 19.15 -22.34
C9A FMN E . -10.89 19.89 -22.56
N10 FMN E . -10.07 19.66 -23.65
C10 FMN E . -8.89 20.40 -23.75
C1' FMN E . -10.34 18.64 -24.61
C2' FMN E . -9.81 17.34 -23.95
O2' FMN E . -8.40 17.30 -23.71
C3' FMN E . -10.11 16.09 -24.80
O3' FMN E . -9.41 16.12 -26.01
C4' FMN E . -11.59 15.96 -25.12
O4' FMN E . -12.42 16.22 -23.98
C5' FMN E . -11.98 14.59 -25.69
O5' FMN E . -11.60 13.53 -24.80
P FMN E . -12.65 12.87 -23.78
O1P FMN E . -13.15 13.96 -22.83
O2P FMN E . -13.73 12.28 -24.67
O3P FMN E . -11.78 11.81 -23.18
C ACT F . -9.50 23.30 -25.36
O ACT F . -8.45 23.07 -26.00
OXT ACT F . -10.56 22.71 -25.60
CH3 ACT F . -9.53 24.36 -24.32
C1 CIT G . -13.77 2.43 11.88
O1 CIT G . -14.15 3.23 12.79
O2 CIT G . -12.55 2.24 11.68
C2 CIT G . -14.75 1.68 10.99
C3 CIT G . -15.97 1.03 11.66
O7 CIT G . -17.11 1.90 11.55
C4 CIT G . -16.31 -0.26 10.91
C5 CIT G . -17.62 -0.89 11.36
O3 CIT G . -18.59 -0.18 11.74
O4 CIT G . -17.67 -2.14 11.33
C6 CIT G . -15.77 0.67 13.13
O5 CIT G . -16.51 1.23 13.97
O6 CIT G . -14.90 -0.17 13.45
N1 FMN H . 36.24 2.82 -1.62
C2 FMN H . 34.92 3.07 -1.96
O2 FMN H . 34.14 3.31 -0.99
N3 FMN H . 34.45 3.05 -3.22
C4 FMN H . 35.23 2.77 -4.24
O4 FMN H . 34.78 2.67 -5.38
C4A FMN H . 36.65 2.56 -4.00
N5 FMN H . 37.49 2.36 -5.06
C5A FMN H . 38.80 1.96 -4.80
C6 FMN H . 39.64 1.62 -5.87
C7 FMN H . 40.95 1.24 -5.64
C7M FMN H . 41.84 0.89 -6.81
C8 FMN H . 41.42 1.20 -4.26
C8M FMN H . 42.85 0.82 -3.92
C9 FMN H . 40.61 1.52 -3.19
C9A FMN H . 39.28 1.88 -3.40
N10 FMN H . 38.43 2.22 -2.32
C10 FMN H . 37.08 2.53 -2.62
C1' FMN H . 38.84 2.12 -0.95
C2' FMN H . 38.77 0.61 -0.65
O2' FMN H . 37.41 0.10 -0.70
C3' FMN H . 39.34 0.29 0.76
O3' FMN H . 38.48 0.92 1.73
C4' FMN H . 40.77 0.80 0.93
O4' FMN H . 41.57 0.45 -0.20
C5' FMN H . 41.39 0.22 2.20
O5' FMN H . 41.35 -1.20 2.22
P FMN H . 42.59 -2.11 1.74
O1P FMN H . 42.92 -1.74 0.29
O2P FMN H . 43.65 -1.70 2.71
O3P FMN H . 42.02 -3.48 1.98
C ACT I . 36.76 5.82 -3.18
O ACT I . 35.74 5.80 -2.44
OXT ACT I . 37.93 5.78 -2.70
CH3 ACT I . 36.62 5.94 -4.66
C1 CIT J . -10.26 -21.52 13.64
O1 CIT J . -9.21 -20.87 13.94
O2 CIT J . -10.30 -22.42 12.75
C2 CIT J . -11.52 -21.15 14.41
C3 CIT J . -12.82 -20.94 13.59
O7 CIT J . -13.64 -22.12 13.65
C4 CIT J . -13.59 -19.81 14.29
C5 CIT J . -14.99 -19.58 13.72
O3 CIT J . -15.45 -18.41 13.76
O4 CIT J . -15.64 -20.54 13.27
C6 CIT J . -12.61 -20.55 12.13
O5 CIT J . -11.88 -19.57 11.87
O6 CIT J . -13.15 -21.20 11.21
#